data_7PT4
#
_entry.id   7PT4
#
_cell.length_a   116.234
_cell.length_b   116.234
_cell.length_c   312.056
_cell.angle_alpha   90.000
_cell.angle_beta   90.000
_cell.angle_gamma   120.000
#
_symmetry.space_group_name_H-M   'P 65 2 2'
#
loop_
_entity.id
_entity.type
_entity.pdbx_description
1 polymer '2-hydroxyacyl-CoA lyase'
2 non-polymer 'THIAMINE DIPHOSPHATE'
3 non-polymer 'SULFATE ION'
4 non-polymer ACETONE
5 non-polymer 'S-{(9R,13S,15R)-17-[(2R,3S,4R,5R)-5-(6-AMINO-9H-PURIN-9-YL)-4-HYDROXY-3-(PHOSPHONOOXY)TETRAHYDROFURAN-2-YL]-9,13,15-TRIHYDROXY-10,10-DIMETHYL-13,15-DIOXIDO-4,8-DIOXO-12,14,16-TRIOXA-3,7-DIAZA-13,15-DIPHOSPHAHEPTADEC-1-YL} THIOFORMATE'
6 non-polymer 'MAGNESIUM ION'
7 non-polymer 3-[(4-AMINO-2-METHYLPYRIMIDIN-5-YL)METHYL]-2-{(1R,11R,15S,17R)-19-[(2R,3S,4R,5R)-5-(6-AMINO-9H-PURIN-9-YL)-4-HYDROXY-3-(PHOSPHONOOXY)TETRAHYDROFURAN-2-YL]-1,11,15,17-TETRAHYDROXY-12,12-DIMETHYL-15,17-DIOXIDO-6,10-DIOXO-14,16,18-TRIOXA-2-THIA-5,9-DIAZA-15,17-DIPHOSPHANONADEC-1-YL}-5-(2-{[(R)-HYDROXY(PHOSPHONOOXY)PHOSPHORYL]OXY}ETHYL)-4-METHYL-1,3-THIAZOL-3-IUM
8 water water
#
_entity_poly.entity_id   1
_entity_poly.type   'polypeptide(L)'
_entity_poly.pdbx_seq_one_letter_code
;MASHHHHHHSGMADRQDAERSGAGPARQSVPVASLVAEFLQEHGVDRVFGLQGGHIQPIWDQLARRGVRIVDVRDEGSAV
HMAHAHTELTGQTAVAMVTAGPGVTNTVTAVANASVSRIPLLVIGGCPPIPQSNMGPLQDIPHTAILEPITRLARTLRSA
DQVLREFDEAWARASGDRGEPGPVYLEIPTDVLRRDVPPALQMREHLRAKPKRRPQPHPDDVAAVADLIRAAEKPAIISG
RGARTTDGTDLVRLLDASGAAYLDTQESRGLVPDSHPAAVGSARSAVMRDTDLLITVGRQLDYQLGMGSPAVFPHAKVVR
IADTASELIDNRRGEVEILAEPGAALAAIADALKDHTPDTSWRDELKAKHRKRAEDYRQALHSTENGADGHIHPNRIFGA
LDALDGDVLDLGETIMIADGGDLLSFGRLGITKARRYLDAGAFGCLGVATPFAIGAALAYPDRPVVAVTGDGAFGITATE
IDTAVRHDAKIVVIVSNNRAWNIERYDQAENYGLVVGTDLADSDYAGVARAFGAHGERVTDPAELEGAIRRALANAPALV
DVVTTQDAASPDSGKGLGFVPDYQALTPWNDAEVARRQEGIGSAWSHPQFEK
;
_entity_poly.pdbx_strand_id   A,B
#
loop_
_chem_comp.id
_chem_comp.type
_chem_comp.name
_chem_comp.formula
ACN non-polymer ACETONE 'C3 H6 O'
FYN non-polymer 'S-{(9R,13S,15R)-17-[(2R,3S,4R,5R)-5-(6-AMINO-9H-PURIN-9-YL)-4-HYDROXY-3-(PHOSPHONOOXY)TETRAHYDROFURAN-2-YL]-9,13,15-TRIHYDROXY-10,10-DIMETHYL-13,15-DIOXIDO-4,8-DIOXO-12,14,16-TRIOXA-3,7-DIAZA-13,15-DIPHOSPHAHEPTADEC-1-YL} THIOFORMATE' 'C22 H36 N7 O17 P3 S'
MG non-polymer 'MAGNESIUM ION' 'Mg 2'
OXT non-polymer 3-[(4-AMINO-2-METHYLPYRIMIDIN-5-YL)METHYL]-2-{(1R,11R,15S,17R)-19-[(2R,3S,4R,5R)-5-(6-AMINO-9H-PURIN-9-YL)-4-HYDROXY-3-(PHOSPHONOOXY)TETRAHYDROFURAN-2-YL]-1,11,15,17-TETRAHYDROXY-12,12-DIMETHYL-15,17-DIOXIDO-6,10-DIOXO-14,16,18-TRIOXA-2-THIA-5,9-DIAZA-15,17-DIPHOSPHANONADEC-1-YL}-5-(2-{[(R)-HYDROXY(PHOSPHONOOXY)PHOSPHORYL]OXY}ETHYL)-4-METHYL-1,3-THIAZOL-3-IUM 'C34 H55 N11 O24 P5 S2 1'
SO4 non-polymer 'SULFATE ION' 'O4 S -2'
TPP non-polymer 'THIAMINE DIPHOSPHATE' 'C12 H19 N4 O7 P2 S 1'
#
# COMPACT_ATOMS: atom_id res chain seq x y z
N ALA A 26 -22.28 28.50 -9.52
CA ALA A 26 -21.07 28.18 -10.36
C ALA A 26 -21.30 26.82 -11.04
N ARG A 27 -21.53 25.74 -10.29
CA ARG A 27 -21.62 24.38 -10.87
C ARG A 27 -23.03 24.17 -11.47
N GLN A 28 -23.13 23.48 -12.59
CA GLN A 28 -24.41 22.95 -13.12
C GLN A 28 -24.25 21.44 -13.41
N SER A 29 -25.37 20.75 -13.61
CA SER A 29 -25.35 19.33 -14.03
CA SER A 29 -25.36 19.33 -14.03
C SER A 29 -24.52 19.22 -15.29
N VAL A 30 -23.58 18.27 -15.36
CA VAL A 30 -22.76 18.03 -16.59
C VAL A 30 -22.62 16.51 -16.71
N PRO A 31 -22.35 16.00 -17.93
CA PRO A 31 -22.13 14.57 -18.11
C PRO A 31 -20.82 14.15 -17.43
N VAL A 32 -20.80 12.87 -17.07
CA VAL A 32 -19.58 12.23 -16.55
C VAL A 32 -18.40 12.55 -17.46
N ALA A 33 -18.55 12.39 -18.78
CA ALA A 33 -17.40 12.56 -19.68
C ALA A 33 -16.76 13.95 -19.51
N SER A 34 -17.60 14.97 -19.38
CA SER A 34 -17.17 16.38 -19.19
CA SER A 34 -17.17 16.38 -19.19
C SER A 34 -16.45 16.54 -17.84
N LEU A 35 -16.99 15.95 -16.78
CA LEU A 35 -16.36 16.09 -15.46
C LEU A 35 -15.00 15.36 -15.44
N VAL A 36 -14.87 14.22 -16.13
CA VAL A 36 -13.57 13.52 -16.20
C VAL A 36 -12.54 14.48 -16.81
N ALA A 37 -12.88 15.09 -17.94
CA ALA A 37 -11.92 15.97 -18.68
C ALA A 37 -11.51 17.12 -17.75
N GLU A 38 -12.48 17.67 -17.01
CA GLU A 38 -12.20 18.80 -16.10
C GLU A 38 -11.29 18.32 -14.95
N PHE A 39 -11.62 17.17 -14.34
CA PHE A 39 -10.72 16.56 -13.32
C PHE A 39 -9.26 16.58 -13.82
N LEU A 40 -9.03 16.07 -15.03
CA LEU A 40 -7.67 15.83 -15.56
C LEU A 40 -6.97 17.17 -15.72
N GLN A 41 -7.63 18.11 -16.38
CA GLN A 41 -7.04 19.46 -16.61
C GLN A 41 -6.73 20.12 -15.25
N GLU A 42 -7.65 20.07 -14.31
CA GLU A 42 -7.44 20.69 -12.98
C GLU A 42 -6.30 19.99 -12.24
N HIS A 43 -6.01 18.71 -12.50
CA HIS A 43 -4.89 17.97 -11.86
C HIS A 43 -3.56 18.22 -12.59
N GLY A 44 -3.54 19.10 -13.59
CA GLY A 44 -2.29 19.51 -14.25
C GLY A 44 -2.04 18.72 -15.52
N VAL A 45 -3.03 17.95 -16.00
CA VAL A 45 -2.86 17.14 -17.23
C VAL A 45 -3.01 18.10 -18.42
N ASP A 46 -1.96 18.34 -19.20
CA ASP A 46 -2.03 19.23 -20.38
C ASP A 46 -1.97 18.42 -21.68
N ARG A 47 -1.87 17.09 -21.58
CA ARG A 47 -1.74 16.19 -22.76
C ARG A 47 -2.21 14.81 -22.32
N VAL A 48 -2.83 14.10 -23.25
CA VAL A 48 -3.27 12.70 -23.03
C VAL A 48 -2.76 11.90 -24.22
N PHE A 49 -2.07 10.81 -23.94
CA PHE A 49 -1.57 9.88 -24.97
C PHE A 49 -2.60 8.79 -25.23
N GLY A 50 -2.92 8.49 -26.47
CA GLY A 50 -3.95 7.47 -26.68
C GLY A 50 -4.19 7.07 -28.11
N LEU A 51 -5.26 6.30 -28.29
CA LEU A 51 -5.70 5.85 -29.61
C LEU A 51 -7.23 5.77 -29.51
N GLN A 52 -7.91 6.40 -30.46
CA GLN A 52 -9.36 6.65 -30.36
C GLN A 52 -10.11 5.34 -30.56
N GLY A 53 -11.22 5.21 -29.83
CA GLY A 53 -12.31 4.27 -30.08
C GLY A 53 -13.61 4.85 -29.60
N GLY A 54 -14.73 4.34 -30.10
CA GLY A 54 -16.04 4.87 -29.74
C GLY A 54 -16.28 4.83 -28.24
N HIS A 55 -15.77 3.82 -27.52
CA HIS A 55 -16.06 3.70 -26.06
C HIS A 55 -15.45 4.87 -25.29
N ILE A 56 -14.35 5.48 -25.77
CA ILE A 56 -13.69 6.62 -25.08
C ILE A 56 -13.94 7.94 -25.81
N GLN A 57 -14.62 7.91 -26.94
CA GLN A 57 -14.87 9.16 -27.72
C GLN A 57 -15.51 10.26 -26.86
N PRO A 58 -16.45 9.95 -25.96
CA PRO A 58 -17.09 11.00 -25.15
C PRO A 58 -16.07 11.82 -24.33
N ILE A 59 -15.06 11.13 -23.81
CA ILE A 59 -13.97 11.80 -23.05
C ILE A 59 -13.04 12.51 -24.02
N TRP A 60 -12.68 11.82 -25.09
CA TRP A 60 -11.76 12.35 -26.15
C TRP A 60 -12.26 13.73 -26.59
N ASP A 61 -13.53 13.80 -26.92
CA ASP A 61 -14.19 15.03 -27.37
C ASP A 61 -14.09 16.14 -26.29
N GLN A 62 -14.35 15.81 -25.02
CA GLN A 62 -14.35 16.83 -23.95
C GLN A 62 -12.93 17.28 -23.68
N LEU A 63 -11.94 16.42 -23.77
CA LEU A 63 -10.52 16.84 -23.61
C LEU A 63 -10.16 17.87 -24.70
N ALA A 64 -10.49 17.54 -25.95
CA ALA A 64 -10.24 18.39 -27.13
C ALA A 64 -10.87 19.77 -26.87
N ARG A 65 -12.14 19.78 -26.50
CA ARG A 65 -12.87 21.05 -26.23
C ARG A 65 -12.22 21.87 -25.10
N ARG A 66 -11.57 21.25 -24.13
CA ARG A 66 -10.91 21.99 -23.04
C ARG A 66 -9.50 22.43 -23.42
N GLY A 67 -9.00 22.07 -24.60
CA GLY A 67 -7.62 22.38 -25.04
C GLY A 67 -6.58 21.47 -24.43
N VAL A 68 -6.95 20.30 -23.92
CA VAL A 68 -5.96 19.27 -23.52
C VAL A 68 -5.44 18.66 -24.82
N ARG A 69 -4.13 18.65 -25.02
CA ARG A 69 -3.54 18.13 -26.27
C ARG A 69 -3.75 16.60 -26.32
N ILE A 70 -4.19 16.09 -27.46
CA ILE A 70 -4.33 14.61 -27.62
C ILE A 70 -3.19 14.15 -28.50
N VAL A 71 -2.33 13.28 -27.96
CA VAL A 71 -1.20 12.72 -28.73
C VAL A 71 -1.60 11.30 -29.12
N ASP A 72 -2.09 11.15 -30.32
CA ASP A 72 -2.65 9.85 -30.82
C ASP A 72 -1.50 9.05 -31.45
N VAL A 73 -1.48 7.75 -31.14
CA VAL A 73 -0.34 6.86 -31.40
C VAL A 73 -0.74 5.76 -32.40
N ARG A 74 0.20 4.86 -32.69
CA ARG A 74 -0.05 3.76 -33.65
C ARG A 74 -0.36 2.44 -32.92
N ASP A 75 -0.01 2.38 -31.62
CA ASP A 75 -0.25 1.21 -30.76
C ASP A 75 -0.43 1.71 -29.33
N GLU A 76 -1.54 1.34 -28.71
CA GLU A 76 -1.88 1.76 -27.32
C GLU A 76 -0.72 1.55 -26.36
N GLY A 77 0.03 0.46 -26.47
CA GLY A 77 1.14 0.28 -25.53
C GLY A 77 2.09 1.47 -25.53
N SER A 78 2.36 2.02 -26.70
CA SER A 78 3.27 3.18 -26.91
C SER A 78 2.72 4.42 -26.21
N ALA A 79 1.41 4.60 -26.15
CA ALA A 79 0.79 5.73 -25.41
C ALA A 79 1.16 5.61 -23.92
N VAL A 80 1.11 4.41 -23.36
CA VAL A 80 1.42 4.23 -21.93
C VAL A 80 2.92 4.40 -21.71
N HIS A 81 3.80 3.90 -22.59
CA HIS A 81 5.25 4.21 -22.52
C HIS A 81 5.47 5.73 -22.52
N MET A 82 4.76 6.45 -23.37
CA MET A 82 4.91 7.95 -23.43
C MET A 82 4.53 8.56 -22.07
N ALA A 83 3.42 8.14 -21.49
CA ALA A 83 2.97 8.61 -20.16
C ALA A 83 4.05 8.30 -19.13
N HIS A 84 4.62 7.07 -19.14
CA HIS A 84 5.67 6.66 -18.20
C HIS A 84 6.83 7.63 -18.29
N ALA A 85 7.31 7.89 -19.49
CA ALA A 85 8.48 8.77 -19.68
C ALA A 85 8.13 10.17 -19.15
N HIS A 86 6.91 10.64 -19.43
CA HIS A 86 6.52 12.02 -19.02
C HIS A 86 6.60 12.11 -17.49
N THR A 87 5.96 11.19 -16.79
CA THR A 87 5.93 11.23 -15.32
C THR A 87 7.37 11.11 -14.77
N GLU A 88 8.13 10.12 -15.21
CA GLU A 88 9.49 9.90 -14.74
C GLU A 88 10.34 11.18 -14.92
N LEU A 89 10.26 11.83 -16.07
CA LEU A 89 11.05 13.07 -16.34
C LEU A 89 10.51 14.29 -15.59
N THR A 90 9.21 14.52 -15.54
CA THR A 90 8.66 15.81 -15.09
C THR A 90 8.18 15.74 -13.64
N GLY A 91 7.87 14.56 -13.12
CA GLY A 91 7.20 14.47 -11.81
C GLY A 91 5.71 14.66 -11.87
N GLN A 92 5.17 15.03 -13.04
CA GLN A 92 3.71 15.19 -13.20
C GLN A 92 3.13 13.84 -13.68
N THR A 93 2.15 13.35 -12.95
CA THR A 93 1.43 12.10 -13.28
C THR A 93 0.82 12.26 -14.68
N ALA A 94 1.18 11.35 -15.59
CA ALA A 94 0.69 11.37 -16.99
C ALA A 94 -0.45 10.37 -17.22
N VAL A 95 -1.13 10.51 -18.36
CA VAL A 95 -2.43 9.87 -18.62
C VAL A 95 -2.42 9.30 -20.03
N ALA A 96 -2.88 8.07 -20.15
CA ALA A 96 -3.16 7.41 -21.44
C ALA A 96 -4.63 7.05 -21.45
N MET A 97 -5.23 7.09 -22.62
CA MET A 97 -6.64 6.75 -22.77
C MET A 97 -6.77 5.86 -23.99
N VAL A 98 -7.46 4.73 -23.79
CA VAL A 98 -7.49 3.62 -24.79
C VAL A 98 -8.88 3.00 -24.79
N THR A 99 -9.28 2.41 -25.90
CA THR A 99 -10.67 1.92 -26.01
C THR A 99 -10.81 0.50 -25.44
N ALA A 100 -12.06 0.04 -25.36
CA ALA A 100 -12.43 -1.30 -24.84
C ALA A 100 -11.64 -2.39 -25.57
N GLY A 101 -11.44 -3.50 -24.87
CA GLY A 101 -11.00 -4.77 -25.48
C GLY A 101 -9.53 -4.67 -25.85
N PRO A 102 -9.21 -4.75 -27.15
CA PRO A 102 -7.83 -4.78 -27.60
C PRO A 102 -7.14 -3.44 -27.30
N GLY A 103 -7.89 -2.30 -27.23
CA GLY A 103 -7.22 -1.06 -26.82
C GLY A 103 -6.58 -1.16 -25.44
N VAL A 104 -7.27 -1.74 -24.47
CA VAL A 104 -6.74 -1.94 -23.10
C VAL A 104 -5.70 -3.06 -23.08
N THR A 105 -5.96 -4.17 -23.77
CA THR A 105 -5.02 -5.33 -23.69
C THR A 105 -3.68 -4.97 -24.35
N ASN A 106 -3.70 -4.03 -25.32
CA ASN A 106 -2.44 -3.55 -25.96
C ASN A 106 -1.56 -2.80 -24.95
N THR A 107 -2.10 -2.37 -23.78
CA THR A 107 -1.31 -1.60 -22.80
C THR A 107 -0.56 -2.48 -21.81
N VAL A 108 -0.78 -3.80 -21.76
CA VAL A 108 -0.41 -4.58 -20.55
C VAL A 108 1.11 -4.54 -20.34
N THR A 109 1.92 -4.66 -21.39
CA THR A 109 3.38 -4.66 -21.25
C THR A 109 3.81 -3.31 -20.68
N ALA A 110 3.29 -2.20 -21.24
CA ALA A 110 3.69 -0.86 -20.79
C ALA A 110 3.22 -0.58 -19.35
N VAL A 111 2.05 -1.07 -18.99
CA VAL A 111 1.54 -0.97 -17.59
C VAL A 111 2.50 -1.77 -16.68
N ALA A 112 2.84 -3.03 -17.05
CA ALA A 112 3.72 -3.89 -16.25
C ALA A 112 5.07 -3.19 -16.07
N ASN A 113 5.57 -2.58 -17.12
CA ASN A 113 6.86 -1.84 -17.09
C ASN A 113 6.80 -0.71 -16.06
N ALA A 114 5.68 0.03 -16.05
CA ALA A 114 5.51 1.18 -15.15
C ALA A 114 5.36 0.64 -13.74
N SER A 115 4.74 -0.53 -13.58
CA SER A 115 4.55 -1.12 -12.23
C SER A 115 5.90 -1.49 -11.65
N VAL A 116 6.73 -2.16 -12.45
CA VAL A 116 8.08 -2.61 -12.04
C VAL A 116 8.91 -1.38 -11.65
N SER A 117 8.83 -0.30 -12.42
CA SER A 117 9.66 0.90 -12.20
C SER A 117 9.00 1.84 -11.17
N ARG A 118 7.76 1.56 -10.72
CA ARG A 118 7.05 2.32 -9.67
C ARG A 118 6.85 3.77 -10.16
N ILE A 119 6.29 3.90 -11.37
CA ILE A 119 5.99 5.20 -12.01
C ILE A 119 4.48 5.43 -11.94
N PRO A 120 4.03 6.52 -11.26
CA PRO A 120 2.63 6.94 -11.29
C PRO A 120 2.16 7.22 -12.71
N LEU A 121 1.02 6.64 -13.10
CA LEU A 121 0.33 6.99 -14.34
C LEU A 121 -1.09 6.50 -14.25
N LEU A 122 -1.97 7.12 -15.03
CA LEU A 122 -3.40 6.75 -15.11
C LEU A 122 -3.69 6.26 -16.53
N VAL A 123 -4.28 5.08 -16.60
CA VAL A 123 -4.84 4.54 -17.85
C VAL A 123 -6.34 4.57 -17.68
N ILE A 124 -6.99 5.24 -18.62
CA ILE A 124 -8.45 5.32 -18.72
C ILE A 124 -8.81 4.42 -19.89
N GLY A 125 -9.61 3.41 -19.60
CA GLY A 125 -10.05 2.44 -20.61
C GLY A 125 -11.51 2.59 -20.90
N GLY A 126 -11.90 2.29 -22.13
CA GLY A 126 -13.31 2.19 -22.47
C GLY A 126 -13.83 0.84 -22.06
N CYS A 127 -15.13 0.73 -21.85
CA CYS A 127 -15.71 -0.60 -21.64
C CYS A 127 -17.19 -0.59 -21.93
N PRO A 128 -17.78 -1.76 -22.21
CA PRO A 128 -19.16 -1.86 -22.70
C PRO A 128 -20.17 -1.36 -21.68
N PRO A 129 -21.36 -0.99 -22.14
CA PRO A 129 -22.40 -0.52 -21.26
C PRO A 129 -22.87 -1.56 -20.25
N ILE A 130 -23.28 -1.07 -19.08
CA ILE A 130 -23.71 -1.96 -17.98
C ILE A 130 -24.78 -2.92 -18.45
N PRO A 131 -25.83 -2.52 -19.20
CA PRO A 131 -26.92 -3.46 -19.53
C PRO A 131 -26.47 -4.70 -20.32
N GLN A 132 -25.33 -4.63 -20.99
CA GLN A 132 -24.78 -5.76 -21.83
C GLN A 132 -23.74 -6.55 -21.02
N SER A 133 -23.59 -6.30 -19.72
CA SER A 133 -22.60 -7.03 -18.90
C SER A 133 -22.77 -8.54 -19.19
N ASN A 134 -21.70 -9.23 -19.53
CA ASN A 134 -21.62 -10.72 -19.58
C ASN A 134 -22.40 -11.30 -20.78
N MET A 135 -22.93 -10.46 -21.69
CA MET A 135 -23.80 -10.88 -22.83
C MET A 135 -23.00 -11.05 -24.14
N GLY A 136 -21.68 -10.85 -24.12
CA GLY A 136 -20.88 -10.86 -25.36
C GLY A 136 -21.07 -9.60 -26.18
N PRO A 137 -21.01 -8.40 -25.55
CA PRO A 137 -20.99 -7.16 -26.33
C PRO A 137 -19.66 -7.03 -27.08
N LEU A 138 -19.64 -6.12 -28.03
CA LEU A 138 -18.43 -5.75 -28.80
C LEU A 138 -17.25 -5.42 -27.87
N GLN A 139 -16.10 -6.03 -28.12
CA GLN A 139 -14.79 -5.71 -27.51
C GLN A 139 -14.83 -5.99 -26.02
N ASP A 140 -15.65 -6.93 -25.55
CA ASP A 140 -15.70 -7.23 -24.10
C ASP A 140 -14.51 -8.14 -23.74
N ILE A 141 -13.93 -7.90 -22.57
CA ILE A 141 -12.86 -8.74 -21.97
C ILE A 141 -12.68 -8.25 -20.53
N PRO A 142 -12.20 -9.09 -19.59
CA PRO A 142 -12.14 -8.67 -18.18
C PRO A 142 -10.93 -7.77 -17.93
N HIS A 143 -11.00 -6.53 -18.36
CA HIS A 143 -9.85 -5.59 -18.25
C HIS A 143 -9.35 -5.52 -16.80
N THR A 144 -10.24 -5.29 -15.82
CA THR A 144 -9.79 -5.01 -14.42
C THR A 144 -9.11 -6.28 -13.85
N ALA A 145 -9.60 -7.49 -14.18
CA ALA A 145 -8.96 -8.75 -13.74
C ALA A 145 -7.57 -8.93 -14.36
N ILE A 146 -7.41 -8.63 -15.64
CA ILE A 146 -6.12 -8.70 -16.35
C ILE A 146 -5.12 -7.73 -15.69
N LEU A 147 -5.55 -6.51 -15.35
CA LEU A 147 -4.63 -5.43 -14.91
C LEU A 147 -4.46 -5.39 -13.39
N GLU A 148 -5.34 -5.97 -12.62
CA GLU A 148 -5.26 -5.99 -11.13
C GLU A 148 -3.85 -6.32 -10.64
N PRO A 149 -3.18 -7.39 -11.13
CA PRO A 149 -1.88 -7.79 -10.60
C PRO A 149 -0.74 -6.82 -10.87
N ILE A 150 -0.91 -5.87 -11.78
CA ILE A 150 0.17 -4.94 -12.19
C ILE A 150 -0.27 -3.49 -12.04
N THR A 151 -1.29 -3.23 -11.22
CA THR A 151 -1.73 -1.85 -10.95
C THR A 151 -1.89 -1.64 -9.44
N ARG A 152 -1.97 -0.37 -9.03
CA ARG A 152 -2.27 -0.01 -7.62
C ARG A 152 -3.76 0.03 -7.42
N LEU A 153 -4.53 0.09 -8.51
CA LEU A 153 -6.00 0.07 -8.51
C LEU A 153 -6.44 -0.17 -9.96
N ALA A 154 -7.50 -0.90 -10.13
CA ALA A 154 -8.13 -1.20 -11.43
C ALA A 154 -9.62 -1.35 -11.20
N ARG A 155 -10.40 -0.37 -11.59
CA ARG A 155 -11.83 -0.32 -11.22
C ARG A 155 -12.69 0.04 -12.40
N THR A 156 -13.90 -0.51 -12.37
CA THR A 156 -15.00 -0.13 -13.27
C THR A 156 -15.91 0.84 -12.49
N LEU A 157 -16.14 2.02 -13.03
CA LEU A 157 -16.89 3.08 -12.29
C LEU A 157 -18.33 3.08 -12.78
N ARG A 158 -19.25 2.62 -11.93
CA ARG A 158 -20.67 2.40 -12.29
C ARG A 158 -21.60 3.40 -11.61
N SER A 159 -21.08 4.31 -10.79
CA SER A 159 -21.91 5.36 -10.17
C SER A 159 -21.45 6.75 -10.67
N ALA A 160 -22.20 7.34 -11.58
CA ALA A 160 -21.93 8.66 -12.14
C ALA A 160 -21.59 9.69 -11.06
N ASP A 161 -22.37 9.73 -9.99
CA ASP A 161 -22.21 10.66 -8.85
C ASP A 161 -20.82 10.56 -8.24
N GLN A 162 -20.18 9.38 -8.31
CA GLN A 162 -18.93 9.10 -7.55
C GLN A 162 -17.72 9.00 -8.47
N VAL A 163 -17.88 9.22 -9.77
CA VAL A 163 -16.74 9.12 -10.71
C VAL A 163 -15.64 10.09 -10.28
N LEU A 164 -15.98 11.35 -9.96
CA LEU A 164 -14.95 12.35 -9.66
C LEU A 164 -14.16 11.95 -8.41
N ARG A 165 -14.85 11.47 -7.38
CA ARG A 165 -14.23 10.98 -6.12
C ARG A 165 -13.30 9.79 -6.44
N GLU A 166 -13.73 8.88 -7.32
CA GLU A 166 -12.95 7.68 -7.68
C GLU A 166 -11.69 8.17 -8.43
N PHE A 167 -11.81 9.13 -9.32
CA PHE A 167 -10.63 9.62 -10.07
C PHE A 167 -9.60 10.16 -9.08
N ASP A 168 -10.04 10.96 -8.12
CA ASP A 168 -9.10 11.64 -7.21
C ASP A 168 -8.44 10.62 -6.32
N GLU A 169 -9.18 9.66 -5.78
CA GLU A 169 -8.57 8.59 -4.97
C GLU A 169 -7.57 7.76 -5.79
N ALA A 170 -7.94 7.39 -6.99
CA ALA A 170 -7.05 6.59 -7.88
C ALA A 170 -5.73 7.38 -8.13
N TRP A 171 -5.85 8.67 -8.37
CA TRP A 171 -4.68 9.54 -8.61
C TRP A 171 -3.76 9.49 -7.39
N ALA A 172 -4.35 9.53 -6.18
CA ALA A 172 -3.58 9.47 -4.92
C ALA A 172 -2.86 8.10 -4.84
N ARG A 173 -3.56 7.03 -5.19
CA ARG A 173 -2.98 5.68 -5.12
C ARG A 173 -1.84 5.57 -6.13
N ALA A 174 -1.95 6.21 -7.30
CA ALA A 174 -0.83 6.17 -8.30
C ALA A 174 0.44 6.76 -7.67
N SER A 175 0.30 7.80 -6.85
CA SER A 175 1.42 8.41 -6.11
C SER A 175 1.97 7.48 -5.03
N GLY A 176 1.18 6.49 -4.59
CA GLY A 176 1.62 5.47 -3.65
C GLY A 176 0.78 5.39 -2.38
N ASP A 177 -0.23 6.23 -2.24
CA ASP A 177 -1.15 6.10 -1.08
C ASP A 177 -1.77 4.68 -1.06
N ARG A 178 -1.80 4.09 0.12
CA ARG A 178 -2.31 2.72 0.35
C ARG A 178 -1.58 1.67 -0.49
N GLY A 179 -0.36 1.93 -0.93
CA GLY A 179 0.37 0.95 -1.75
C GLY A 179 1.80 1.39 -1.95
N GLU A 180 2.13 1.71 -3.19
CA GLU A 180 3.45 2.22 -3.59
C GLU A 180 3.23 2.83 -4.96
N PRO A 181 4.11 3.74 -5.40
CA PRO A 181 3.87 4.48 -6.63
C PRO A 181 3.75 3.51 -7.79
N GLY A 182 2.86 3.84 -8.72
CA GLY A 182 2.69 3.01 -9.94
C GLY A 182 1.41 3.34 -10.66
N PRO A 183 1.15 2.55 -11.71
CA PRO A 183 0.01 2.80 -12.58
C PRO A 183 -1.31 2.37 -11.97
N VAL A 184 -2.37 3.11 -12.35
CA VAL A 184 -3.77 2.83 -11.95
C VAL A 184 -4.59 2.81 -13.23
N TYR A 185 -5.68 2.07 -13.16
CA TYR A 185 -6.59 1.85 -14.30
C TYR A 185 -8.00 2.18 -13.87
N LEU A 186 -8.67 3.00 -14.67
CA LEU A 186 -10.10 3.27 -14.46
C LEU A 186 -10.82 3.12 -15.80
N GLU A 187 -12.02 2.59 -15.75
CA GLU A 187 -12.89 2.43 -16.94
C GLU A 187 -14.30 2.84 -16.53
N ILE A 188 -15.00 3.45 -17.47
CA ILE A 188 -16.39 3.94 -17.27
C ILE A 188 -17.25 3.37 -18.39
N PRO A 189 -18.24 2.51 -18.06
CA PRO A 189 -19.14 1.97 -19.08
C PRO A 189 -19.77 3.13 -19.85
N THR A 190 -19.97 2.96 -21.14
CA THR A 190 -20.35 4.07 -22.06
C THR A 190 -21.69 4.67 -21.61
N ASP A 191 -22.59 3.87 -21.03
CA ASP A 191 -23.87 4.41 -20.54
C ASP A 191 -23.64 5.36 -19.36
N VAL A 192 -22.69 5.04 -18.49
CA VAL A 192 -22.35 5.90 -17.32
C VAL A 192 -21.70 7.18 -17.84
N LEU A 193 -20.85 7.09 -18.87
CA LEU A 193 -20.16 8.27 -19.41
C LEU A 193 -21.17 9.34 -19.85
N ARG A 194 -22.35 8.91 -20.26
CA ARG A 194 -23.42 9.79 -20.80
C ARG A 194 -24.33 10.29 -19.67
N ARG A 195 -24.22 9.81 -18.44
CA ARG A 195 -25.10 10.21 -17.33
C ARG A 195 -24.67 11.60 -16.82
N ASP A 196 -25.62 12.34 -16.27
CA ASP A 196 -25.34 13.67 -15.66
C ASP A 196 -24.96 13.54 -14.21
N VAL A 197 -24.09 14.45 -13.77
CA VAL A 197 -23.64 14.52 -12.36
C VAL A 197 -24.24 15.81 -11.80
N PRO A 198 -25.01 15.75 -10.72
CA PRO A 198 -25.62 16.95 -10.14
C PRO A 198 -24.52 17.88 -9.61
N PRO A 199 -24.76 19.20 -9.59
CA PRO A 199 -23.74 20.15 -9.17
C PRO A 199 -23.24 19.95 -7.75
N ALA A 200 -24.06 19.48 -6.82
CA ALA A 200 -23.63 19.28 -5.39
C ALA A 200 -22.54 18.23 -5.28
N LEU A 201 -22.50 17.27 -6.21
CA LEU A 201 -21.56 16.13 -6.11
C LEU A 201 -20.24 16.52 -6.74
N GLN A 202 -20.17 17.68 -7.39
CA GLN A 202 -18.96 18.13 -8.10
C GLN A 202 -18.04 18.87 -7.13
N MET A 203 -17.40 18.16 -6.22
CA MET A 203 -16.73 18.81 -5.07
C MET A 203 -15.35 19.32 -5.47
N ARG A 204 -15.04 20.56 -5.13
CA ARG A 204 -13.75 21.18 -5.52
CA ARG A 204 -13.75 21.18 -5.51
C ARG A 204 -12.59 20.36 -4.93
N GLU A 205 -12.78 19.72 -3.77
CA GLU A 205 -11.64 19.01 -3.12
C GLU A 205 -11.21 17.81 -3.98
N HIS A 206 -12.08 17.30 -4.85
CA HIS A 206 -11.79 16.13 -5.71
C HIS A 206 -11.26 16.68 -7.03
N LEU A 207 -11.71 17.84 -7.48
CA LEU A 207 -11.23 18.39 -8.78
C LEU A 207 -9.81 18.93 -8.64
N ARG A 208 -9.41 19.46 -7.48
CA ARG A 208 -8.14 20.22 -7.39
C ARG A 208 -6.87 19.33 -7.37
N ALA A 209 -5.79 19.86 -7.95
CA ALA A 209 -4.44 19.28 -7.89
C ALA A 209 -4.00 19.20 -6.43
N LYS A 210 -3.26 18.16 -6.07
CA LYS A 210 -2.83 17.96 -4.66
C LYS A 210 -1.32 17.96 -4.62
N PRO A 211 -0.68 18.47 -3.54
CA PRO A 211 0.78 18.38 -3.40
C PRO A 211 1.20 16.95 -3.04
N LYS A 212 2.43 16.59 -3.35
CA LYS A 212 3.02 15.31 -2.91
C LYS A 212 3.13 15.30 -1.39
N ARG A 213 3.03 14.13 -0.80
CA ARG A 213 3.22 13.96 0.67
C ARG A 213 4.68 14.14 1.02
N ARG A 214 4.98 14.58 2.23
CA ARG A 214 6.36 14.85 2.68
C ARG A 214 6.49 14.34 4.11
N PRO A 215 6.37 13.03 4.37
CA PRO A 215 6.64 12.52 5.70
C PRO A 215 8.11 12.89 6.03
N GLN A 216 8.35 13.22 7.29
CA GLN A 216 9.65 13.71 7.77
C GLN A 216 10.38 12.64 8.58
N PRO A 217 11.71 12.70 8.61
CA PRO A 217 12.48 11.71 9.36
C PRO A 217 12.28 11.93 10.87
N HIS A 218 12.45 10.87 11.65
CA HIS A 218 12.51 10.97 13.13
C HIS A 218 13.94 11.27 13.54
N PRO A 219 14.19 12.31 14.36
CA PRO A 219 15.53 12.70 14.78
C PRO A 219 16.41 11.55 15.33
N ASP A 220 15.82 10.58 16.02
CA ASP A 220 16.57 9.44 16.58
C ASP A 220 17.13 8.55 15.48
N ASP A 221 16.34 8.35 14.40
CA ASP A 221 16.81 7.54 13.24
C ASP A 221 17.91 8.31 12.55
N VAL A 222 17.74 9.63 12.37
CA VAL A 222 18.78 10.49 11.74
C VAL A 222 20.10 10.35 12.53
N ALA A 223 20.05 10.46 13.85
CA ALA A 223 21.25 10.37 14.73
C ALA A 223 21.86 8.98 14.61
N ALA A 224 21.04 7.92 14.59
CA ALA A 224 21.54 6.54 14.46
C ALA A 224 22.31 6.38 13.13
N VAL A 225 21.80 6.94 12.04
CA VAL A 225 22.47 6.76 10.73
C VAL A 225 23.79 7.56 10.77
N ALA A 226 23.75 8.78 11.32
CA ALA A 226 24.97 9.62 11.49
C ALA A 226 25.99 8.82 12.29
N ASP A 227 25.59 8.13 13.37
CA ASP A 227 26.54 7.31 14.18
C ASP A 227 27.13 6.19 13.36
N LEU A 228 26.31 5.49 12.55
CA LEU A 228 26.87 4.42 11.68
C LEU A 228 27.87 5.00 10.68
N ILE A 229 27.59 6.19 10.14
CA ILE A 229 28.48 6.82 9.12
C ILE A 229 29.82 7.17 9.80
N ARG A 230 29.77 7.75 10.98
CA ARG A 230 30.99 8.15 11.74
C ARG A 230 31.83 6.89 11.99
N ALA A 231 31.23 5.76 12.30
CA ALA A 231 31.95 4.50 12.64
C ALA A 231 32.42 3.76 11.41
N ALA A 232 31.86 3.99 10.22
CA ALA A 232 32.24 3.29 8.96
C ALA A 232 33.58 3.82 8.44
N GLU A 233 34.39 2.96 7.85
CA GLU A 233 35.64 3.38 7.18
C GLU A 233 35.39 3.51 5.68
N LYS A 234 34.42 2.75 5.12
CA LYS A 234 34.18 2.67 3.66
C LYS A 234 32.68 2.74 3.36
N PRO A 235 32.00 3.83 3.77
CA PRO A 235 30.58 3.99 3.50
C PRO A 235 30.33 4.26 2.00
N ALA A 236 29.17 3.82 1.51
CA ALA A 236 28.83 3.94 0.08
C ALA A 236 27.31 4.15 -0.04
N ILE A 237 26.94 5.14 -0.82
CA ILE A 237 25.52 5.45 -1.12
C ILE A 237 25.23 4.95 -2.54
N ILE A 238 24.15 4.17 -2.65
CA ILE A 238 23.61 3.79 -3.98
C ILE A 238 22.20 4.37 -4.10
N SER A 239 21.97 5.11 -5.17
CA SER A 239 20.70 5.84 -5.39
C SER A 239 19.79 5.05 -6.34
N GLY A 240 18.51 5.39 -6.28
CA GLY A 240 17.48 4.81 -7.16
C GLY A 240 16.38 5.81 -7.41
N ARG A 241 15.25 5.28 -7.88
CA ARG A 241 14.05 6.04 -8.30
C ARG A 241 13.78 7.15 -7.29
N GLY A 242 13.72 6.82 -6.00
CA GLY A 242 13.30 7.83 -4.99
C GLY A 242 14.29 8.98 -4.86
N ALA A 243 15.60 8.71 -4.95
CA ALA A 243 16.62 9.78 -4.98
C ALA A 243 16.37 10.64 -6.22
N ARG A 244 16.00 10.02 -7.35
CA ARG A 244 15.85 10.72 -8.66
C ARG A 244 14.59 11.63 -8.64
N THR A 245 13.70 11.49 -7.66
CA THR A 245 12.59 12.45 -7.47
C THR A 245 13.08 13.73 -6.79
N THR A 246 14.32 13.80 -6.33
CA THR A 246 14.88 15.02 -5.72
C THR A 246 15.77 15.67 -6.76
N ASP A 247 16.27 16.86 -6.48
CA ASP A 247 17.20 17.52 -7.43
C ASP A 247 18.63 17.13 -7.14
N GLY A 248 18.91 16.25 -6.19
CA GLY A 248 20.29 15.80 -5.95
C GLY A 248 21.08 16.72 -5.00
N THR A 249 20.57 17.87 -4.61
CA THR A 249 21.42 18.82 -3.83
C THR A 249 21.64 18.28 -2.41
N ASP A 250 20.60 17.73 -1.79
CA ASP A 250 20.70 17.14 -0.43
C ASP A 250 21.53 15.85 -0.47
N LEU A 251 21.43 15.09 -1.54
CA LEU A 251 22.31 13.91 -1.70
C LEU A 251 23.78 14.35 -1.70
N VAL A 252 24.11 15.40 -2.47
CA VAL A 252 25.51 15.92 -2.52
C VAL A 252 25.91 16.41 -1.11
N ARG A 253 25.02 17.07 -0.39
CA ARG A 253 25.32 17.52 0.99
C ARG A 253 25.71 16.32 1.84
N LEU A 254 24.96 15.22 1.75
CA LEU A 254 25.30 14.04 2.56
C LEU A 254 26.61 13.39 2.07
N LEU A 255 26.86 13.34 0.76
CA LEU A 255 28.14 12.78 0.26
C LEU A 255 29.32 13.59 0.86
N ASP A 256 29.20 14.91 0.82
CA ASP A 256 30.24 15.85 1.30
C ASP A 256 30.42 15.66 2.81
N ALA A 257 29.36 15.53 3.57
CA ALA A 257 29.42 15.40 5.04
C ALA A 257 29.95 14.01 5.45
N SER A 258 29.67 12.96 4.65
CA SER A 258 29.85 11.53 5.04
C SER A 258 31.18 10.98 4.55
N GLY A 259 31.71 11.53 3.44
CA GLY A 259 32.87 10.94 2.74
C GLY A 259 32.52 9.64 2.03
N ALA A 260 31.25 9.35 1.82
CA ALA A 260 30.83 8.10 1.15
C ALA A 260 31.19 8.10 -0.34
N ALA A 261 31.55 6.91 -0.85
CA ALA A 261 31.55 6.65 -2.31
C ALA A 261 30.09 6.70 -2.79
N TYR A 262 29.91 6.95 -4.07
CA TYR A 262 28.59 7.10 -4.72
C TYR A 262 28.52 6.30 -5.99
N LEU A 263 27.48 5.48 -6.04
CA LEU A 263 27.03 4.76 -7.24
C LEU A 263 25.58 5.15 -7.52
N ASP A 264 25.31 5.33 -8.79
CA ASP A 264 23.91 5.46 -9.26
C ASP A 264 23.47 4.12 -9.83
N THR A 265 22.23 4.08 -10.25
CA THR A 265 21.69 2.95 -11.07
C THR A 265 21.09 3.56 -12.34
N GLN A 266 20.60 2.70 -13.22
CA GLN A 266 19.99 3.09 -14.51
CA GLN A 266 20.07 3.17 -14.51
C GLN A 266 18.84 4.07 -14.28
N GLU A 267 18.12 3.92 -13.17
CA GLU A 267 16.91 4.76 -12.88
C GLU A 267 17.29 6.04 -12.12
N SER A 268 18.56 6.30 -11.81
CA SER A 268 18.88 7.45 -10.93
C SER A 268 20.11 8.24 -11.46
N ARG A 269 20.37 8.20 -12.75
CA ARG A 269 21.48 8.98 -13.35
C ARG A 269 21.21 10.49 -13.21
N GLY A 270 22.30 11.27 -13.12
CA GLY A 270 22.29 12.73 -13.29
C GLY A 270 22.18 13.48 -12.00
N LEU A 271 22.24 12.86 -10.82
CA LEU A 271 21.99 13.57 -9.54
C LEU A 271 23.27 14.21 -8.99
N VAL A 272 24.43 13.71 -9.38
CA VAL A 272 25.74 14.03 -8.77
C VAL A 272 26.68 14.34 -9.92
N PRO A 273 27.37 15.49 -9.92
CA PRO A 273 28.31 15.79 -11.01
C PRO A 273 29.31 14.62 -11.13
N ASP A 274 29.73 14.35 -12.35
CA ASP A 274 30.69 13.28 -12.69
C ASP A 274 32.04 13.60 -12.03
N SER A 275 32.38 14.88 -11.87
CA SER A 275 33.69 15.31 -11.31
C SER A 275 33.63 15.25 -9.78
N HIS A 276 32.47 15.09 -9.17
CA HIS A 276 32.37 14.95 -7.69
C HIS A 276 33.35 13.87 -7.19
N PRO A 277 34.08 14.14 -6.08
CA PRO A 277 35.01 13.18 -5.50
C PRO A 277 34.44 11.79 -5.12
N ALA A 278 33.14 11.70 -4.84
CA ALA A 278 32.40 10.44 -4.52
C ALA A 278 32.00 9.66 -5.78
N ALA A 279 31.93 10.28 -6.96
CA ALA A 279 31.36 9.62 -8.15
C ALA A 279 32.34 8.63 -8.74
N VAL A 280 32.15 7.33 -8.48
CA VAL A 280 33.12 6.26 -8.86
C VAL A 280 32.45 5.15 -9.68
N GLY A 281 31.72 5.54 -10.72
CA GLY A 281 30.84 4.69 -11.55
C GLY A 281 31.59 3.56 -12.23
N SER A 282 32.88 3.70 -12.50
CA SER A 282 33.64 2.63 -13.20
C SER A 282 34.33 1.71 -12.20
N ALA A 283 34.03 1.82 -10.90
CA ALA A 283 34.53 0.97 -9.79
C ALA A 283 33.37 0.28 -9.05
N ARG A 284 32.32 -0.12 -9.77
CA ARG A 284 31.09 -0.67 -9.11
C ARG A 284 31.47 -1.88 -8.26
N SER A 285 32.18 -2.85 -8.83
CA SER A 285 32.57 -4.10 -8.13
C SER A 285 33.39 -3.79 -6.90
N ALA A 286 34.36 -2.89 -7.02
CA ALA A 286 35.26 -2.57 -5.89
C ALA A 286 34.43 -1.98 -4.75
N VAL A 287 33.48 -1.15 -5.08
CA VAL A 287 32.61 -0.50 -4.07
C VAL A 287 31.80 -1.58 -3.34
N MET A 288 31.16 -2.48 -4.09
CA MET A 288 30.27 -3.51 -3.50
C MET A 288 31.10 -4.46 -2.60
N ARG A 289 32.26 -4.85 -3.07
CA ARG A 289 33.16 -5.84 -2.41
C ARG A 289 33.62 -5.30 -1.05
N ASP A 290 33.93 -4.00 -0.95
CA ASP A 290 34.64 -3.51 0.26
C ASP A 290 33.79 -2.61 1.13
N THR A 291 32.67 -2.08 0.68
CA THR A 291 31.93 -1.10 1.52
C THR A 291 31.59 -1.79 2.85
N ASP A 292 31.73 -1.07 3.95
CA ASP A 292 31.32 -1.57 5.30
C ASP A 292 29.99 -0.93 5.74
N LEU A 293 29.44 -0.04 4.93
CA LEU A 293 28.14 0.59 5.18
C LEU A 293 27.48 0.97 3.84
N LEU A 294 26.54 0.12 3.41
CA LEU A 294 25.69 0.39 2.21
C LEU A 294 24.47 1.20 2.65
N ILE A 295 24.27 2.37 2.05
CA ILE A 295 23.09 3.23 2.26
C ILE A 295 22.31 3.32 0.95
N THR A 296 21.11 2.74 0.92
CA THR A 296 20.21 2.77 -0.24
C THR A 296 19.34 4.01 -0.08
N VAL A 297 19.20 4.74 -1.15
CA VAL A 297 18.40 5.99 -1.19
C VAL A 297 17.36 5.87 -2.31
N GLY A 298 16.11 5.58 -1.92
CA GLY A 298 15.00 5.35 -2.84
C GLY A 298 15.34 4.26 -3.85
N ARG A 299 15.99 3.16 -3.40
CA ARG A 299 16.50 2.12 -4.29
C ARG A 299 16.12 0.71 -3.78
N GLN A 300 15.67 -0.16 -4.68
CA GLN A 300 15.41 -1.59 -4.36
C GLN A 300 16.73 -2.37 -4.48
N LEU A 301 16.88 -3.37 -3.63
CA LEU A 301 18.00 -4.35 -3.71
C LEU A 301 17.53 -5.57 -4.47
N ASP A 302 17.14 -5.36 -5.72
CA ASP A 302 16.62 -6.37 -6.66
C ASP A 302 17.83 -6.97 -7.39
N TYR A 303 17.58 -7.62 -8.50
CA TYR A 303 18.62 -8.37 -9.21
C TYR A 303 19.75 -7.43 -9.65
N GLN A 304 19.45 -6.16 -9.87
CA GLN A 304 20.42 -5.21 -10.45
C GLN A 304 21.51 -4.91 -9.40
N LEU A 305 21.21 -5.12 -8.11
CA LEU A 305 22.20 -4.94 -7.05
C LEU A 305 22.44 -6.27 -6.32
N GLY A 306 22.41 -7.38 -7.05
CA GLY A 306 22.78 -8.69 -6.46
C GLY A 306 21.89 -9.06 -5.31
N MET A 307 20.63 -8.58 -5.31
CA MET A 307 19.65 -8.81 -4.20
C MET A 307 20.17 -8.26 -2.87
N GLY A 308 21.09 -7.30 -2.93
CA GLY A 308 21.77 -6.79 -1.73
C GLY A 308 22.43 -7.92 -0.94
N SER A 309 22.76 -9.04 -1.59
CA SER A 309 23.18 -10.26 -0.88
C SER A 309 24.49 -10.01 -0.15
N PRO A 310 24.66 -10.61 1.05
CA PRO A 310 25.99 -10.68 1.65
C PRO A 310 27.03 -11.29 0.72
N ALA A 311 26.58 -12.12 -0.23
CA ALA A 311 27.50 -12.72 -1.21
C ALA A 311 28.09 -11.62 -2.10
N VAL A 312 27.36 -10.51 -2.33
CA VAL A 312 27.78 -9.39 -3.22
C VAL A 312 28.31 -8.19 -2.41
N PHE A 313 27.83 -7.97 -1.20
CA PHE A 313 28.27 -6.92 -0.26
C PHE A 313 28.78 -7.62 1.01
N PRO A 314 29.92 -8.34 0.94
CA PRO A 314 30.38 -9.18 2.04
C PRO A 314 30.75 -8.43 3.33
N HIS A 315 31.04 -7.14 3.26
CA HIS A 315 31.46 -6.35 4.44
C HIS A 315 30.41 -5.35 4.90
N ALA A 316 29.24 -5.28 4.27
CA ALA A 316 28.34 -4.13 4.43
C ALA A 316 27.34 -4.35 5.56
N LYS A 317 27.34 -3.44 6.52
CA LYS A 317 26.11 -3.06 7.23
C LYS A 317 25.22 -2.32 6.26
N VAL A 318 23.93 -2.33 6.56
CA VAL A 318 22.88 -1.81 5.62
C VAL A 318 22.05 -0.76 6.35
N VAL A 319 21.88 0.37 5.67
CA VAL A 319 20.91 1.43 6.04
C VAL A 319 20.02 1.70 4.82
N ARG A 320 18.71 1.89 5.04
CA ARG A 320 17.77 2.11 3.92
C ARG A 320 16.95 3.36 4.20
N ILE A 321 16.92 4.23 3.20
CA ILE A 321 16.15 5.51 3.21
C ILE A 321 15.21 5.55 1.99
N ALA A 322 13.96 5.88 2.20
CA ALA A 322 12.96 5.94 1.09
C ALA A 322 11.65 6.51 1.61
N ASP A 323 10.84 7.02 0.69
CA ASP A 323 9.47 7.46 1.00
C ASP A 323 8.49 6.30 0.76
N THR A 324 8.97 5.08 0.50
CA THR A 324 8.11 3.91 0.33
C THR A 324 8.86 2.70 0.84
N ALA A 325 8.17 1.86 1.58
CA ALA A 325 8.74 0.62 2.13
C ALA A 325 9.07 -0.38 1.00
N SER A 326 8.63 -0.13 -0.24
CA SER A 326 9.07 -0.90 -1.43
C SER A 326 10.58 -0.73 -1.66
N GLU A 327 11.22 0.22 -1.02
CA GLU A 327 12.67 0.51 -1.13
C GLU A 327 13.31 0.46 0.27
N LEU A 328 12.64 -0.19 1.24
CA LEU A 328 13.17 -0.39 2.61
C LEU A 328 13.23 -1.85 3.02
N ILE A 329 12.28 -2.70 2.60
CA ILE A 329 12.15 -4.05 3.25
C ILE A 329 12.53 -5.16 2.27
N ASP A 330 12.73 -4.87 0.99
CA ASP A 330 13.00 -5.92 -0.02
C ASP A 330 14.42 -6.52 0.18
N ASN A 331 14.48 -7.81 0.50
CA ASN A 331 15.69 -8.68 0.46
C ASN A 331 16.62 -8.41 1.66
N ARG A 332 16.93 -7.16 1.97
CA ARG A 332 17.78 -6.78 3.13
C ARG A 332 17.00 -5.79 3.96
N ARG A 333 17.11 -5.91 5.27
CA ARG A 333 16.57 -4.93 6.21
C ARG A 333 17.71 -3.99 6.59
N GLY A 334 17.39 -2.74 6.88
CA GLY A 334 18.36 -1.78 7.43
C GLY A 334 18.57 -1.97 8.93
N GLU A 335 19.78 -1.83 9.41
CA GLU A 335 19.98 -1.62 10.85
C GLU A 335 19.20 -0.36 11.24
N VAL A 336 19.14 0.62 10.35
CA VAL A 336 18.19 1.74 10.44
C VAL A 336 17.51 1.84 9.08
N GLU A 337 16.20 2.08 9.11
CA GLU A 337 15.34 2.35 7.95
C GLU A 337 14.63 3.66 8.22
N ILE A 338 14.79 4.62 7.32
CA ILE A 338 14.06 5.91 7.40
C ILE A 338 12.99 5.92 6.30
N LEU A 339 11.74 5.96 6.73
CA LEU A 339 10.59 6.17 5.82
C LEU A 339 10.24 7.67 5.84
N ALA A 340 10.67 8.38 4.84
CA ALA A 340 10.53 9.85 4.78
C ALA A 340 10.81 10.32 3.38
N GLU A 341 10.40 11.56 3.10
CA GLU A 341 10.83 12.20 1.84
C GLU A 341 12.36 12.17 1.84
N PRO A 342 12.99 11.58 0.81
CA PRO A 342 14.43 11.34 0.86
C PRO A 342 15.28 12.60 0.98
N GLY A 343 14.93 13.70 0.33
CA GLY A 343 15.73 14.94 0.44
C GLY A 343 15.83 15.41 1.89
N ALA A 344 14.71 15.46 2.58
CA ALA A 344 14.62 15.81 4.01
C ALA A 344 15.52 14.87 4.83
N ALA A 345 15.51 13.57 4.52
CA ALA A 345 16.29 12.60 5.31
C ALA A 345 17.78 12.89 5.07
N LEU A 346 18.20 13.02 3.80
CA LEU A 346 19.59 13.31 3.41
C LEU A 346 20.08 14.58 4.10
N ALA A 347 19.27 15.66 4.04
CA ALA A 347 19.58 16.98 4.64
C ALA A 347 19.81 16.82 6.15
N ALA A 348 18.93 16.07 6.83
CA ALA A 348 18.97 15.92 8.29
C ALA A 348 20.23 15.14 8.67
N ILE A 349 20.60 14.12 7.89
CA ILE A 349 21.80 13.29 8.24
C ILE A 349 23.03 14.17 7.99
N ALA A 350 23.07 14.92 6.89
CA ALA A 350 24.16 15.88 6.58
C ALA A 350 24.34 16.83 7.77
N ASP A 351 23.23 17.39 8.25
CA ASP A 351 23.24 18.34 9.39
C ASP A 351 23.86 17.66 10.60
N ALA A 352 23.47 16.42 10.90
CA ALA A 352 23.93 15.68 12.08
C ALA A 352 25.43 15.44 12.00
N LEU A 353 26.03 15.51 10.82
CA LEU A 353 27.48 15.23 10.64
C LEU A 353 28.31 16.55 10.56
N LYS A 354 27.74 17.69 10.93
CA LYS A 354 28.37 19.03 10.90
C LYS A 354 29.85 18.98 11.32
N ASP A 355 30.19 18.34 12.44
CA ASP A 355 31.56 18.40 13.01
C ASP A 355 32.29 17.08 12.78
N HIS A 356 31.87 16.29 11.81
CA HIS A 356 32.54 15.01 11.45
C HIS A 356 33.54 15.32 10.36
N THR A 357 34.73 14.74 10.44
CA THR A 357 35.76 14.81 9.41
C THR A 357 35.95 13.40 8.93
N PRO A 358 35.35 13.03 7.79
CA PRO A 358 35.45 11.63 7.33
C PRO A 358 36.87 11.32 6.83
N ASP A 359 37.31 10.07 7.06
CA ASP A 359 38.46 9.43 6.39
C ASP A 359 38.02 9.08 4.97
N THR A 360 38.50 9.78 3.94
CA THR A 360 38.07 9.57 2.53
C THR A 360 39.15 8.81 1.74
N SER A 361 40.08 8.13 2.40
CA SER A 361 41.23 7.53 1.66
C SER A 361 40.68 6.46 0.71
N TRP A 362 39.70 5.69 1.14
CA TRP A 362 39.15 4.61 0.30
C TRP A 362 38.41 5.24 -0.87
N ARG A 363 37.53 6.18 -0.59
CA ARG A 363 36.83 6.96 -1.62
C ARG A 363 37.83 7.53 -2.64
N ASP A 364 38.91 8.14 -2.16
CA ASP A 364 39.83 8.95 -3.00
C ASP A 364 40.67 7.98 -3.82
N GLU A 365 41.02 6.84 -3.25
CA GLU A 365 41.68 5.77 -4.01
C GLU A 365 40.76 5.25 -5.14
N LEU A 366 39.50 4.96 -4.85
CA LEU A 366 38.55 4.51 -5.90
C LEU A 366 38.43 5.58 -6.99
N LYS A 367 38.29 6.85 -6.59
CA LYS A 367 38.11 7.99 -7.52
C LYS A 367 39.33 8.08 -8.46
N ALA A 368 40.56 7.94 -7.93
CA ALA A 368 41.78 8.05 -8.77
C ALA A 368 41.76 6.94 -9.84
N LYS A 369 41.43 5.72 -9.46
CA LYS A 369 41.36 4.63 -10.47
C LYS A 369 40.16 4.81 -11.40
N HIS A 370 39.02 5.30 -10.90
CA HIS A 370 37.82 5.58 -11.72
C HIS A 370 38.15 6.59 -12.81
N ARG A 371 38.83 7.67 -12.43
CA ARG A 371 39.13 8.81 -13.32
C ARG A 371 39.89 8.26 -14.53
N LYS A 372 40.91 7.45 -14.29
CA LYS A 372 41.77 6.89 -15.36
C LYS A 372 40.96 5.90 -16.19
N ARG A 373 40.23 5.00 -15.54
CA ARG A 373 39.51 3.92 -16.23
C ARG A 373 38.45 4.54 -17.14
N ALA A 374 37.67 5.48 -16.61
CA ALA A 374 36.54 6.11 -17.34
C ALA A 374 37.10 6.94 -18.50
N GLU A 375 38.21 7.66 -18.29
CA GLU A 375 38.83 8.51 -19.32
C GLU A 375 39.35 7.60 -20.44
N ASP A 376 40.09 6.57 -20.09
CA ASP A 376 40.64 5.63 -21.12
C ASP A 376 39.49 5.00 -21.90
N TYR A 377 38.44 4.58 -21.21
CA TYR A 377 37.25 3.93 -21.86
C TYR A 377 36.62 4.93 -22.83
N ARG A 378 36.39 6.15 -22.38
CA ARG A 378 35.73 7.18 -23.23
C ARG A 378 36.58 7.44 -24.48
N GLN A 379 37.88 7.68 -24.30
CA GLN A 379 38.78 7.99 -25.44
C GLN A 379 38.82 6.83 -26.43
N ALA A 380 38.78 5.59 -25.95
CA ALA A 380 38.83 4.38 -26.83
C ALA A 380 37.57 4.28 -27.71
N LEU A 381 36.44 4.86 -27.30
CA LEU A 381 35.17 4.82 -28.10
C LEU A 381 35.37 5.43 -29.49
N HIS A 382 36.29 6.39 -29.63
CA HIS A 382 36.50 7.16 -30.89
C HIS A 382 37.17 6.28 -31.93
N SER A 383 37.86 5.19 -31.55
CA SER A 383 38.72 4.41 -32.48
C SER A 383 38.46 2.91 -32.43
N THR A 384 37.37 2.47 -31.79
CA THR A 384 37.06 1.03 -31.76
C THR A 384 37.02 0.48 -33.17
N GLU A 385 37.80 -0.57 -33.41
CA GLU A 385 37.85 -1.21 -34.75
C GLU A 385 36.55 -1.98 -35.03
N ASN A 386 36.26 -2.11 -36.31
CA ASN A 386 35.14 -2.96 -36.78
C ASN A 386 35.33 -4.41 -36.30
N GLY A 387 34.19 -5.14 -36.19
CA GLY A 387 34.24 -6.57 -35.85
C GLY A 387 34.76 -7.41 -37.00
N ALA A 388 34.88 -8.72 -36.74
CA ALA A 388 35.44 -9.71 -37.70
C ALA A 388 34.63 -9.77 -38.99
N ASP A 389 33.33 -9.44 -38.96
CA ASP A 389 32.43 -9.44 -40.14
C ASP A 389 32.59 -8.14 -40.93
N GLY A 390 33.48 -7.25 -40.53
CA GLY A 390 33.78 -6.02 -41.27
C GLY A 390 32.86 -4.85 -40.88
N HIS A 391 31.98 -4.98 -39.89
CA HIS A 391 30.97 -3.92 -39.63
C HIS A 391 31.29 -3.13 -38.37
N ILE A 392 30.63 -2.00 -38.21
CA ILE A 392 30.93 -1.02 -37.15
C ILE A 392 30.74 -1.64 -35.76
N HIS A 393 31.66 -1.36 -34.85
CA HIS A 393 31.47 -1.72 -33.43
C HIS A 393 30.53 -0.67 -32.84
N PRO A 394 29.45 -1.05 -32.14
CA PRO A 394 28.50 -0.07 -31.58
C PRO A 394 29.15 1.02 -30.71
N ASN A 395 30.30 0.73 -30.10
CA ASN A 395 30.98 1.77 -29.28
C ASN A 395 31.24 3.01 -30.12
N ARG A 396 31.39 2.89 -31.43
CA ARG A 396 31.68 4.07 -32.26
C ARG A 396 30.48 5.04 -32.22
N ILE A 397 29.28 4.54 -31.97
CA ILE A 397 28.07 5.41 -31.88
C ILE A 397 28.27 6.37 -30.71
N PHE A 398 28.70 5.83 -29.57
CA PHE A 398 28.93 6.58 -28.31
C PHE A 398 30.14 7.47 -28.49
N GLY A 399 31.17 7.04 -29.19
CA GLY A 399 32.32 7.92 -29.50
C GLY A 399 31.90 9.12 -30.35
N ALA A 400 31.00 8.93 -31.33
CA ALA A 400 30.55 10.00 -32.22
C ALA A 400 29.73 10.99 -31.38
N LEU A 401 28.85 10.49 -30.51
CA LEU A 401 28.07 11.38 -29.63
C LEU A 401 29.04 12.19 -28.76
N ASP A 402 30.05 11.53 -28.21
CA ASP A 402 31.06 12.21 -27.37
C ASP A 402 31.77 13.29 -28.22
N ALA A 403 32.12 12.99 -29.45
CA ALA A 403 32.86 13.96 -30.31
C ALA A 403 31.97 15.18 -30.57
N LEU A 404 30.65 14.98 -30.66
CA LEU A 404 29.72 16.06 -30.97
C LEU A 404 29.52 16.96 -29.74
N ASP A 405 29.71 16.40 -28.54
CA ASP A 405 29.45 17.11 -27.26
C ASP A 405 30.30 18.40 -27.17
N GLY A 406 29.68 19.53 -26.82
CA GLY A 406 30.38 20.82 -26.65
C GLY A 406 30.63 21.49 -27.99
N ASP A 407 30.15 20.89 -29.06
CA ASP A 407 30.36 21.35 -30.44
C ASP A 407 28.96 21.53 -31.03
N VAL A 408 28.30 20.43 -31.37
CA VAL A 408 26.97 20.44 -32.05
C VAL A 408 25.88 20.40 -30.99
N LEU A 409 26.12 19.74 -29.85
CA LEU A 409 25.13 19.71 -28.75
C LEU A 409 25.82 19.57 -27.41
N ASP A 410 25.08 19.89 -26.38
CA ASP A 410 25.53 19.66 -24.99
C ASP A 410 24.82 18.39 -24.50
N LEU A 411 25.57 17.32 -24.36
CA LEU A 411 25.02 16.04 -23.88
C LEU A 411 24.48 16.21 -22.46
N GLY A 412 25.07 17.10 -21.66
CA GLY A 412 24.58 17.43 -20.30
C GLY A 412 23.19 18.08 -20.33
N GLU A 413 22.70 18.53 -21.48
CA GLU A 413 21.32 19.08 -21.63
C GLU A 413 20.43 18.11 -22.44
N THR A 414 21.00 16.97 -22.87
CA THR A 414 20.35 15.99 -23.77
C THR A 414 19.66 14.89 -22.93
N ILE A 415 18.46 14.50 -23.34
CA ILE A 415 17.75 13.32 -22.79
C ILE A 415 18.21 12.12 -23.62
N MET A 416 18.88 11.20 -22.98
CA MET A 416 19.44 9.99 -23.64
C MET A 416 18.51 8.83 -23.30
N ILE A 417 18.23 8.02 -24.30
CA ILE A 417 17.39 6.80 -24.13
C ILE A 417 18.14 5.62 -24.74
N ALA A 418 18.15 4.49 -24.04
CA ALA A 418 18.82 3.28 -24.59
C ALA A 418 17.89 2.08 -24.50
N ASP A 419 18.02 1.18 -25.46
CA ASP A 419 17.14 -0.01 -25.52
C ASP A 419 17.85 -1.10 -26.35
N GLY A 420 17.52 -2.34 -26.07
CA GLY A 420 18.09 -3.48 -26.80
C GLY A 420 18.83 -4.40 -25.88
N GLY A 421 19.76 -5.19 -26.42
CA GLY A 421 20.48 -6.23 -25.70
C GLY A 421 21.94 -5.81 -25.55
N ASP A 422 22.80 -6.23 -26.49
CA ASP A 422 24.22 -5.76 -26.51
C ASP A 422 24.23 -4.24 -26.61
N LEU A 423 23.40 -3.66 -27.47
CA LEU A 423 23.42 -2.20 -27.64
C LEU A 423 23.21 -1.53 -26.28
N LEU A 424 22.22 -1.97 -25.53
CA LEU A 424 21.93 -1.38 -24.21
C LEU A 424 23.14 -1.56 -23.29
N SER A 425 23.81 -2.70 -23.32
CA SER A 425 24.94 -2.97 -22.41
C SER A 425 26.09 -2.02 -22.79
N PHE A 426 26.36 -1.84 -24.06
CA PHE A 426 27.37 -0.84 -24.51
C PHE A 426 26.96 0.56 -24.05
N GLY A 427 25.67 0.86 -24.18
CA GLY A 427 25.10 2.17 -23.81
C GLY A 427 25.31 2.50 -22.36
N ARG A 428 25.29 1.53 -21.47
CA ARG A 428 25.39 1.81 -20.02
C ARG A 428 26.78 2.36 -19.72
N LEU A 429 27.81 1.96 -20.47
CA LEU A 429 29.17 2.50 -20.23
C LEU A 429 29.45 3.63 -21.22
N GLY A 430 28.78 3.66 -22.39
CA GLY A 430 29.07 4.61 -23.47
C GLY A 430 28.37 5.94 -23.26
N ILE A 431 27.29 5.94 -22.48
CA ILE A 431 26.51 7.15 -22.15
C ILE A 431 26.96 7.55 -20.76
N THR A 432 27.68 8.67 -20.65
CA THR A 432 28.21 9.13 -19.35
C THR A 432 27.70 10.53 -19.03
N LYS A 433 27.44 11.35 -20.03
CA LYS A 433 26.87 12.70 -19.84
C LYS A 433 25.43 12.60 -20.34
N ALA A 434 24.48 13.06 -19.57
CA ALA A 434 23.08 13.18 -20.00
C ALA A 434 22.39 14.03 -18.97
N ARG A 435 21.52 14.89 -19.43
CA ARG A 435 20.57 15.60 -18.54
C ARG A 435 19.76 14.54 -17.78
N ARG A 436 19.11 13.65 -18.53
CA ARG A 436 18.30 12.55 -17.98
C ARG A 436 18.49 11.33 -18.89
N TYR A 437 18.31 10.15 -18.31
CA TYR A 437 18.53 8.85 -18.99
C TYR A 437 17.30 7.98 -18.73
N LEU A 438 16.78 7.34 -19.78
CA LEU A 438 15.69 6.32 -19.63
C LEU A 438 16.11 5.09 -20.42
N ASP A 439 15.65 3.92 -20.00
CA ASP A 439 15.98 2.67 -20.72
C ASP A 439 14.91 1.61 -20.44
N ALA A 440 15.25 0.38 -20.81
CA ALA A 440 14.35 -0.79 -20.84
C ALA A 440 13.93 -1.14 -19.41
N GLY A 441 14.69 -0.69 -18.44
CA GLY A 441 14.32 -0.80 -17.02
C GLY A 441 14.60 -2.17 -16.43
N ALA A 442 14.25 -2.34 -15.17
CA ALA A 442 14.42 -3.65 -14.48
C ALA A 442 13.59 -4.71 -15.20
N PHE A 443 12.49 -4.33 -15.86
CA PHE A 443 11.60 -5.31 -16.55
C PHE A 443 12.23 -5.76 -17.88
N GLY A 444 13.29 -5.11 -18.38
CA GLY A 444 13.89 -5.51 -19.66
C GLY A 444 12.91 -5.31 -20.81
N CYS A 445 12.22 -4.17 -20.82
CA CYS A 445 11.08 -3.93 -21.70
C CYS A 445 11.56 -3.39 -23.06
N LEU A 446 11.89 -4.27 -23.98
CA LEU A 446 12.36 -3.87 -25.32
C LEU A 446 11.23 -3.13 -26.03
N GLY A 447 11.60 -2.07 -26.77
CA GLY A 447 10.66 -1.33 -27.61
C GLY A 447 10.28 0.00 -26.97
N VAL A 448 10.80 0.28 -25.76
CA VAL A 448 10.53 1.59 -25.11
C VAL A 448 11.22 2.75 -25.85
N ALA A 449 12.29 2.56 -26.63
CA ALA A 449 13.12 3.71 -27.09
C ALA A 449 12.27 4.79 -27.79
N THR A 450 11.53 4.43 -28.84
CA THR A 450 10.83 5.44 -29.68
C THR A 450 9.73 6.11 -28.86
N PRO A 451 8.83 5.36 -28.19
CA PRO A 451 7.77 5.99 -27.40
C PRO A 451 8.35 6.87 -26.29
N PHE A 452 9.38 6.37 -25.57
CA PHE A 452 10.08 7.22 -24.56
C PHE A 452 10.60 8.52 -25.18
N ALA A 453 11.22 8.42 -26.34
CA ALA A 453 11.82 9.59 -27.03
C ALA A 453 10.72 10.58 -27.35
N ILE A 454 9.56 10.11 -27.78
CA ILE A 454 8.42 10.99 -28.10
C ILE A 454 7.93 11.69 -26.81
N GLY A 455 7.68 10.94 -25.74
CA GLY A 455 7.22 11.58 -24.50
C GLY A 455 8.21 12.61 -24.05
N ALA A 456 9.50 12.26 -24.06
CA ALA A 456 10.59 13.16 -23.63
C ALA A 456 10.62 14.43 -24.49
N ALA A 457 10.57 14.29 -25.80
CA ALA A 457 10.67 15.42 -26.75
C ALA A 457 9.46 16.35 -26.57
N LEU A 458 8.27 15.81 -26.34
CA LEU A 458 7.08 16.67 -26.17
C LEU A 458 7.14 17.37 -24.81
N ALA A 459 7.74 16.75 -23.80
CA ALA A 459 7.84 17.34 -22.45
C ALA A 459 8.91 18.45 -22.45
N TYR A 460 9.97 18.29 -23.25
CA TYR A 460 11.17 19.19 -23.30
C TYR A 460 11.45 19.55 -24.75
N PRO A 461 10.58 20.40 -25.34
CA PRO A 461 10.70 20.75 -26.75
C PRO A 461 11.97 21.52 -27.11
N ASP A 462 12.72 22.02 -26.14
CA ASP A 462 13.98 22.76 -26.46
C ASP A 462 15.21 21.89 -26.22
N ARG A 463 15.06 20.64 -25.81
CA ARG A 463 16.21 19.76 -25.46
C ARG A 463 16.42 18.77 -26.60
N PRO A 464 17.69 18.49 -26.96
CA PRO A 464 18.01 17.35 -27.84
C PRO A 464 17.50 16.09 -27.15
N VAL A 465 16.91 15.20 -27.94
CA VAL A 465 16.49 13.84 -27.46
C VAL A 465 17.07 12.77 -28.39
N VAL A 466 17.88 11.88 -27.84
CA VAL A 466 18.64 10.89 -28.63
C VAL A 466 18.40 9.51 -28.03
N ALA A 467 17.84 8.62 -28.84
CA ALA A 467 17.49 7.24 -28.44
C ALA A 467 18.41 6.34 -29.22
N VAL A 468 19.19 5.52 -28.53
CA VAL A 468 20.01 4.47 -29.18
C VAL A 468 19.32 3.14 -28.91
N THR A 469 19.11 2.35 -29.96
CA THR A 469 18.34 1.09 -29.87
C THR A 469 18.98 -0.02 -30.68
N GLY A 470 18.88 -1.26 -30.16
CA GLY A 470 19.04 -2.45 -30.99
C GLY A 470 17.94 -2.51 -32.05
N ASP A 471 18.19 -3.25 -33.10
CA ASP A 471 17.25 -3.47 -34.23
C ASP A 471 16.10 -4.37 -33.76
N GLY A 472 16.37 -5.43 -32.97
CA GLY A 472 15.31 -6.29 -32.39
C GLY A 472 14.30 -5.45 -31.61
N ALA A 473 14.78 -4.67 -30.65
CA ALA A 473 13.91 -3.81 -29.81
C ALA A 473 13.13 -2.85 -30.70
N PHE A 474 13.79 -2.21 -31.67
CA PHE A 474 13.19 -1.14 -32.52
C PHE A 474 11.98 -1.66 -33.33
N GLY A 475 12.05 -2.92 -33.80
CA GLY A 475 10.98 -3.54 -34.61
C GLY A 475 9.67 -3.57 -33.85
N ILE A 476 9.72 -3.59 -32.53
CA ILE A 476 8.49 -3.71 -31.69
C ILE A 476 7.65 -2.43 -31.84
N THR A 477 8.30 -1.28 -31.89
CA THR A 477 7.60 0.03 -31.83
C THR A 477 8.01 0.95 -33.00
N ALA A 478 8.64 0.43 -34.05
CA ALA A 478 9.18 1.24 -35.14
C ALA A 478 8.08 2.15 -35.73
N THR A 479 6.84 1.66 -35.83
CA THR A 479 5.83 2.43 -36.55
C THR A 479 5.48 3.70 -35.76
N GLU A 480 5.89 3.80 -34.48
CA GLU A 480 5.72 5.08 -33.74
C GLU A 480 6.62 6.18 -34.31
N ILE A 481 7.53 5.90 -35.24
CA ILE A 481 8.19 7.03 -35.99
C ILE A 481 7.12 7.92 -36.60
N ASP A 482 6.02 7.34 -37.12
CA ASP A 482 4.89 8.10 -37.67
C ASP A 482 4.39 9.11 -36.62
N THR A 483 4.14 8.64 -35.43
CA THR A 483 3.66 9.48 -34.33
C THR A 483 4.60 10.67 -34.14
N ALA A 484 5.90 10.41 -34.07
CA ALA A 484 6.91 11.47 -33.86
C ALA A 484 6.78 12.53 -34.98
N VAL A 485 6.61 12.09 -36.21
CA VAL A 485 6.51 13.02 -37.36
C VAL A 485 5.21 13.82 -37.25
N ARG A 486 4.09 13.15 -37.02
CA ARG A 486 2.76 13.81 -37.07
C ARG A 486 2.68 14.80 -35.90
N HIS A 487 3.34 14.58 -34.76
CA HIS A 487 3.25 15.43 -33.53
C HIS A 487 4.48 16.30 -33.37
N ASP A 488 5.33 16.34 -34.36
CA ASP A 488 6.53 17.20 -34.35
CA ASP A 488 6.61 17.10 -34.41
C ASP A 488 7.39 16.89 -33.13
N ALA A 489 7.64 15.62 -32.80
CA ALA A 489 8.50 15.29 -31.65
C ALA A 489 9.90 15.22 -32.23
N LYS A 490 10.78 16.11 -31.84
CA LYS A 490 12.09 16.25 -32.55
C LYS A 490 13.07 15.23 -31.95
N ILE A 491 12.87 13.96 -32.29
CA ILE A 491 13.70 12.86 -31.72
C ILE A 491 14.77 12.45 -32.72
N VAL A 492 15.86 11.88 -32.21
CA VAL A 492 16.86 11.20 -33.06
C VAL A 492 16.92 9.76 -32.59
N VAL A 493 16.69 8.82 -33.50
CA VAL A 493 16.80 7.36 -33.21
C VAL A 493 18.04 6.86 -33.94
N ILE A 494 18.94 6.21 -33.21
CA ILE A 494 20.14 5.58 -33.81
C ILE A 494 20.03 4.09 -33.56
N VAL A 495 19.92 3.33 -34.63
CA VAL A 495 19.73 1.86 -34.59
C VAL A 495 21.10 1.22 -34.76
N SER A 496 21.43 0.32 -33.82
CA SER A 496 22.52 -0.68 -33.97
C SER A 496 21.98 -1.87 -34.74
N ASN A 497 22.07 -1.75 -36.05
CA ASN A 497 21.51 -2.73 -37.01
C ASN A 497 22.55 -3.83 -37.19
N ASN A 498 22.52 -4.83 -36.30
CA ASN A 498 23.45 -5.99 -36.37
C ASN A 498 22.73 -7.24 -36.90
N ARG A 499 21.52 -7.10 -37.45
CA ARG A 499 20.83 -8.19 -38.18
C ARG A 499 20.60 -9.33 -37.21
N ALA A 500 20.35 -9.05 -35.93
CA ALA A 500 20.23 -10.09 -34.89
C ALA A 500 19.66 -9.56 -33.60
N TRP A 501 19.08 -10.49 -32.82
CA TRP A 501 18.90 -10.39 -31.36
C TRP A 501 20.24 -10.83 -30.75
N ASN A 502 21.24 -9.97 -30.77
CA ASN A 502 22.64 -10.46 -30.77
C ASN A 502 23.07 -10.94 -29.39
N ILE A 503 22.61 -10.35 -28.31
CA ILE A 503 23.02 -10.85 -26.96
C ILE A 503 22.50 -12.28 -26.80
N GLU A 504 21.40 -12.59 -27.45
CA GLU A 504 20.79 -13.95 -27.44
C GLU A 504 21.59 -14.89 -28.35
N ARG A 505 21.92 -14.46 -29.56
CA ARG A 505 22.80 -15.23 -30.52
C ARG A 505 24.12 -15.56 -29.82
N TYR A 506 24.66 -14.65 -29.04
CA TYR A 506 25.96 -14.86 -28.38
C TYR A 506 25.85 -15.91 -27.27
N ASP A 507 24.83 -15.85 -26.42
CA ASP A 507 24.56 -16.86 -25.36
C ASP A 507 24.33 -18.24 -26.01
N GLN A 508 23.61 -18.29 -27.13
CA GLN A 508 23.41 -19.59 -27.83
C GLN A 508 24.79 -20.13 -28.27
N ALA A 509 25.61 -19.34 -28.96
CA ALA A 509 26.95 -19.73 -29.47
C ALA A 509 27.80 -20.21 -28.30
N GLU A 510 27.81 -19.44 -27.22
CA GLU A 510 28.68 -19.69 -26.03
C GLU A 510 28.26 -20.98 -25.32
N ASN A 511 26.97 -21.19 -25.08
CA ASN A 511 26.51 -22.19 -24.11
C ASN A 511 25.84 -23.36 -24.79
N TYR A 512 25.44 -23.29 -26.05
CA TYR A 512 24.76 -24.42 -26.72
C TYR A 512 25.48 -24.86 -27.98
N GLY A 513 26.33 -24.02 -28.57
CA GLY A 513 27.00 -24.30 -29.85
C GLY A 513 25.98 -24.41 -30.98
N LEU A 514 24.84 -23.77 -30.88
CA LEU A 514 23.77 -23.90 -31.89
C LEU A 514 22.99 -22.61 -31.83
N VAL A 515 23.17 -21.82 -32.88
CA VAL A 515 22.49 -20.52 -33.03
C VAL A 515 21.28 -20.78 -33.88
N VAL A 516 20.09 -20.56 -33.33
CA VAL A 516 18.85 -20.79 -34.09
C VAL A 516 17.77 -19.78 -33.64
N GLY A 517 17.11 -19.17 -34.59
CA GLY A 517 15.93 -18.34 -34.31
C GLY A 517 16.27 -17.02 -33.65
N THR A 518 17.51 -16.54 -33.79
CA THR A 518 17.98 -15.27 -33.21
C THR A 518 18.56 -14.35 -34.29
N ASP A 519 18.56 -14.78 -35.55
CA ASP A 519 19.01 -13.92 -36.66
C ASP A 519 17.84 -13.08 -37.17
N LEU A 520 18.10 -11.83 -37.50
CA LEU A 520 17.14 -10.97 -38.24
C LEU A 520 17.78 -10.72 -39.61
N ALA A 521 17.41 -9.66 -40.31
CA ALA A 521 17.97 -9.38 -41.64
C ALA A 521 18.47 -7.95 -41.70
N ASP A 522 19.09 -7.63 -42.83
CA ASP A 522 19.68 -6.30 -43.11
C ASP A 522 18.54 -5.38 -43.58
N SER A 523 17.59 -5.10 -42.68
CA SER A 523 16.41 -4.26 -42.96
C SER A 523 16.89 -2.82 -43.12
N ASP A 524 16.18 -2.09 -43.95
CA ASP A 524 16.48 -0.67 -44.25
C ASP A 524 15.70 0.18 -43.24
N TYR A 525 16.18 0.34 -42.01
CA TYR A 525 15.45 1.13 -40.99
C TYR A 525 15.41 2.61 -41.40
N ALA A 526 16.39 3.10 -42.15
CA ALA A 526 16.37 4.49 -42.65
C ALA A 526 15.18 4.59 -43.62
N GLY A 527 14.97 3.55 -44.42
CA GLY A 527 13.88 3.54 -45.39
C GLY A 527 12.55 3.48 -44.67
N VAL A 528 12.49 2.79 -43.54
CA VAL A 528 11.25 2.76 -42.73
C VAL A 528 10.95 4.18 -42.23
N ALA A 529 11.96 4.84 -41.68
CA ALA A 529 11.80 6.21 -41.17
C ALA A 529 11.28 7.11 -42.31
N ARG A 530 11.88 7.06 -43.48
CA ARG A 530 11.49 7.94 -44.60
C ARG A 530 10.06 7.63 -45.04
N ALA A 531 9.63 6.39 -44.97
CA ALA A 531 8.28 6.00 -45.39
C ALA A 531 7.25 6.66 -44.47
N PHE A 532 7.63 6.94 -43.23
CA PHE A 532 6.76 7.59 -42.23
C PHE A 532 7.06 9.09 -42.14
N GLY A 533 7.82 9.64 -43.09
CA GLY A 533 8.01 11.08 -43.27
C GLY A 533 9.10 11.63 -42.36
N ALA A 534 9.94 10.78 -41.77
CA ALA A 534 11.12 11.23 -41.01
C ALA A 534 12.32 11.28 -41.92
N HIS A 535 13.38 11.96 -41.48
CA HIS A 535 14.69 11.99 -42.13
C HIS A 535 15.37 10.65 -41.83
N GLY A 536 15.98 10.01 -42.81
CA GLY A 536 16.69 8.73 -42.62
C GLY A 536 18.07 8.72 -43.25
N GLU A 537 19.05 8.07 -42.65
CA GLU A 537 20.37 7.89 -43.28
C GLU A 537 20.91 6.55 -42.78
N ARG A 538 21.55 5.80 -43.64
CA ARG A 538 22.25 4.55 -43.32
C ARG A 538 23.73 4.84 -43.19
N VAL A 539 24.39 4.28 -42.19
CA VAL A 539 25.86 4.47 -42.05
C VAL A 539 26.56 3.11 -42.04
N THR A 540 27.59 2.91 -42.86
CA THR A 540 28.40 1.66 -42.92
C THR A 540 29.86 1.89 -42.53
N ASP A 541 30.34 3.14 -42.64
CA ASP A 541 31.71 3.60 -42.31
C ASP A 541 31.67 4.36 -41.00
N PRO A 542 32.37 3.93 -39.94
CA PRO A 542 32.23 4.55 -38.64
C PRO A 542 32.68 6.02 -38.67
N ALA A 543 33.55 6.41 -39.61
CA ALA A 543 34.06 7.82 -39.69
C ALA A 543 32.92 8.74 -40.13
N GLU A 544 31.85 8.24 -40.74
CA GLU A 544 30.66 9.03 -41.15
C GLU A 544 29.67 9.21 -40.00
N LEU A 545 29.89 8.61 -38.82
CA LEU A 545 28.86 8.63 -37.75
C LEU A 545 28.61 10.07 -37.23
N GLU A 546 29.67 10.83 -36.98
CA GLU A 546 29.53 12.19 -36.44
C GLU A 546 28.65 13.00 -37.37
N GLY A 547 28.92 12.93 -38.67
CA GLY A 547 28.18 13.73 -39.65
C GLY A 547 26.72 13.32 -39.69
N ALA A 548 26.51 12.01 -39.68
CA ALA A 548 25.14 11.46 -39.81
C ALA A 548 24.37 11.87 -38.58
N ILE A 549 25.00 11.83 -37.42
CA ILE A 549 24.24 12.19 -36.17
C ILE A 549 23.99 13.71 -36.16
N ARG A 550 24.96 14.51 -36.60
CA ARG A 550 24.77 15.97 -36.78
C ARG A 550 23.58 16.23 -37.72
N ARG A 551 23.49 15.59 -38.88
CA ARG A 551 22.39 15.79 -39.86
C ARG A 551 21.07 15.34 -39.20
N ALA A 552 21.09 14.26 -38.43
CA ALA A 552 19.85 13.74 -37.77
C ALA A 552 19.35 14.79 -36.79
N LEU A 553 20.27 15.36 -35.99
CA LEU A 553 19.88 16.38 -34.97
C LEU A 553 19.26 17.58 -35.70
N ALA A 554 19.79 17.92 -36.87
CA ALA A 554 19.38 19.13 -37.61
C ALA A 554 18.03 18.89 -38.32
N ASN A 555 17.65 17.64 -38.55
CA ASN A 555 16.45 17.29 -39.34
C ASN A 555 15.48 16.43 -38.51
N ALA A 556 15.56 16.47 -37.19
CA ALA A 556 14.70 15.68 -36.31
C ALA A 556 13.25 16.05 -36.57
N PRO A 557 12.29 15.09 -36.54
CA PRO A 557 12.57 13.67 -36.23
C PRO A 557 13.34 12.95 -37.36
N ALA A 558 14.29 12.13 -36.93
CA ALA A 558 15.31 11.53 -37.83
C ALA A 558 15.81 10.20 -37.26
N LEU A 559 16.23 9.32 -38.15
CA LEU A 559 16.77 8.00 -37.76
C LEU A 559 18.07 7.78 -38.50
N VAL A 560 19.04 7.26 -37.76
CA VAL A 560 20.34 6.84 -38.34
C VAL A 560 20.44 5.33 -38.20
N ASP A 561 20.52 4.65 -39.31
CA ASP A 561 20.55 3.16 -39.37
C ASP A 561 22.01 2.75 -39.49
N VAL A 562 22.60 2.27 -38.40
CA VAL A 562 24.06 1.99 -38.34
C VAL A 562 24.24 0.49 -38.53
N VAL A 563 24.93 0.10 -39.61
CA VAL A 563 25.25 -1.32 -39.91
C VAL A 563 26.40 -1.74 -38.97
N THR A 564 26.05 -2.48 -37.92
CA THR A 564 26.97 -2.87 -36.84
C THR A 564 27.27 -4.36 -36.91
N THR A 565 28.32 -4.72 -36.19
CA THR A 565 28.91 -6.08 -36.15
C THR A 565 28.05 -6.98 -35.25
N GLN A 566 28.02 -8.27 -35.57
CA GLN A 566 27.60 -9.32 -34.63
C GLN A 566 28.78 -9.81 -33.79
N ASP A 567 30.01 -9.43 -34.11
CA ASP A 567 31.22 -10.05 -33.50
C ASP A 567 31.79 -9.02 -32.54
N ALA A 568 31.12 -8.78 -31.44
CA ALA A 568 31.59 -7.89 -30.37
C ALA A 568 30.90 -8.31 -29.07
N ALA A 569 31.68 -8.77 -28.12
CA ALA A 569 31.24 -9.01 -26.74
C ALA A 569 30.89 -7.68 -26.08
N SER A 570 29.75 -7.64 -25.43
CA SER A 570 29.30 -6.45 -24.67
C SER A 570 29.74 -6.63 -23.22
N PRO A 571 29.71 -5.58 -22.39
CA PRO A 571 30.03 -5.75 -20.97
C PRO A 571 29.19 -6.87 -20.33
N ASP A 572 27.96 -7.11 -20.80
CA ASP A 572 27.09 -8.14 -20.21
C ASP A 572 27.46 -9.55 -20.71
N SER A 573 28.35 -9.70 -21.70
CA SER A 573 28.62 -11.00 -22.37
C SER A 573 29.35 -11.93 -21.41
N GLY A 574 29.08 -13.23 -21.47
CA GLY A 574 29.78 -14.25 -20.67
C GLY A 574 29.46 -14.15 -19.18
N LYS A 575 28.42 -13.40 -18.78
CA LYS A 575 28.06 -13.24 -17.34
C LYS A 575 26.84 -14.09 -16.97
N GLY A 576 26.35 -14.97 -17.85
CA GLY A 576 25.30 -15.94 -17.49
C GLY A 576 23.90 -15.34 -17.55
N LEU A 577 23.75 -14.18 -18.18
CA LEU A 577 22.47 -13.43 -18.21
C LEU A 577 21.42 -14.28 -18.95
N GLY A 578 21.85 -15.00 -20.00
CA GLY A 578 20.98 -15.84 -20.86
C GLY A 578 20.72 -17.16 -20.20
N PHE A 579 21.65 -17.61 -19.35
CA PHE A 579 21.53 -18.90 -18.64
C PHE A 579 20.46 -18.77 -17.57
N VAL A 580 20.30 -17.60 -16.92
CA VAL A 580 19.34 -17.43 -15.80
C VAL A 580 19.73 -18.38 -14.67
N PRO A 581 20.80 -18.07 -13.91
CA PRO A 581 21.22 -18.90 -12.79
C PRO A 581 20.13 -19.00 -11.71
N ASP A 582 20.27 -19.92 -10.79
CA ASP A 582 19.27 -20.20 -9.74
C ASP A 582 19.05 -18.99 -8.83
N TYR A 583 20.11 -18.27 -8.44
CA TYR A 583 20.02 -17.31 -7.30
C TYR A 583 20.21 -15.84 -7.67
N GLN A 584 20.94 -15.60 -8.74
CA GLN A 584 21.37 -14.24 -9.18
C GLN A 584 21.25 -14.19 -10.70
N ALA A 585 21.15 -12.99 -11.23
CA ALA A 585 21.05 -12.74 -12.68
C ALA A 585 22.37 -13.08 -13.37
N LEU A 586 23.50 -12.98 -12.65
CA LEU A 586 24.86 -13.06 -13.20
C LEU A 586 25.62 -14.22 -12.57
N THR A 587 26.40 -14.93 -13.37
CA THR A 587 27.19 -16.13 -12.95
C THR A 587 28.11 -15.81 -11.78
N PRO A 588 28.93 -14.74 -11.81
CA PRO A 588 29.87 -14.51 -10.71
C PRO A 588 29.16 -14.30 -9.37
N TRP A 589 28.09 -13.52 -9.39
CA TRP A 589 27.22 -13.38 -8.19
C TRP A 589 26.63 -14.73 -7.78
N ASN A 590 26.19 -15.53 -8.75
CA ASN A 590 25.56 -16.83 -8.44
C ASN A 590 26.61 -17.74 -7.76
N ASP A 591 27.81 -17.76 -8.32
CA ASP A 591 28.96 -18.54 -7.76
C ASP A 591 29.18 -18.15 -6.29
N ALA A 592 29.19 -16.85 -5.98
CA ALA A 592 29.31 -16.37 -4.59
C ALA A 592 28.12 -16.87 -3.76
N GLU A 593 26.92 -16.91 -4.32
CA GLU A 593 25.75 -17.44 -3.56
C GLU A 593 25.91 -18.93 -3.28
N VAL A 594 26.43 -19.68 -4.25
CA VAL A 594 26.64 -21.13 -4.07
C VAL A 594 27.63 -21.33 -2.91
N ALA A 595 28.71 -20.55 -2.89
CA ALA A 595 29.76 -20.62 -1.85
C ALA A 595 29.15 -20.24 -0.50
N ARG A 596 28.30 -19.21 -0.45
CA ARG A 596 27.62 -18.79 0.80
C ARG A 596 26.80 -19.95 1.39
N ARG A 597 26.08 -20.68 0.55
CA ARG A 597 25.20 -21.81 1.00
C ARG A 597 26.05 -22.99 1.49
N GLN A 598 27.33 -23.07 1.13
CA GLN A 598 28.25 -24.14 1.59
C GLN A 598 28.84 -23.76 2.94
N GLU A 599 28.83 -22.49 3.34
CA GLU A 599 29.49 -22.09 4.61
C GLU A 599 28.88 -22.82 5.81
N GLY A 600 29.71 -23.51 6.59
CA GLY A 600 29.32 -24.20 7.82
C GLY A 600 28.60 -25.51 7.56
N ILE A 601 28.35 -25.92 6.31
CA ILE A 601 27.69 -27.24 6.10
C ILE A 601 28.76 -28.33 6.26
N GLY A 602 28.45 -29.37 7.04
CA GLY A 602 29.37 -30.41 7.55
C GLY A 602 29.62 -30.23 9.05
N SER A 603 29.22 -29.09 9.64
CA SER A 603 29.73 -28.55 10.93
C SER A 603 28.80 -28.81 12.13
N ALA A 604 27.68 -29.54 11.98
CA ALA A 604 26.62 -29.74 13.03
C ALA A 604 27.21 -30.07 14.43
N TRP A 605 28.33 -30.82 14.53
CA TRP A 605 28.75 -31.52 15.77
C TRP A 605 30.04 -30.94 16.39
N ALA B 26 27.72 -19.80 15.83
CA ALA B 26 26.38 -20.04 16.45
C ALA B 26 25.56 -20.95 15.51
N ARG B 27 25.34 -20.57 14.24
CA ARG B 27 24.22 -21.11 13.42
C ARG B 27 24.64 -22.46 12.83
N GLN B 28 23.72 -23.42 12.75
CA GLN B 28 23.89 -24.68 11.99
C GLN B 28 22.66 -24.89 11.10
N SER B 29 22.70 -25.82 10.15
CA SER B 29 21.55 -26.18 9.30
C SER B 29 20.38 -26.52 10.24
N VAL B 30 19.21 -25.92 10.05
CA VAL B 30 17.96 -26.33 10.78
C VAL B 30 16.84 -26.45 9.75
N PRO B 31 15.82 -27.26 10.03
CA PRO B 31 14.66 -27.33 9.15
C PRO B 31 13.91 -25.99 9.14
N VAL B 32 13.26 -25.73 8.02
CA VAL B 32 12.37 -24.57 7.87
C VAL B 32 11.48 -24.45 9.09
N ALA B 33 10.82 -25.54 9.52
CA ALA B 33 9.76 -25.43 10.57
C ALA B 33 10.38 -24.87 11.84
N SER B 34 11.62 -25.26 12.14
CA SER B 34 12.32 -24.80 13.36
CA SER B 34 12.33 -24.79 13.35
C SER B 34 12.64 -23.30 13.22
N LEU B 35 13.10 -22.89 12.07
CA LEU B 35 13.43 -21.46 11.85
C LEU B 35 12.14 -20.60 11.91
N VAL B 36 11.01 -21.11 11.42
CA VAL B 36 9.73 -20.36 11.51
C VAL B 36 9.41 -20.12 12.98
N ALA B 37 9.55 -21.14 13.81
CA ALA B 37 9.17 -20.99 15.23
C ALA B 37 10.12 -19.98 15.90
N GLU B 38 11.39 -20.02 15.53
CA GLU B 38 12.39 -19.08 16.10
C GLU B 38 12.04 -17.66 15.65
N PHE B 39 11.79 -17.47 14.35
CA PHE B 39 11.32 -16.16 13.81
C PHE B 39 10.20 -15.59 14.70
N LEU B 40 9.18 -16.41 14.96
CA LEU B 40 7.97 -15.97 15.68
C LEU B 40 8.37 -15.52 17.08
N GLN B 41 9.05 -16.37 17.81
CA GLN B 41 9.46 -16.10 19.19
C GLN B 41 10.32 -14.82 19.25
N GLU B 42 11.28 -14.66 18.35
CA GLU B 42 12.18 -13.51 18.34
C GLU B 42 11.40 -12.24 17.97
N HIS B 43 10.28 -12.34 17.25
CA HIS B 43 9.37 -11.22 16.91
C HIS B 43 8.38 -10.96 18.06
N GLY B 44 8.52 -11.63 19.21
CA GLY B 44 7.75 -11.25 20.42
C GLY B 44 6.49 -12.09 20.53
N VAL B 45 6.37 -13.16 19.77
CA VAL B 45 5.17 -14.05 19.82
C VAL B 45 5.33 -15.00 21.00
N ASP B 46 4.51 -14.88 22.03
CA ASP B 46 4.56 -15.78 23.21
C ASP B 46 3.34 -16.71 23.23
N ARG B 47 2.44 -16.60 22.26
CA ARG B 47 1.27 -17.51 22.15
C ARG B 47 0.86 -17.55 20.69
N VAL B 48 0.33 -18.70 20.26
CA VAL B 48 -0.23 -18.88 18.91
C VAL B 48 -1.60 -19.50 19.10
N PHE B 49 -2.58 -18.94 18.44
CA PHE B 49 -3.97 -19.43 18.44
C PHE B 49 -4.14 -20.34 17.20
N GLY B 50 -4.75 -21.48 17.36
CA GLY B 50 -5.02 -22.30 16.18
C GLY B 50 -5.74 -23.57 16.48
N LEU B 51 -5.69 -24.46 15.51
CA LEU B 51 -6.35 -25.79 15.55
C LEU B 51 -5.44 -26.71 14.71
N GLN B 52 -4.99 -27.78 15.31
CA GLN B 52 -3.91 -28.64 14.79
C GLN B 52 -4.41 -29.36 13.52
N GLY B 53 -3.51 -29.58 12.57
CA GLY B 53 -3.59 -30.58 11.49
C GLY B 53 -2.20 -30.99 11.10
N GLY B 54 -2.07 -32.12 10.41
CA GLY B 54 -0.75 -32.67 10.04
C GLY B 54 0.03 -31.70 9.19
N HIS B 55 -0.63 -30.89 8.35
CA HIS B 55 0.09 -29.94 7.45
C HIS B 55 0.87 -28.87 8.23
N ILE B 56 0.44 -28.48 9.44
CA ILE B 56 1.15 -27.47 10.28
C ILE B 56 1.80 -28.08 11.50
N GLN B 57 1.64 -29.39 11.72
CA GLN B 57 2.22 -30.06 12.90
C GLN B 57 3.72 -29.77 13.02
N PRO B 58 4.52 -29.74 11.94
CA PRO B 58 5.96 -29.47 12.10
C PRO B 58 6.30 -28.14 12.79
N ILE B 59 5.51 -27.12 12.51
CA ILE B 59 5.66 -25.79 13.16
C ILE B 59 5.08 -25.89 14.58
N TRP B 60 3.89 -26.45 14.69
CA TRP B 60 3.20 -26.64 15.98
C TRP B 60 4.17 -27.25 17.00
N ASP B 61 4.80 -28.35 16.61
CA ASP B 61 5.78 -29.06 17.46
C ASP B 61 6.94 -28.12 17.84
N GLN B 62 7.49 -27.37 16.89
CA GLN B 62 8.67 -26.50 17.15
C GLN B 62 8.27 -25.33 18.06
N LEU B 63 7.06 -24.81 17.93
CA LEU B 63 6.60 -23.74 18.85
C LEU B 63 6.52 -24.29 20.27
N ALA B 64 5.93 -25.47 20.43
CA ALA B 64 5.80 -26.16 21.74
C ALA B 64 7.20 -26.31 22.36
N ARG B 65 8.14 -26.80 21.59
CA ARG B 65 9.54 -27.05 22.06
C ARG B 65 10.22 -25.74 22.50
N ARG B 66 9.84 -24.61 21.93
CA ARG B 66 10.43 -23.31 22.32
C ARG B 66 9.66 -22.68 23.45
N GLY B 67 8.62 -23.30 23.99
CA GLY B 67 7.89 -22.69 25.12
C GLY B 67 6.83 -21.71 24.69
N VAL B 68 6.48 -21.64 23.40
CA VAL B 68 5.39 -20.72 22.94
C VAL B 68 4.07 -21.38 23.33
N ARG B 69 3.17 -20.67 23.98
CA ARG B 69 1.88 -21.25 24.38
C ARG B 69 1.01 -21.51 23.15
N ILE B 70 0.38 -22.68 23.10
CA ILE B 70 -0.52 -23.02 21.97
C ILE B 70 -1.95 -22.96 22.50
N VAL B 71 -2.75 -22.00 22.01
CA VAL B 71 -4.15 -21.88 22.42
C VAL B 71 -4.99 -22.50 21.32
N ASP B 72 -5.38 -23.75 21.54
CA ASP B 72 -6.09 -24.54 20.50
C ASP B 72 -7.60 -24.36 20.71
N VAL B 73 -8.32 -24.15 19.61
CA VAL B 73 -9.72 -23.68 19.60
C VAL B 73 -10.65 -24.75 19.02
N ARG B 74 -11.92 -24.44 18.96
CA ARG B 74 -12.94 -25.37 18.41
C ARG B 74 -13.27 -25.06 16.94
N ASP B 75 -12.95 -23.85 16.45
CA ASP B 75 -13.20 -23.42 15.05
C ASP B 75 -12.09 -22.44 14.69
N GLU B 76 -11.36 -22.72 13.63
CA GLU B 76 -10.20 -21.90 13.22
C GLU B 76 -10.57 -20.41 13.15
N GLY B 77 -11.79 -20.06 12.73
CA GLY B 77 -12.14 -18.65 12.64
C GLY B 77 -11.90 -17.97 13.99
N SER B 78 -12.22 -18.67 15.09
CA SER B 78 -12.10 -18.17 16.48
C SER B 78 -10.65 -17.87 16.78
N ALA B 79 -9.72 -18.68 16.32
CA ALA B 79 -8.27 -18.44 16.55
C ALA B 79 -7.85 -17.11 15.92
N VAL B 80 -8.33 -16.82 14.73
CA VAL B 80 -7.98 -15.52 14.08
C VAL B 80 -8.64 -14.37 14.81
N HIS B 81 -9.89 -14.49 15.26
CA HIS B 81 -10.53 -13.45 16.11
C HIS B 81 -9.68 -13.21 17.38
N MET B 82 -9.13 -14.26 17.99
CA MET B 82 -8.32 -14.11 19.22
C MET B 82 -7.08 -13.31 18.89
N ALA B 83 -6.41 -13.59 17.78
CA ALA B 83 -5.21 -12.87 17.36
C ALA B 83 -5.57 -11.40 17.17
N HIS B 84 -6.68 -11.14 16.46
CA HIS B 84 -7.20 -9.77 16.21
C HIS B 84 -7.31 -9.04 17.55
N ALA B 85 -7.99 -9.62 18.52
CA ALA B 85 -8.20 -8.96 19.81
C ALA B 85 -6.84 -8.70 20.46
N HIS B 86 -5.93 -9.66 20.42
CA HIS B 86 -4.59 -9.52 21.04
C HIS B 86 -3.89 -8.28 20.47
N THR B 87 -3.77 -8.20 19.16
CA THR B 87 -3.06 -7.10 18.48
C THR B 87 -3.79 -5.77 18.74
N GLU B 88 -5.09 -5.73 18.60
CA GLU B 88 -5.86 -4.48 18.81
CA GLU B 88 -5.92 -4.51 18.83
C GLU B 88 -5.62 -3.98 20.24
N LEU B 89 -5.64 -4.87 21.24
CA LEU B 89 -5.41 -4.49 22.65
C LEU B 89 -3.95 -4.13 22.96
N THR B 90 -2.99 -4.91 22.49
CA THR B 90 -1.61 -4.87 23.01
C THR B 90 -0.73 -4.07 22.07
N GLY B 91 -1.07 -3.93 20.79
CA GLY B 91 -0.10 -3.41 19.80
C GLY B 91 0.85 -4.45 19.26
N GLN B 92 0.87 -5.66 19.82
CA GLN B 92 1.82 -6.71 19.34
CA GLN B 92 1.79 -6.74 19.40
C GLN B 92 1.10 -7.53 18.27
N THR B 93 1.69 -7.63 17.10
CA THR B 93 1.16 -8.47 16.00
C THR B 93 1.02 -9.92 16.47
N ALA B 94 -0.17 -10.49 16.32
CA ALA B 94 -0.51 -11.83 16.82
C ALA B 94 -0.61 -12.82 15.66
N VAL B 95 -0.66 -14.10 16.02
CA VAL B 95 -0.50 -15.21 15.05
C VAL B 95 -1.57 -16.26 15.28
N ALA B 96 -2.14 -16.71 14.17
CA ALA B 96 -3.05 -17.89 14.09
C ALA B 96 -2.42 -18.89 13.12
N MET B 97 -2.55 -20.16 13.47
CA MET B 97 -2.00 -21.26 12.66
C MET B 97 -3.07 -22.33 12.48
N VAL B 98 -3.34 -22.64 11.22
CA VAL B 98 -4.49 -23.50 10.80
C VAL B 98 -4.05 -24.44 9.69
N THR B 99 -4.72 -25.59 9.57
CA THR B 99 -4.28 -26.62 8.59
C THR B 99 -4.87 -26.36 7.20
N ALA B 100 -4.36 -27.11 6.22
CA ALA B 100 -4.76 -26.99 4.82
C ALA B 100 -6.28 -27.16 4.68
N GLY B 101 -6.81 -26.59 3.61
CA GLY B 101 -8.19 -26.82 3.14
C GLY B 101 -9.16 -26.18 4.10
N PRO B 102 -10.03 -26.96 4.75
CA PRO B 102 -11.09 -26.40 5.58
C PRO B 102 -10.48 -25.64 6.76
N GLY B 103 -9.28 -25.95 7.21
CA GLY B 103 -8.64 -25.18 8.29
C GLY B 103 -8.46 -23.71 7.90
N VAL B 104 -7.94 -23.48 6.71
CA VAL B 104 -7.74 -22.12 6.15
C VAL B 104 -9.10 -21.49 5.79
N THR B 105 -10.00 -22.24 5.14
CA THR B 105 -11.27 -21.65 4.66
C THR B 105 -12.15 -21.26 5.86
N ASN B 106 -11.96 -21.92 7.00
CA ASN B 106 -12.69 -21.54 8.24
C ASN B 106 -12.26 -20.15 8.76
N THR B 107 -11.15 -19.58 8.27
CA THR B 107 -10.64 -18.27 8.79
C THR B 107 -11.16 -17.08 7.97
N VAL B 108 -11.88 -17.29 6.86
CA VAL B 108 -12.09 -16.19 5.89
C VAL B 108 -12.83 -15.04 6.57
N THR B 109 -13.88 -15.32 7.33
CA THR B 109 -14.68 -14.26 7.96
C THR B 109 -13.79 -13.44 8.92
N ALA B 110 -12.99 -14.12 9.73
CA ALA B 110 -12.13 -13.48 10.75
C ALA B 110 -11.01 -12.69 10.08
N VAL B 111 -10.47 -13.22 8.99
CA VAL B 111 -9.49 -12.47 8.16
C VAL B 111 -10.15 -11.22 7.59
N ALA B 112 -11.32 -11.34 6.98
CA ALA B 112 -12.04 -10.19 6.40
C ALA B 112 -12.26 -9.14 7.49
N ASN B 113 -12.66 -9.59 8.68
CA ASN B 113 -12.96 -8.68 9.81
C ASN B 113 -11.68 -7.89 10.16
N ALA B 114 -10.53 -8.55 10.22
CA ALA B 114 -9.24 -7.94 10.56
C ALA B 114 -8.83 -6.99 9.42
N SER B 115 -9.15 -7.34 8.18
CA SER B 115 -8.81 -6.51 7.00
C SER B 115 -9.62 -5.20 7.05
N VAL B 116 -10.92 -5.32 7.31
CA VAL B 116 -11.79 -4.14 7.39
C VAL B 116 -11.29 -3.23 8.52
N SER B 117 -10.96 -3.80 9.68
CA SER B 117 -10.55 -3.02 10.86
C SER B 117 -9.09 -2.58 10.78
N ARG B 118 -8.33 -3.07 9.80
CA ARG B 118 -6.91 -2.73 9.57
C ARG B 118 -6.09 -3.15 10.77
N ILE B 119 -6.19 -4.44 11.14
CA ILE B 119 -5.44 -5.00 12.29
C ILE B 119 -4.32 -5.90 11.79
N PRO B 120 -3.05 -5.62 12.13
CA PRO B 120 -1.95 -6.52 11.77
C PRO B 120 -2.11 -7.89 12.43
N LEU B 121 -2.07 -8.93 11.60
CA LEU B 121 -1.98 -10.28 12.12
C LEU B 121 -1.42 -11.19 11.05
N LEU B 122 -0.81 -12.28 11.50
CA LEU B 122 -0.30 -13.33 10.59
C LEU B 122 -1.12 -14.61 10.76
N VAL B 123 -1.63 -15.11 9.65
CA VAL B 123 -2.22 -16.45 9.54
C VAL B 123 -1.18 -17.32 8.80
N ILE B 124 -0.79 -18.39 9.46
CA ILE B 124 0.02 -19.47 8.85
C ILE B 124 -0.91 -20.63 8.54
N GLY B 125 -0.96 -20.97 7.26
CA GLY B 125 -1.80 -22.08 6.79
C GLY B 125 -0.95 -23.26 6.34
N GLY B 126 -1.48 -24.46 6.50
CA GLY B 126 -0.84 -25.65 5.96
C GLY B 126 -1.19 -25.75 4.49
N CYS B 127 -0.36 -26.41 3.71
CA CYS B 127 -0.79 -26.73 2.35
C CYS B 127 -0.03 -27.93 1.82
N PRO B 128 -0.58 -28.57 0.76
CA PRO B 128 -0.05 -29.88 0.34
C PRO B 128 1.34 -29.76 -0.25
N PRO B 129 2.09 -30.88 -0.28
CA PRO B 129 3.46 -30.85 -0.78
C PRO B 129 3.54 -30.48 -2.27
N ILE B 130 4.61 -29.84 -2.64
CA ILE B 130 4.82 -29.37 -4.02
C ILE B 130 4.57 -30.48 -5.02
N PRO B 131 5.14 -31.71 -4.88
CA PRO B 131 5.00 -32.74 -5.93
C PRO B 131 3.55 -33.05 -6.32
N GLN B 132 2.61 -32.87 -5.38
CA GLN B 132 1.17 -33.19 -5.59
C GLN B 132 0.41 -31.93 -6.08
N SER B 133 1.11 -30.82 -6.41
CA SER B 133 0.47 -29.63 -7.00
C SER B 133 -0.54 -30.01 -8.09
N ASN B 134 -1.79 -29.57 -7.92
CA ASN B 134 -2.87 -29.65 -8.95
C ASN B 134 -3.35 -31.09 -9.17
N MET B 135 -2.89 -32.07 -8.37
CA MET B 135 -3.21 -33.52 -8.55
C MET B 135 -4.44 -33.98 -7.74
N GLY B 136 -5.09 -33.10 -6.97
CA GLY B 136 -6.16 -33.54 -6.03
C GLY B 136 -5.61 -34.21 -4.77
N PRO B 137 -4.57 -33.63 -4.13
CA PRO B 137 -4.11 -34.10 -2.83
C PRO B 137 -5.15 -33.77 -1.77
N LEU B 138 -5.01 -34.42 -0.62
CA LEU B 138 -5.90 -34.21 0.56
C LEU B 138 -5.95 -32.72 0.91
N GLN B 139 -7.18 -32.21 1.05
CA GLN B 139 -7.44 -30.85 1.61
C GLN B 139 -6.87 -29.80 0.68
N ASP B 140 -6.81 -30.04 -0.63
CA ASP B 140 -6.27 -29.02 -1.54
C ASP B 140 -7.41 -28.01 -1.81
N ILE B 141 -7.04 -26.73 -1.93
CA ILE B 141 -7.97 -25.62 -2.31
C ILE B 141 -7.08 -24.41 -2.54
N PRO B 142 -7.45 -23.47 -3.43
CA PRO B 142 -6.57 -22.33 -3.73
C PRO B 142 -6.60 -21.27 -2.60
N HIS B 143 -5.95 -21.57 -1.49
CA HIS B 143 -5.99 -20.68 -0.31
C HIS B 143 -5.56 -19.24 -0.67
N THR B 144 -4.41 -19.08 -1.36
CA THR B 144 -3.84 -17.72 -1.61
C THR B 144 -4.81 -16.94 -2.51
N ALA B 145 -5.48 -17.56 -3.46
CA ALA B 145 -6.44 -16.88 -4.34
C ALA B 145 -7.69 -16.45 -3.56
N ILE B 146 -8.17 -17.28 -2.64
CA ILE B 146 -9.36 -16.98 -1.81
C ILE B 146 -9.02 -15.80 -0.88
N LEU B 147 -7.79 -15.77 -0.34
CA LEU B 147 -7.44 -14.78 0.72
C LEU B 147 -6.84 -13.49 0.13
N GLU B 148 -6.34 -13.50 -1.10
CA GLU B 148 -5.66 -12.36 -1.72
C GLU B 148 -6.52 -11.08 -1.58
N PRO B 149 -7.86 -11.08 -1.83
CA PRO B 149 -8.63 -9.84 -1.78
C PRO B 149 -8.80 -9.21 -0.39
N ILE B 150 -8.52 -9.96 0.67
CA ILE B 150 -8.75 -9.52 2.07
C ILE B 150 -7.47 -9.63 2.88
N THR B 151 -6.32 -9.58 2.23
CA THR B 151 -5.02 -9.63 2.95
C THR B 151 -4.09 -8.60 2.32
N ARG B 152 -3.05 -8.24 3.05
CA ARG B 152 -1.97 -7.37 2.53
C ARG B 152 -0.97 -8.19 1.74
N LEU B 153 -0.93 -9.50 1.96
CA LEU B 153 -0.04 -10.47 1.26
C LEU B 153 -0.62 -11.85 1.55
N ALA B 154 -0.59 -12.71 0.54
CA ALA B 154 -1.02 -14.12 0.64
C ALA B 154 -0.12 -14.94 -0.27
N ARG B 155 0.80 -15.69 0.29
CA ARG B 155 1.86 -16.34 -0.51
C ARG B 155 2.11 -17.77 -0.07
N THR B 156 2.55 -18.54 -1.04
CA THR B 156 3.01 -19.92 -0.85
C THR B 156 4.55 -19.89 -0.91
N LEU B 157 5.21 -20.33 0.14
CA LEU B 157 6.68 -20.25 0.26
C LEU B 157 7.32 -21.58 -0.16
N ARG B 158 7.93 -21.58 -1.33
CA ARG B 158 8.43 -22.82 -1.98
C ARG B 158 9.96 -22.84 -1.98
N SER B 159 10.64 -21.83 -1.47
CA SER B 159 12.11 -21.81 -1.35
C SER B 159 12.54 -21.82 0.12
N ALA B 160 13.03 -22.97 0.58
CA ALA B 160 13.45 -23.15 1.99
C ALA B 160 14.39 -22.00 2.42
N ASP B 161 15.37 -21.71 1.60
CA ASP B 161 16.42 -20.69 1.84
C ASP B 161 15.81 -19.30 2.11
N GLN B 162 14.61 -19.01 1.58
CA GLN B 162 14.00 -17.65 1.63
C GLN B 162 12.81 -17.59 2.57
N VAL B 163 12.47 -18.66 3.29
CA VAL B 163 11.26 -18.64 4.14
C VAL B 163 11.39 -17.57 5.20
N LEU B 164 12.56 -17.50 5.85
CA LEU B 164 12.76 -16.53 6.93
C LEU B 164 12.58 -15.10 6.38
N ARG B 165 13.18 -14.80 5.23
CA ARG B 165 13.10 -13.46 4.62
C ARG B 165 11.62 -13.15 4.34
N GLU B 166 10.88 -14.13 3.83
CA GLU B 166 9.45 -13.92 3.46
C GLU B 166 8.68 -13.63 4.73
N PHE B 167 8.95 -14.37 5.81
CA PHE B 167 8.19 -14.11 7.08
C PHE B 167 8.41 -12.67 7.51
N ASP B 168 9.67 -12.22 7.48
CA ASP B 168 9.95 -10.88 8.01
C ASP B 168 9.31 -9.80 7.12
N GLU B 169 9.37 -9.95 5.81
CA GLU B 169 8.69 -8.98 4.91
C GLU B 169 7.17 -8.99 5.13
N ALA B 170 6.56 -10.16 5.25
CA ALA B 170 5.10 -10.28 5.47
C ALA B 170 4.74 -9.57 6.78
N TRP B 171 5.54 -9.76 7.81
CA TRP B 171 5.29 -9.14 9.13
C TRP B 171 5.27 -7.61 8.95
N ALA B 172 6.23 -7.08 8.18
CA ALA B 172 6.29 -5.64 7.86
C ALA B 172 5.03 -5.20 7.11
N ARG B 173 4.58 -5.99 6.16
CA ARG B 173 3.38 -5.64 5.34
C ARG B 173 2.15 -5.67 6.24
N ALA B 174 2.10 -6.56 7.22
CA ALA B 174 0.97 -6.55 8.17
C ALA B 174 0.88 -5.21 8.92
N SER B 175 2.01 -4.64 9.27
CA SER B 175 2.07 -3.29 9.92
C SER B 175 1.63 -2.19 8.96
N GLY B 176 1.68 -2.43 7.64
CA GLY B 176 1.17 -1.49 6.64
C GLY B 176 2.24 -1.10 5.63
N ASP B 177 3.47 -1.62 5.71
CA ASP B 177 4.46 -1.38 4.63
C ASP B 177 3.89 -1.81 3.28
N ARG B 178 4.01 -0.93 2.24
CA ARG B 178 3.57 -1.25 0.86
C ARG B 178 2.06 -1.49 0.81
N GLY B 179 1.30 -1.04 1.80
CA GLY B 179 -0.16 -1.19 1.79
C GLY B 179 -0.79 -0.35 2.89
N GLU B 180 -1.37 -1.04 3.86
CA GLU B 180 -2.04 -0.45 5.02
C GLU B 180 -2.15 -1.57 6.02
N PRO B 181 -2.28 -1.26 7.31
CA PRO B 181 -2.20 -2.32 8.33
C PRO B 181 -3.31 -3.36 8.06
N GLY B 182 -3.01 -4.62 8.35
CA GLY B 182 -3.99 -5.70 8.20
C GLY B 182 -3.35 -7.08 8.16
N PRO B 183 -4.18 -8.10 7.93
CA PRO B 183 -3.73 -9.50 8.01
C PRO B 183 -2.93 -9.89 6.76
N VAL B 184 -1.99 -10.79 7.00
CA VAL B 184 -1.17 -11.44 5.95
C VAL B 184 -1.29 -12.94 6.17
N TYR B 185 -1.09 -13.66 5.07
CA TYR B 185 -1.23 -15.12 5.01
C TYR B 185 0.03 -15.68 4.39
N LEU B 186 0.61 -16.65 5.09
CA LEU B 186 1.75 -17.43 4.57
C LEU B 186 1.42 -18.92 4.70
N GLU B 187 1.78 -19.69 3.69
CA GLU B 187 1.68 -21.17 3.75
C GLU B 187 3.00 -21.73 3.24
N ILE B 188 3.37 -22.87 3.81
CA ILE B 188 4.61 -23.58 3.42
C ILE B 188 4.26 -25.03 3.13
N PRO B 189 4.41 -25.49 1.87
CA PRO B 189 4.15 -26.88 1.53
C PRO B 189 4.91 -27.80 2.49
N THR B 190 4.30 -28.91 2.86
CA THR B 190 4.83 -29.76 3.96
C THR B 190 6.22 -30.27 3.60
N ASP B 191 6.51 -30.50 2.32
CA ASP B 191 7.86 -30.96 1.92
C ASP B 191 8.87 -29.82 2.20
N VAL B 192 8.49 -28.57 1.93
CA VAL B 192 9.43 -27.42 2.19
C VAL B 192 9.65 -27.26 3.69
N LEU B 193 8.62 -27.49 4.50
CA LEU B 193 8.71 -27.35 5.98
C LEU B 193 9.81 -28.26 6.53
N ARG B 194 10.06 -29.37 5.84
CA ARG B 194 10.97 -30.44 6.32
C ARG B 194 12.35 -30.22 5.73
N ARG B 195 12.57 -29.26 4.82
CA ARG B 195 13.89 -28.98 4.23
C ARG B 195 14.78 -28.21 5.21
N ASP B 196 16.08 -28.36 5.04
CA ASP B 196 17.08 -27.65 5.85
C ASP B 196 17.44 -26.31 5.24
N VAL B 197 17.72 -25.36 6.11
CA VAL B 197 18.20 -24.02 5.73
C VAL B 197 19.65 -23.93 6.19
N PRO B 198 20.59 -23.62 5.29
CA PRO B 198 21.98 -23.45 5.65
C PRO B 198 22.16 -22.27 6.61
N PRO B 199 23.21 -22.33 7.47
CA PRO B 199 23.40 -21.31 8.50
C PRO B 199 23.57 -19.88 7.95
N ALA B 200 24.18 -19.70 6.79
CA ALA B 200 24.44 -18.37 6.19
C ALA B 200 23.12 -17.66 5.87
N LEU B 201 22.03 -18.40 5.65
CA LEU B 201 20.76 -17.82 5.16
C LEU B 201 19.92 -17.46 6.36
N GLN B 202 20.38 -17.82 7.55
CA GLN B 202 19.63 -17.59 8.80
C GLN B 202 20.04 -16.23 9.36
N MET B 203 19.65 -15.16 8.71
CA MET B 203 20.21 -13.81 8.98
C MET B 203 19.51 -13.19 10.17
N ARG B 204 20.29 -12.60 11.07
CA ARG B 204 19.73 -11.98 12.30
CA ARG B 204 19.75 -11.99 12.30
C ARG B 204 18.77 -10.85 11.92
N GLU B 205 19.03 -10.13 10.82
CA GLU B 205 18.19 -8.95 10.48
C GLU B 205 16.77 -9.41 10.15
N HIS B 206 16.57 -10.68 9.72
CA HIS B 206 15.21 -11.23 9.45
C HIS B 206 14.62 -11.81 10.72
N LEU B 207 15.44 -12.38 11.61
CA LEU B 207 14.93 -13.01 12.86
C LEU B 207 14.50 -11.96 13.86
N ARG B 208 15.12 -10.77 13.89
CA ARG B 208 14.93 -9.83 15.02
C ARG B 208 13.63 -9.02 14.91
N ALA B 209 13.04 -8.73 16.07
CA ALA B 209 11.90 -7.82 16.24
C ALA B 209 12.26 -6.45 15.69
N LYS B 210 11.30 -5.77 15.06
CA LYS B 210 11.52 -4.46 14.42
C LYS B 210 10.61 -3.44 15.11
N PRO B 211 11.09 -2.21 15.29
CA PRO B 211 10.26 -1.16 15.87
C PRO B 211 9.21 -0.68 14.85
N LYS B 212 8.13 -0.08 15.33
CA LYS B 212 7.13 0.58 14.47
C LYS B 212 7.77 1.78 13.78
N ARG B 213 7.32 2.09 12.59
CA ARG B 213 7.72 3.32 11.86
C ARG B 213 7.10 4.52 12.56
N ARG B 214 7.78 5.64 12.50
CA ARG B 214 7.36 6.91 13.14
C ARG B 214 7.59 8.04 12.15
N PRO B 215 6.93 8.04 10.98
CA PRO B 215 7.04 9.19 10.08
C PRO B 215 6.57 10.44 10.84
N GLN B 216 7.25 11.57 10.63
CA GLN B 216 6.98 12.83 11.38
C GLN B 216 6.24 13.85 10.51
N PRO B 217 5.42 14.71 11.16
CA PRO B 217 4.70 15.73 10.40
C PRO B 217 5.66 16.76 9.77
N HIS B 218 5.23 17.41 8.70
CA HIS B 218 5.92 18.58 8.11
C HIS B 218 5.43 19.85 8.86
N PRO B 219 6.36 20.69 9.36
CA PRO B 219 6.02 21.92 10.08
C PRO B 219 4.98 22.80 9.36
N ASP B 220 5.03 22.89 8.04
CA ASP B 220 4.09 23.75 7.27
C ASP B 220 2.67 23.20 7.34
N ASP B 221 2.51 21.87 7.35
CA ASP B 221 1.17 21.25 7.47
C ASP B 221 0.66 21.48 8.89
N VAL B 222 1.54 21.33 9.88
CA VAL B 222 1.19 21.57 11.30
C VAL B 222 0.69 23.02 11.44
N ALA B 223 1.41 24.00 10.89
CA ALA B 223 1.03 25.42 10.98
C ALA B 223 -0.32 25.62 10.29
N ALA B 224 -0.51 25.03 9.11
CA ALA B 224 -1.76 25.20 8.33
C ALA B 224 -2.96 24.67 9.16
N VAL B 225 -2.80 23.55 9.86
CA VAL B 225 -3.91 22.98 10.65
C VAL B 225 -4.17 23.92 11.84
N ALA B 226 -3.11 24.39 12.49
CA ALA B 226 -3.19 25.37 13.61
C ALA B 226 -3.96 26.61 13.13
N ASP B 227 -3.67 27.13 11.93
CA ASP B 227 -4.39 28.30 11.37
C ASP B 227 -5.87 27.94 11.20
N LEU B 228 -6.19 26.75 10.66
CA LEU B 228 -7.63 26.37 10.49
C LEU B 228 -8.34 26.31 11.86
N ILE B 229 -7.65 25.83 12.88
CA ILE B 229 -8.24 25.72 14.24
C ILE B 229 -8.48 27.11 14.80
N ARG B 230 -7.53 28.01 14.61
CA ARG B 230 -7.66 29.40 15.12
C ARG B 230 -8.87 30.06 14.44
N ALA B 231 -9.13 29.79 13.16
CA ALA B 231 -10.24 30.42 12.41
C ALA B 231 -11.59 29.76 12.71
N ALA B 232 -11.64 28.55 13.23
CA ALA B 232 -12.91 27.79 13.41
C ALA B 232 -13.59 28.24 14.70
N GLU B 233 -14.90 28.25 14.70
CA GLU B 233 -15.72 28.58 15.88
C GLU B 233 -16.16 27.29 16.58
N LYS B 234 -16.33 26.20 15.84
CA LYS B 234 -16.89 24.92 16.37
C LYS B 234 -16.11 23.73 15.82
N PRO B 235 -14.79 23.68 16.10
CA PRO B 235 -13.95 22.57 15.67
C PRO B 235 -14.29 21.31 16.47
N ALA B 236 -14.11 20.14 15.82
CA ALA B 236 -14.48 18.85 16.40
C ALA B 236 -13.47 17.82 15.92
N ILE B 237 -12.95 17.07 16.87
CA ILE B 237 -12.07 15.91 16.59
C ILE B 237 -12.89 14.63 16.70
N ILE B 238 -12.79 13.78 15.67
CA ILE B 238 -13.32 12.39 15.74
C ILE B 238 -12.15 11.44 15.58
N SER B 239 -11.98 10.59 16.56
CA SER B 239 -10.87 9.61 16.63
C SER B 239 -11.28 8.26 16.02
N GLY B 240 -10.27 7.51 15.61
CA GLY B 240 -10.40 6.11 15.13
C GLY B 240 -9.20 5.26 15.54
N ARG B 241 -9.08 4.12 14.85
CA ARG B 241 -8.02 3.11 15.02
C ARG B 241 -6.66 3.77 15.28
N GLY B 242 -6.22 4.64 14.40
CA GLY B 242 -4.89 5.25 14.50
C GLY B 242 -4.67 6.03 15.80
N ALA B 243 -5.66 6.77 16.25
CA ALA B 243 -5.61 7.49 17.53
C ALA B 243 -5.47 6.46 18.64
N ARG B 244 -6.13 5.31 18.51
CA ARG B 244 -6.23 4.26 19.58
C ARG B 244 -4.90 3.50 19.69
N THR B 245 -3.99 3.65 18.73
CA THR B 245 -2.60 3.16 18.85
C THR B 245 -1.77 4.09 19.73
N THR B 246 -2.26 5.26 20.12
CA THR B 246 -1.55 6.17 21.05
C THR B 246 -2.15 6.01 22.44
N ASP B 247 -1.51 6.63 23.44
CA ASP B 247 -2.08 6.56 24.82
C ASP B 247 -3.08 7.69 25.03
N GLY B 248 -3.40 8.51 24.04
CA GLY B 248 -4.42 9.56 24.22
C GLY B 248 -3.86 10.86 24.78
N THR B 249 -2.61 10.90 25.28
CA THR B 249 -2.15 12.11 26.04
C THR B 249 -1.96 13.27 25.07
N ASP B 250 -1.39 13.03 23.89
CA ASP B 250 -1.21 14.09 22.86
C ASP B 250 -2.54 14.54 22.28
N LEU B 251 -3.49 13.62 22.14
CA LEU B 251 -4.86 13.99 21.69
C LEU B 251 -5.47 14.97 22.71
N VAL B 252 -5.37 14.67 24.02
CA VAL B 252 -5.87 15.57 25.09
C VAL B 252 -5.12 16.92 25.04
N ARG B 253 -3.81 16.93 24.80
CA ARG B 253 -3.07 18.21 24.64
C ARG B 253 -3.70 19.01 23.51
N LEU B 254 -4.03 18.40 22.38
CA LEU B 254 -4.59 19.13 21.23
C LEU B 254 -6.02 19.54 21.57
N LEU B 255 -6.80 18.70 22.25
CA LEU B 255 -8.17 19.11 22.63
C LEU B 255 -8.10 20.38 23.51
N ASP B 256 -7.20 20.39 24.46
CA ASP B 256 -7.02 21.52 25.43
C ASP B 256 -6.61 22.76 24.66
N ALA B 257 -5.67 22.64 23.72
CA ALA B 257 -5.10 23.77 22.98
C ALA B 257 -6.10 24.32 21.96
N SER B 258 -6.96 23.46 21.40
CA SER B 258 -7.85 23.77 20.26
C SER B 258 -9.23 24.21 20.73
N GLY B 259 -9.68 23.79 21.92
CA GLY B 259 -11.11 23.91 22.29
C GLY B 259 -12.09 23.08 21.47
N ALA B 260 -11.60 22.05 20.76
CA ALA B 260 -12.48 21.21 19.92
C ALA B 260 -13.40 20.34 20.78
N ALA B 261 -14.62 20.09 20.30
CA ALA B 261 -15.50 19.00 20.77
C ALA B 261 -14.80 17.68 20.40
N TYR B 262 -15.07 16.63 21.16
CA TYR B 262 -14.47 15.31 20.91
C TYR B 262 -15.56 14.22 20.84
N LEU B 263 -15.49 13.48 19.74
CA LEU B 263 -16.20 12.19 19.60
C LEU B 263 -15.19 11.06 19.36
N ASP B 264 -15.48 9.92 19.94
CA ASP B 264 -14.75 8.68 19.56
C ASP B 264 -15.67 7.82 18.68
N THR B 265 -15.15 6.68 18.25
CA THR B 265 -15.91 5.66 17.53
C THR B 265 -15.68 4.35 18.26
N GLN B 266 -16.37 3.30 17.82
CA GLN B 266 -16.29 1.95 18.45
C GLN B 266 -14.84 1.50 18.53
N GLU B 267 -14.03 1.83 17.53
CA GLU B 267 -12.61 1.39 17.51
C GLU B 267 -11.69 2.30 18.31
N SER B 268 -12.16 3.37 18.94
CA SER B 268 -11.22 4.35 19.60
C SER B 268 -11.70 4.78 20.98
N ARG B 269 -12.50 3.97 21.67
CA ARG B 269 -12.95 4.28 23.05
C ARG B 269 -11.75 4.35 24.01
N GLY B 270 -11.90 5.13 25.07
CA GLY B 270 -11.02 5.10 26.25
C GLY B 270 -9.83 6.04 26.13
N LEU B 271 -9.73 6.94 25.17
CA LEU B 271 -8.52 7.78 25.00
C LEU B 271 -8.61 9.09 25.81
N VAL B 272 -9.82 9.51 26.14
CA VAL B 272 -10.08 10.87 26.71
C VAL B 272 -10.94 10.67 27.94
N PRO B 273 -10.56 11.20 29.12
CA PRO B 273 -11.40 10.99 30.30
C PRO B 273 -12.83 11.45 29.98
N ASP B 274 -13.81 10.76 30.56
CA ASP B 274 -15.26 11.01 30.43
C ASP B 274 -15.61 12.42 30.92
N SER B 275 -14.93 12.87 31.99
CA SER B 275 -15.16 14.20 32.59
C SER B 275 -14.50 15.32 31.75
N HIS B 276 -13.60 15.02 30.82
CA HIS B 276 -12.95 16.06 29.98
C HIS B 276 -13.99 16.99 29.37
N PRO B 277 -13.74 18.33 29.37
CA PRO B 277 -14.66 19.33 28.81
C PRO B 277 -15.07 19.13 27.34
N ALA B 278 -14.22 18.46 26.55
CA ALA B 278 -14.48 18.16 25.09
C ALA B 278 -15.36 16.91 24.92
N ALA B 279 -15.39 15.99 25.91
CA ALA B 279 -15.99 14.65 25.72
C ALA B 279 -17.52 14.75 25.72
N VAL B 280 -18.14 14.75 24.54
CA VAL B 280 -19.61 14.93 24.36
C VAL B 280 -20.27 13.78 23.59
N GLY B 281 -20.07 12.56 24.08
CA GLY B 281 -20.45 11.31 23.36
C GLY B 281 -21.95 11.09 23.29
N SER B 282 -22.80 11.84 24.03
CA SER B 282 -24.27 11.74 23.88
C SER B 282 -24.79 12.83 22.94
N ALA B 283 -23.92 13.58 22.29
CA ALA B 283 -24.26 14.70 21.37
C ALA B 283 -23.70 14.45 19.95
N ARG B 284 -23.63 13.18 19.55
CA ARG B 284 -23.01 12.80 18.27
C ARG B 284 -23.67 13.60 17.15
N SER B 285 -24.97 13.54 17.00
CA SER B 285 -25.61 14.22 15.84
C SER B 285 -25.36 15.74 15.90
N ALA B 286 -25.46 16.33 17.08
CA ALA B 286 -25.29 17.79 17.26
C ALA B 286 -23.88 18.19 16.83
N VAL B 287 -22.88 17.40 17.16
CA VAL B 287 -21.47 17.72 16.78
C VAL B 287 -21.34 17.67 15.25
N MET B 288 -21.86 16.63 14.62
CA MET B 288 -21.69 16.44 13.16
C MET B 288 -22.44 17.53 12.40
N ARG B 289 -23.62 17.89 12.86
CA ARG B 289 -24.50 18.89 12.22
C ARG B 289 -23.81 20.25 12.19
N ASP B 290 -23.11 20.63 13.25
CA ASP B 290 -22.73 22.07 13.41
C ASP B 290 -21.24 22.32 13.35
N THR B 291 -20.40 21.30 13.40
CA THR B 291 -18.96 21.55 13.41
C THR B 291 -18.62 22.29 12.11
N ASP B 292 -17.73 23.27 12.21
CA ASP B 292 -17.19 24.01 11.03
C ASP B 292 -15.78 23.53 10.67
N LEU B 293 -15.21 22.63 11.45
CA LEU B 293 -13.88 22.04 11.20
C LEU B 293 -13.85 20.64 11.81
N LEU B 294 -14.04 19.64 10.96
CA LEU B 294 -13.89 18.20 11.30
C LEU B 294 -12.43 17.82 11.13
N ILE B 295 -11.83 17.34 12.20
CA ILE B 295 -10.47 16.76 12.19
C ILE B 295 -10.58 15.25 12.49
N THR B 296 -10.27 14.42 11.51
CA THR B 296 -10.21 12.95 11.69
C THR B 296 -8.79 12.60 12.15
N VAL B 297 -8.73 11.74 13.16
CA VAL B 297 -7.43 11.29 13.70
C VAL B 297 -7.37 9.76 13.62
N GLY B 298 -6.63 9.24 12.64
CA GLY B 298 -6.56 7.80 12.41
C GLY B 298 -7.93 7.19 12.21
N ARG B 299 -8.81 7.87 11.43
CA ARG B 299 -10.22 7.46 11.30
C ARG B 299 -10.66 7.51 9.85
N GLN B 300 -11.36 6.48 9.39
CA GLN B 300 -12.01 6.43 8.05
C GLN B 300 -13.35 7.17 8.10
N LEU B 301 -13.67 7.85 7.01
CA LEU B 301 -15.00 8.44 6.80
C LEU B 301 -15.87 7.48 5.99
N ASP B 302 -16.09 6.30 6.57
CA ASP B 302 -16.85 5.18 5.98
C ASP B 302 -18.30 5.35 6.46
N TYR B 303 -19.11 4.31 6.36
CA TYR B 303 -20.55 4.45 6.66
C TYR B 303 -20.76 4.91 8.09
N GLN B 304 -19.84 4.61 9.00
CA GLN B 304 -20.08 4.86 10.45
C GLN B 304 -20.05 6.37 10.73
N LEU B 305 -19.44 7.12 9.85
CA LEU B 305 -19.46 8.62 9.92
C LEU B 305 -20.13 9.22 8.68
N GLY B 306 -21.15 8.56 8.15
CA GLY B 306 -21.98 9.14 7.07
C GLY B 306 -21.18 9.44 5.82
N MET B 307 -20.13 8.66 5.55
CA MET B 307 -19.20 8.83 4.40
C MET B 307 -18.53 10.21 4.43
N GLY B 308 -18.45 10.83 5.62
CA GLY B 308 -18.02 12.22 5.77
C GLY B 308 -18.82 13.16 4.88
N SER B 309 -20.03 12.79 4.47
CA SER B 309 -20.79 13.54 3.42
C SER B 309 -21.13 14.94 3.92
N PRO B 310 -21.07 15.95 3.05
CA PRO B 310 -21.64 17.27 3.37
C PRO B 310 -23.09 17.16 3.83
N ALA B 311 -23.80 16.10 3.43
CA ALA B 311 -25.19 15.90 3.91
C ALA B 311 -25.21 15.64 5.42
N VAL B 312 -24.14 15.12 6.00
CA VAL B 312 -24.02 14.78 7.43
C VAL B 312 -23.17 15.81 8.19
N PHE B 313 -22.20 16.43 7.54
CA PHE B 313 -21.34 17.49 8.07
C PHE B 313 -21.55 18.75 7.23
N PRO B 314 -22.75 19.37 7.29
CA PRO B 314 -23.10 20.46 6.38
C PRO B 314 -22.25 21.71 6.52
N HIS B 315 -21.58 21.93 7.66
CA HIS B 315 -20.80 23.17 7.88
C HIS B 315 -19.29 22.90 7.92
N ALA B 316 -18.83 21.67 7.74
CA ALA B 316 -17.45 21.30 8.12
C ALA B 316 -16.46 21.51 6.97
N LYS B 317 -15.41 22.28 7.24
CA LYS B 317 -14.12 22.08 6.57
C LYS B 317 -13.53 20.78 7.14
N VAL B 318 -12.64 20.17 6.38
CA VAL B 318 -12.08 18.83 6.73
C VAL B 318 -10.56 18.90 6.81
N VAL B 319 -10.03 18.37 7.88
CA VAL B 319 -8.60 18.06 8.05
C VAL B 319 -8.46 16.58 8.39
N ARG B 320 -7.44 15.92 7.86
CA ARG B 320 -7.22 14.45 8.10
C ARG B 320 -5.80 14.22 8.54
N ILE B 321 -5.66 13.46 9.63
CA ILE B 321 -4.36 13.10 10.26
C ILE B 321 -4.34 11.58 10.41
N ALA B 322 -3.26 10.95 9.96
CA ALA B 322 -3.13 9.48 10.07
C ALA B 322 -1.72 9.05 9.71
N ASP B 323 -1.33 7.84 10.13
CA ASP B 323 -0.08 7.21 9.66
C ASP B 323 -0.32 6.32 8.43
N THR B 324 -1.49 6.36 7.83
CA THR B 324 -1.80 5.60 6.62
C THR B 324 -2.83 6.40 5.83
N ALA B 325 -2.66 6.42 4.51
CA ALA B 325 -3.59 7.14 3.61
C ALA B 325 -4.95 6.45 3.56
N SER B 326 -5.10 5.24 4.09
CA SER B 326 -6.41 4.58 4.26
C SER B 326 -7.31 5.40 5.20
N GLU B 327 -6.74 6.35 5.95
CA GLU B 327 -7.49 7.24 6.87
C GLU B 327 -7.23 8.70 6.46
N LEU B 328 -6.88 8.96 5.18
CA LEU B 328 -6.68 10.34 4.65
C LEU B 328 -7.49 10.60 3.39
N ILE B 329 -7.70 9.60 2.52
CA ILE B 329 -8.18 9.88 1.14
C ILE B 329 -9.59 9.34 0.94
N ASP B 330 -10.10 8.52 1.85
CA ASP B 330 -11.40 7.86 1.63
C ASP B 330 -12.53 8.89 1.74
N ASN B 331 -13.29 9.05 0.65
CA ASN B 331 -14.58 9.79 0.55
C ASN B 331 -14.43 11.34 0.68
N ARG B 332 -13.68 11.86 1.66
CA ARG B 332 -13.40 13.32 1.76
C ARG B 332 -11.87 13.51 1.78
N ARG B 333 -11.43 14.54 1.08
CA ARG B 333 -10.02 14.98 1.15
C ARG B 333 -9.94 16.11 2.20
N GLY B 334 -8.83 16.17 2.89
CA GLY B 334 -8.50 17.27 3.81
C GLY B 334 -8.09 18.54 3.07
N GLU B 335 -8.52 19.68 3.55
CA GLU B 335 -7.86 20.93 3.16
C GLU B 335 -6.40 20.80 3.55
N VAL B 336 -6.11 20.19 4.67
CA VAL B 336 -4.75 19.71 5.01
C VAL B 336 -4.88 18.20 5.32
N GLU B 337 -3.87 17.43 4.92
CA GLU B 337 -3.73 15.99 5.26
C GLU B 337 -2.35 15.80 5.84
N ILE B 338 -2.24 15.25 7.04
CA ILE B 338 -0.93 14.94 7.65
C ILE B 338 -0.79 13.42 7.67
N LEU B 339 0.19 12.93 6.92
CA LEU B 339 0.62 11.51 6.99
C LEU B 339 1.79 11.43 7.97
N ALA B 340 1.53 11.00 9.19
CA ALA B 340 2.53 10.93 10.26
C ALA B 340 2.02 10.10 11.40
N GLU B 341 2.92 9.67 12.24
CA GLU B 341 2.52 9.03 13.52
C GLU B 341 1.59 10.04 14.24
N PRO B 342 0.36 9.64 14.55
CA PRO B 342 -0.65 10.61 14.97
C PRO B 342 -0.29 11.35 16.27
N GLY B 343 0.31 10.67 17.25
CA GLY B 343 0.77 11.31 18.49
C GLY B 343 1.63 12.53 18.18
N ALA B 344 2.68 12.33 17.40
CA ALA B 344 3.61 13.39 16.99
C ALA B 344 2.85 14.54 16.32
N ALA B 345 1.87 14.24 15.45
CA ALA B 345 1.10 15.25 14.72
C ALA B 345 0.30 16.07 15.73
N LEU B 346 -0.42 15.40 16.63
CA LEU B 346 -1.27 16.06 17.64
C LEU B 346 -0.41 16.97 18.54
N ALA B 347 0.73 16.46 19.01
CA ALA B 347 1.68 17.19 19.87
C ALA B 347 2.15 18.47 19.15
N ALA B 348 2.51 18.34 17.87
CA ALA B 348 3.08 19.46 17.09
C ALA B 348 1.99 20.52 16.90
N ILE B 349 0.74 20.11 16.64
CA ILE B 349 -0.33 21.10 16.43
C ILE B 349 -0.62 21.78 17.78
N ALA B 350 -0.65 21.02 18.88
CA ALA B 350 -0.87 21.59 20.24
C ALA B 350 0.20 22.66 20.52
N ASP B 351 1.45 22.34 20.23
CA ASP B 351 2.58 23.26 20.38
C ASP B 351 2.32 24.53 19.57
N ALA B 352 1.90 24.41 18.32
CA ALA B 352 1.68 25.54 17.42
C ALA B 352 0.55 26.43 17.94
N LEU B 353 -0.31 25.93 18.83
CA LEU B 353 -1.47 26.72 19.37
C LEU B 353 -1.17 27.31 20.76
N LYS B 354 0.09 27.30 21.18
CA LYS B 354 0.62 27.80 22.49
C LYS B 354 -0.14 29.04 22.96
N ASP B 355 -0.24 30.08 22.12
CA ASP B 355 -0.76 31.39 22.55
C ASP B 355 -2.16 31.64 21.99
N HIS B 356 -2.89 30.59 21.64
CA HIS B 356 -4.27 30.69 21.12
C HIS B 356 -5.20 30.53 22.31
N THR B 357 -6.24 31.35 22.36
CA THR B 357 -7.32 31.26 23.35
C THR B 357 -8.56 30.89 22.57
N PRO B 358 -8.94 29.60 22.54
CA PRO B 358 -10.10 29.19 21.75
C PRO B 358 -11.42 29.68 22.36
N ASP B 359 -12.37 29.98 21.49
CA ASP B 359 -13.80 30.16 21.79
C ASP B 359 -14.41 28.78 22.07
N THR B 360 -14.73 28.46 23.32
CA THR B 360 -15.26 27.11 23.70
C THR B 360 -16.75 27.17 24.02
N SER B 361 -17.47 28.23 23.65
CA SER B 361 -18.89 28.38 24.02
C SER B 361 -19.68 27.19 23.50
N TRP B 362 -19.44 26.83 22.24
CA TRP B 362 -20.22 25.74 21.59
C TRP B 362 -19.89 24.43 22.31
N ARG B 363 -18.59 24.16 22.46
CA ARG B 363 -18.13 22.94 23.15
C ARG B 363 -18.78 22.86 24.55
N ASP B 364 -18.78 23.98 25.29
CA ASP B 364 -19.16 24.01 26.73
C ASP B 364 -20.67 23.88 26.81
N GLU B 365 -21.38 24.42 25.87
CA GLU B 365 -22.84 24.24 25.82
C GLU B 365 -23.18 22.76 25.52
N LEU B 366 -22.53 22.15 24.54
CA LEU B 366 -22.71 20.68 24.28
C LEU B 366 -22.42 19.89 25.56
N LYS B 367 -21.30 20.21 26.22
CA LYS B 367 -20.82 19.45 27.40
C LYS B 367 -21.87 19.56 28.52
N ALA B 368 -22.43 20.76 28.76
CA ALA B 368 -23.43 20.94 29.85
C ALA B 368 -24.63 20.04 29.60
N LYS B 369 -25.13 20.02 28.37
CA LYS B 369 -26.28 19.15 28.06
C LYS B 369 -25.88 17.67 28.05
N HIS B 370 -24.68 17.33 27.61
CA HIS B 370 -24.17 15.93 27.56
C HIS B 370 -24.07 15.38 28.99
N ARG B 371 -23.53 16.17 29.92
CA ARG B 371 -23.28 15.75 31.31
C ARG B 371 -24.61 15.26 31.90
N LYS B 372 -25.68 16.04 31.70
CA LYS B 372 -26.99 15.73 32.25
C LYS B 372 -27.61 14.53 31.51
N ARG B 373 -27.59 14.58 30.19
CA ARG B 373 -28.23 13.52 29.36
C ARG B 373 -27.55 12.17 29.66
N ALA B 374 -26.22 12.14 29.75
CA ALA B 374 -25.45 10.89 29.94
C ALA B 374 -25.68 10.37 31.37
N GLU B 375 -25.71 11.27 32.36
CA GLU B 375 -25.94 10.90 33.77
C GLU B 375 -27.35 10.32 33.89
N ASP B 376 -28.34 11.00 33.36
CA ASP B 376 -29.74 10.57 33.48
C ASP B 376 -29.88 9.19 32.81
N TYR B 377 -29.30 9.03 31.62
CA TYR B 377 -29.36 7.77 30.84
C TYR B 377 -28.75 6.63 31.66
N ARG B 378 -27.57 6.88 32.24
CA ARG B 378 -26.87 5.83 33.03
C ARG B 378 -27.74 5.42 34.21
N GLN B 379 -28.25 6.38 34.98
CA GLN B 379 -29.05 6.11 36.20
C GLN B 379 -30.31 5.33 35.80
N ALA B 380 -30.93 5.62 34.66
CA ALA B 380 -32.18 4.95 34.22
C ALA B 380 -31.92 3.46 33.88
N LEU B 381 -30.69 3.08 33.49
CA LEU B 381 -30.31 1.67 33.24
C LEU B 381 -30.62 0.79 34.45
N HIS B 382 -30.59 1.32 35.67
CA HIS B 382 -30.75 0.51 36.91
C HIS B 382 -32.20 0.13 37.11
N SER B 383 -33.17 0.78 36.46
CA SER B 383 -34.60 0.54 36.74
C SER B 383 -35.43 0.35 35.47
N THR B 384 -34.82 0.23 34.29
CA THR B 384 -35.58 0.07 33.03
C THR B 384 -36.74 -0.94 33.18
N GLU B 385 -37.95 -0.54 32.78
CA GLU B 385 -39.14 -1.44 32.73
C GLU B 385 -38.88 -2.63 31.78
N ASN B 386 -39.53 -3.73 32.09
CA ASN B 386 -39.62 -4.92 31.20
C ASN B 386 -40.39 -4.47 29.95
N GLY B 387 -40.19 -5.14 28.84
CA GLY B 387 -40.95 -4.87 27.62
C GLY B 387 -42.35 -5.45 27.77
N ALA B 388 -43.18 -5.23 26.75
CA ALA B 388 -44.59 -5.65 26.71
C ALA B 388 -44.73 -7.16 26.83
N ASP B 389 -43.71 -7.97 26.50
CA ASP B 389 -43.76 -9.45 26.62
C ASP B 389 -43.42 -9.89 28.05
N GLY B 390 -43.15 -8.94 28.97
CA GLY B 390 -42.85 -9.23 30.39
C GLY B 390 -41.38 -9.61 30.62
N HIS B 391 -40.48 -9.47 29.65
CA HIS B 391 -39.07 -9.88 29.84
C HIS B 391 -38.19 -8.65 30.01
N ILE B 392 -36.98 -8.92 30.45
CA ILE B 392 -35.99 -7.91 30.86
C ILE B 392 -35.60 -7.05 29.65
N HIS B 393 -35.56 -5.75 29.83
CA HIS B 393 -34.95 -4.83 28.83
C HIS B 393 -33.43 -4.98 28.92
N PRO B 394 -32.73 -5.15 27.80
CA PRO B 394 -31.27 -5.30 27.81
C PRO B 394 -30.49 -4.18 28.52
N ASN B 395 -31.08 -3.00 28.59
CA ASN B 395 -30.47 -1.91 29.36
C ASN B 395 -30.14 -2.33 30.81
N ARG B 396 -30.93 -3.23 31.38
CA ARG B 396 -30.72 -3.69 32.77
C ARG B 396 -29.38 -4.40 32.87
N ILE B 397 -28.89 -5.01 31.80
CA ILE B 397 -27.56 -5.68 31.89
C ILE B 397 -26.50 -4.59 32.17
N PHE B 398 -26.57 -3.48 31.45
CA PHE B 398 -25.60 -2.35 31.56
C PHE B 398 -25.79 -1.66 32.91
N GLY B 399 -27.01 -1.56 33.39
CA GLY B 399 -27.26 -1.03 34.74
C GLY B 399 -26.67 -1.88 35.83
N ALA B 400 -26.76 -3.21 35.70
CA ALA B 400 -26.26 -4.13 36.74
C ALA B 400 -24.73 -4.01 36.73
N LEU B 401 -24.11 -3.97 35.56
CA LEU B 401 -22.65 -3.76 35.50
C LEU B 401 -22.28 -2.44 36.20
N ASP B 402 -23.02 -1.40 35.91
CA ASP B 402 -22.80 -0.07 36.50
C ASP B 402 -22.95 -0.13 38.02
N ALA B 403 -23.96 -0.81 38.52
CA ALA B 403 -24.21 -0.96 39.96
C ALA B 403 -23.04 -1.70 40.59
N LEU B 404 -22.43 -2.66 39.89
CA LEU B 404 -21.34 -3.45 40.52
C LEU B 404 -20.02 -2.70 40.52
N ASP B 405 -19.89 -1.69 39.67
CA ASP B 405 -18.65 -0.88 39.55
C ASP B 405 -18.24 -0.29 40.91
N GLY B 406 -16.98 -0.46 41.34
CA GLY B 406 -16.47 0.04 42.63
C GLY B 406 -16.75 -0.91 43.77
N ASP B 407 -17.52 -1.96 43.51
CA ASP B 407 -17.93 -2.96 44.50
C ASP B 407 -17.11 -4.22 44.24
N VAL B 408 -17.52 -5.03 43.28
CA VAL B 408 -16.88 -6.32 42.93
C VAL B 408 -16.11 -6.17 41.62
N LEU B 409 -16.23 -5.06 40.88
CA LEU B 409 -15.25 -4.84 39.79
C LEU B 409 -15.04 -3.38 39.53
N ASP B 410 -13.89 -3.12 38.91
CA ASP B 410 -13.55 -1.78 38.46
C ASP B 410 -13.76 -1.77 36.93
N LEU B 411 -14.80 -1.10 36.50
CA LEU B 411 -15.09 -1.01 35.04
C LEU B 411 -13.94 -0.28 34.35
N GLY B 412 -13.27 0.65 35.05
CA GLY B 412 -12.14 1.41 34.48
C GLY B 412 -10.93 0.52 34.21
N GLU B 413 -10.87 -0.69 34.74
CA GLU B 413 -9.81 -1.68 34.45
C GLU B 413 -10.38 -2.83 33.58
N THR B 414 -11.66 -2.81 33.20
CA THR B 414 -12.37 -3.91 32.55
C THR B 414 -12.30 -3.76 31.02
N ILE B 415 -12.01 -4.89 30.33
CA ILE B 415 -12.16 -4.98 28.86
C ILE B 415 -13.60 -5.38 28.58
N MET B 416 -14.35 -4.51 27.97
CA MET B 416 -15.76 -4.73 27.64
C MET B 416 -15.84 -5.12 26.17
N ILE B 417 -16.64 -6.14 25.89
CA ILE B 417 -16.87 -6.60 24.50
C ILE B 417 -18.36 -6.62 24.26
N ALA B 418 -18.80 -6.22 23.06
CA ALA B 418 -20.23 -6.25 22.71
C ALA B 418 -20.41 -6.86 21.32
N ASP B 419 -21.53 -7.53 21.14
CA ASP B 419 -21.83 -8.21 19.86
C ASP B 419 -23.34 -8.45 19.74
N GLY B 420 -23.84 -8.50 18.52
CA GLY B 420 -25.24 -8.75 18.22
C GLY B 420 -25.82 -7.59 17.43
N GLY B 421 -27.12 -7.39 17.55
CA GLY B 421 -27.89 -6.44 16.73
C GLY B 421 -28.40 -5.28 17.61
N ASP B 422 -29.62 -5.44 18.11
CA ASP B 422 -30.16 -4.52 19.14
C ASP B 422 -29.23 -4.51 20.35
N LEU B 423 -28.79 -5.66 20.83
CA LEU B 423 -27.98 -5.71 22.06
C LEU B 423 -26.76 -4.79 21.85
N LEU B 424 -26.10 -4.92 20.69
CA LEU B 424 -24.89 -4.14 20.40
C LEU B 424 -25.22 -2.65 20.42
N SER B 425 -26.38 -2.27 19.85
CA SER B 425 -26.74 -0.84 19.73
C SER B 425 -26.99 -0.32 21.14
N PHE B 426 -27.72 -1.04 21.96
CA PHE B 426 -27.89 -0.63 23.38
C PHE B 426 -26.53 -0.53 24.08
N GLY B 427 -25.63 -1.46 23.82
CA GLY B 427 -24.30 -1.49 24.46
C GLY B 427 -23.50 -0.24 24.15
N ARG B 428 -23.69 0.37 22.97
CA ARG B 428 -22.89 1.56 22.64
C ARG B 428 -23.29 2.73 23.55
N LEU B 429 -24.51 2.74 24.08
CA LEU B 429 -24.95 3.77 25.05
C LEU B 429 -24.71 3.27 26.48
N GLY B 430 -24.81 1.95 26.70
CA GLY B 430 -24.82 1.37 28.06
C GLY B 430 -23.41 1.18 28.62
N ILE B 431 -22.41 1.07 27.75
CA ILE B 431 -21.01 0.85 28.15
C ILE B 431 -20.29 2.19 28.02
N THR B 432 -19.97 2.78 29.17
CA THR B 432 -19.34 4.13 29.21
C THR B 432 -18.02 4.12 29.98
N LYS B 433 -17.74 3.18 30.87
CA LYS B 433 -16.61 3.32 31.83
C LYS B 433 -15.45 2.34 31.57
N ALA B 434 -15.44 1.58 30.51
CA ALA B 434 -14.43 0.54 30.20
C ALA B 434 -12.97 1.01 30.02
N ARG B 435 -12.02 0.19 30.43
CA ARG B 435 -10.58 0.30 30.07
C ARG B 435 -10.45 0.30 28.54
N ARG B 436 -10.95 -0.76 27.93
CA ARG B 436 -10.91 -0.99 26.48
C ARG B 436 -12.23 -1.63 26.10
N TYR B 437 -12.62 -1.40 24.86
CA TYR B 437 -13.86 -1.89 24.25
C TYR B 437 -13.53 -2.53 22.88
N LEU B 438 -14.09 -3.70 22.61
CA LEU B 438 -14.08 -4.34 21.29
C LEU B 438 -15.51 -4.70 20.91
N ASP B 439 -15.78 -4.82 19.62
CA ASP B 439 -17.12 -5.24 19.15
C ASP B 439 -17.02 -5.77 17.74
N ALA B 440 -18.19 -5.92 17.12
CA ALA B 440 -18.40 -6.56 15.82
C ALA B 440 -17.70 -5.77 14.73
N GLY B 441 -17.37 -4.50 14.98
CA GLY B 441 -16.56 -3.67 14.06
C GLY B 441 -17.35 -3.16 12.87
N ALA B 442 -16.68 -2.46 11.97
CA ALA B 442 -17.34 -1.87 10.78
C ALA B 442 -17.95 -2.98 9.93
N PHE B 443 -17.34 -4.18 9.96
CA PHE B 443 -17.79 -5.33 9.15
C PHE B 443 -19.08 -5.90 9.70
N GLY B 444 -19.51 -5.57 10.90
CA GLY B 444 -20.72 -6.18 11.49
C GLY B 444 -20.53 -7.69 11.68
N CYS B 445 -19.39 -8.08 12.23
CA CYS B 445 -18.96 -9.50 12.33
C CYS B 445 -19.51 -10.15 13.59
N LEU B 446 -20.72 -10.68 13.50
CA LEU B 446 -21.36 -11.39 14.62
C LEU B 446 -20.53 -12.62 14.96
N GLY B 447 -20.43 -12.87 16.26
CA GLY B 447 -19.77 -14.06 16.81
C GLY B 447 -18.37 -13.76 17.31
N VAL B 448 -17.92 -12.51 17.24
CA VAL B 448 -16.60 -12.14 17.79
C VAL B 448 -16.60 -12.19 19.32
N ALA B 449 -17.74 -12.11 20.03
CA ALA B 449 -17.74 -11.84 21.50
C ALA B 449 -16.83 -12.85 22.25
N THR B 450 -17.11 -14.14 22.12
CA THR B 450 -16.42 -15.18 22.96
C THR B 450 -14.94 -15.24 22.56
N PRO B 451 -14.60 -15.39 21.25
CA PRO B 451 -13.20 -15.41 20.84
C PRO B 451 -12.44 -14.15 21.30
N PHE B 452 -13.01 -12.97 21.07
CA PHE B 452 -12.37 -11.73 21.56
C PHE B 452 -12.17 -11.77 23.08
N ALA B 453 -13.17 -12.21 23.84
CA ALA B 453 -13.07 -12.30 25.31
C ALA B 453 -11.92 -13.19 25.70
N ILE B 454 -11.76 -14.33 25.02
CA ILE B 454 -10.63 -15.26 25.28
C ILE B 454 -9.30 -14.57 24.99
N GLY B 455 -9.12 -13.99 23.82
CA GLY B 455 -7.84 -13.32 23.51
C GLY B 455 -7.54 -12.24 24.54
N ALA B 456 -8.55 -11.45 24.90
CA ALA B 456 -8.40 -10.34 25.84
C ALA B 456 -7.99 -10.88 27.22
N ALA B 457 -8.70 -11.87 27.70
CA ALA B 457 -8.46 -12.49 29.02
C ALA B 457 -7.05 -13.09 29.09
N LEU B 458 -6.55 -13.72 28.01
CA LEU B 458 -5.22 -14.34 28.07
C LEU B 458 -4.16 -13.25 27.99
N ALA B 459 -4.42 -12.13 27.32
CA ALA B 459 -3.48 -10.98 27.22
C ALA B 459 -3.41 -10.29 28.58
N TYR B 460 -4.53 -10.20 29.32
CA TYR B 460 -4.70 -9.41 30.57
C TYR B 460 -5.34 -10.28 31.64
N PRO B 461 -4.56 -11.22 32.17
CA PRO B 461 -5.08 -12.24 33.10
C PRO B 461 -5.51 -11.66 34.47
N ASP B 462 -5.15 -10.45 34.79
CA ASP B 462 -5.54 -9.80 36.07
C ASP B 462 -6.65 -8.76 35.85
N ARG B 463 -7.20 -8.66 34.65
CA ARG B 463 -8.30 -7.69 34.33
C ARG B 463 -9.60 -8.48 34.20
N PRO B 464 -10.73 -7.91 34.69
CA PRO B 464 -12.05 -8.44 34.37
C PRO B 464 -12.23 -8.35 32.85
N VAL B 465 -12.78 -9.42 32.28
CA VAL B 465 -13.21 -9.38 30.84
C VAL B 465 -14.70 -9.73 30.73
N VAL B 466 -15.51 -8.78 30.28
CA VAL B 466 -16.97 -8.98 30.21
C VAL B 466 -17.42 -8.80 28.75
N ALA B 467 -18.05 -9.82 28.20
CA ALA B 467 -18.60 -9.81 26.84
C ALA B 467 -20.11 -9.84 26.95
N VAL B 468 -20.80 -8.86 26.40
CA VAL B 468 -22.26 -8.88 26.31
C VAL B 468 -22.61 -9.14 24.84
N THR B 469 -23.51 -10.09 24.60
CA THR B 469 -23.79 -10.62 23.25
C THR B 469 -25.26 -10.93 23.08
N GLY B 470 -25.75 -10.67 21.88
CA GLY B 470 -27.04 -11.21 21.42
C GLY B 470 -26.92 -12.72 21.30
N ASP B 471 -28.08 -13.39 21.37
CA ASP B 471 -28.20 -14.86 21.29
C ASP B 471 -27.91 -15.33 19.85
N GLY B 472 -28.35 -14.62 18.83
CA GLY B 472 -28.00 -14.87 17.42
C GLY B 472 -26.50 -14.93 17.24
N ALA B 473 -25.80 -13.85 17.60
CA ALA B 473 -24.34 -13.75 17.46
C ALA B 473 -23.69 -14.91 18.23
N PHE B 474 -24.13 -15.16 19.46
CA PHE B 474 -23.47 -16.12 20.38
C PHE B 474 -23.50 -17.55 19.80
N GLY B 475 -24.57 -17.93 19.11
CA GLY B 475 -24.69 -19.29 18.53
C GLY B 475 -23.59 -19.59 17.54
N ILE B 476 -23.02 -18.58 16.92
CA ILE B 476 -21.97 -18.75 15.88
C ILE B 476 -20.72 -19.33 16.55
N THR B 477 -20.34 -18.81 17.73
CA THR B 477 -19.07 -19.20 18.39
C THR B 477 -19.27 -19.72 19.82
N ALA B 478 -20.47 -20.17 20.18
CA ALA B 478 -20.76 -20.59 21.59
C ALA B 478 -19.80 -21.69 22.06
N THR B 479 -19.38 -22.59 21.16
CA THR B 479 -18.60 -23.77 21.57
C THR B 479 -17.22 -23.31 21.98
N GLU B 480 -16.81 -22.08 21.72
CA GLU B 480 -15.52 -21.56 22.25
C GLU B 480 -15.63 -21.34 23.76
N ILE B 481 -16.80 -21.47 24.39
CA ILE B 481 -16.79 -21.53 25.89
C ILE B 481 -15.90 -22.69 26.36
N ASP B 482 -15.88 -23.82 25.64
CA ASP B 482 -14.96 -24.94 25.93
C ASP B 482 -13.52 -24.45 25.95
N THR B 483 -13.13 -23.72 24.91
CA THR B 483 -11.76 -23.20 24.80
C THR B 483 -11.45 -22.37 26.07
N ALA B 484 -12.37 -21.47 26.44
CA ALA B 484 -12.18 -20.58 27.61
C ALA B 484 -11.91 -21.46 28.84
N VAL B 485 -12.69 -22.53 29.02
CA VAL B 485 -12.53 -23.42 30.21
C VAL B 485 -11.19 -24.14 30.11
N ARG B 486 -10.86 -24.73 28.97
CA ARG B 486 -9.65 -25.60 28.87
C ARG B 486 -8.38 -24.73 29.05
N HIS B 487 -8.40 -23.46 28.65
CA HIS B 487 -7.22 -22.56 28.71
C HIS B 487 -7.32 -21.62 29.91
N ASP B 488 -8.34 -21.78 30.74
CA ASP B 488 -8.61 -20.95 31.94
C ASP B 488 -8.60 -19.45 31.56
N ALA B 489 -9.28 -19.06 30.49
CA ALA B 489 -9.53 -17.64 30.18
C ALA B 489 -10.71 -17.17 31.06
N LYS B 490 -10.45 -16.25 31.97
CA LYS B 490 -11.43 -15.83 33.00
C LYS B 490 -12.36 -14.79 32.37
N ILE B 491 -13.28 -15.27 31.53
CA ILE B 491 -14.27 -14.41 30.84
C ILE B 491 -15.63 -14.53 31.53
N VAL B 492 -16.45 -13.49 31.40
CA VAL B 492 -17.87 -13.51 31.74
C VAL B 492 -18.61 -13.15 30.46
N VAL B 493 -19.49 -14.03 30.01
CA VAL B 493 -20.35 -13.84 28.82
C VAL B 493 -21.75 -13.66 29.35
N ILE B 494 -22.38 -12.55 28.94
CA ILE B 494 -23.78 -12.23 29.31
C ILE B 494 -24.56 -12.24 28.00
N VAL B 495 -25.51 -13.15 27.90
CA VAL B 495 -26.33 -13.32 26.69
C VAL B 495 -27.64 -12.53 26.89
N SER B 496 -27.96 -11.70 25.91
CA SER B 496 -29.30 -11.12 25.71
C SER B 496 -30.14 -12.11 24.90
N ASN B 497 -30.76 -13.01 25.67
CA ASN B 497 -31.53 -14.15 25.12
C ASN B 497 -32.95 -13.65 24.84
N ASN B 498 -33.18 -13.08 23.65
CA ASN B 498 -34.51 -12.58 23.24
C ASN B 498 -35.16 -13.53 22.22
N ARG B 499 -34.62 -14.73 22.03
CA ARG B 499 -35.26 -15.77 21.21
C ARG B 499 -35.41 -15.24 19.79
N ALA B 500 -34.45 -14.44 19.31
CA ALA B 500 -34.60 -13.78 17.99
C ALA B 500 -33.29 -13.15 17.54
N TRP B 501 -33.18 -13.01 16.25
CA TRP B 501 -32.32 -12.03 15.55
C TRP B 501 -33.10 -10.72 15.54
N ASN B 502 -33.17 -10.03 16.69
CA ASN B 502 -34.36 -9.14 16.90
C ASN B 502 -34.32 -7.87 16.04
N ILE B 503 -33.15 -7.30 15.77
CA ILE B 503 -33.08 -6.09 14.92
C ILE B 503 -33.61 -6.44 13.54
N GLU B 504 -33.43 -7.67 13.10
CA GLU B 504 -33.93 -8.15 11.78
C GLU B 504 -35.43 -8.35 11.82
N ARG B 505 -35.93 -8.96 12.88
CA ARG B 505 -37.39 -9.16 13.10
C ARG B 505 -38.09 -7.79 13.05
N TYR B 506 -37.47 -6.79 13.64
CA TYR B 506 -38.03 -5.42 13.67
C TYR B 506 -38.12 -4.81 12.25
N ASP B 507 -37.03 -4.84 11.47
CA ASP B 507 -37.00 -4.32 10.07
C ASP B 507 -38.01 -5.10 9.21
N GLN B 508 -38.13 -6.41 9.42
CA GLN B 508 -39.15 -7.22 8.67
C GLN B 508 -40.57 -6.64 8.94
N ALA B 509 -40.96 -6.55 10.22
CA ALA B 509 -42.28 -6.04 10.69
C ALA B 509 -42.52 -4.65 10.11
N GLU B 510 -41.55 -3.77 10.28
CA GLU B 510 -41.68 -2.34 9.91
C GLU B 510 -41.80 -2.17 8.38
N ASN B 511 -40.95 -2.83 7.60
CA ASN B 511 -40.86 -2.52 6.15
C ASN B 511 -41.55 -3.57 5.28
N TYR B 512 -41.99 -4.73 5.78
CA TYR B 512 -42.58 -5.79 4.91
C TYR B 512 -43.85 -6.37 5.55
N GLY B 513 -44.05 -6.15 6.84
CA GLY B 513 -45.25 -6.64 7.55
C GLY B 513 -45.22 -8.13 7.86
N LEU B 514 -44.16 -8.82 7.51
CA LEU B 514 -44.10 -10.29 7.61
C LEU B 514 -42.75 -10.64 8.25
N VAL B 515 -42.83 -11.20 9.44
CA VAL B 515 -41.70 -11.72 10.21
C VAL B 515 -41.55 -13.19 9.87
N VAL B 516 -40.42 -13.57 9.28
CA VAL B 516 -40.20 -14.99 8.91
C VAL B 516 -38.70 -15.29 8.92
N GLY B 517 -38.31 -16.43 9.51
CA GLY B 517 -36.92 -16.90 9.50
C GLY B 517 -36.00 -16.09 10.39
N THR B 518 -36.55 -15.27 11.32
CA THR B 518 -35.76 -14.43 12.26
C THR B 518 -36.03 -14.78 13.73
N ASP B 519 -36.89 -15.75 14.00
CA ASP B 519 -37.15 -16.28 15.36
C ASP B 519 -36.14 -17.39 15.68
N LEU B 520 -35.61 -17.34 16.89
CA LEU B 520 -34.85 -18.43 17.51
C LEU B 520 -35.73 -19.03 18.61
N ALA B 521 -35.16 -19.66 19.62
CA ALA B 521 -35.93 -20.37 20.67
C ALA B 521 -35.35 -19.96 22.02
N ASP B 522 -36.06 -20.38 23.07
CA ASP B 522 -35.69 -20.08 24.48
C ASP B 522 -34.64 -21.12 24.92
N SER B 523 -33.48 -21.10 24.28
CA SER B 523 -32.34 -22.02 24.49
C SER B 523 -31.73 -21.75 25.85
N ASP B 524 -31.23 -22.81 26.47
CA ASP B 524 -30.60 -22.74 27.82
C ASP B 524 -29.10 -22.49 27.62
N TYR B 525 -28.69 -21.25 27.35
CA TYR B 525 -27.27 -20.93 27.08
C TYR B 525 -26.46 -21.15 28.36
N ALA B 526 -27.08 -21.03 29.53
CA ALA B 526 -26.38 -21.35 30.79
C ALA B 526 -26.04 -22.84 30.78
N GLY B 527 -27.00 -23.65 30.35
CA GLY B 527 -26.79 -25.09 30.25
C GLY B 527 -25.73 -25.42 29.21
N VAL B 528 -25.66 -24.68 28.11
CA VAL B 528 -24.56 -24.92 27.14
C VAL B 528 -23.21 -24.66 27.83
N ALA B 529 -23.09 -23.57 28.56
CA ALA B 529 -21.84 -23.23 29.25
C ALA B 529 -21.48 -24.31 30.26
N ARG B 530 -22.45 -24.80 31.05
CA ARG B 530 -22.18 -25.82 32.09
C ARG B 530 -21.75 -27.10 31.38
N ALA B 531 -22.31 -27.42 30.20
CA ALA B 531 -21.93 -28.63 29.42
C ALA B 531 -20.43 -28.61 29.11
N PHE B 532 -19.88 -27.43 28.94
CA PHE B 532 -18.46 -27.22 28.56
C PHE B 532 -17.64 -26.85 29.79
N GLY B 533 -18.19 -27.08 30.99
CA GLY B 533 -17.40 -27.00 32.23
C GLY B 533 -17.34 -25.58 32.79
N ALA B 534 -18.10 -24.64 32.27
CA ALA B 534 -18.10 -23.25 32.79
C ALA B 534 -19.20 -23.11 33.84
N HIS B 535 -19.12 -22.06 34.64
CA HIS B 535 -20.20 -21.60 35.53
C HIS B 535 -21.33 -21.00 34.68
N GLY B 536 -22.56 -21.41 34.93
CA GLY B 536 -23.72 -20.90 34.19
C GLY B 536 -24.83 -20.46 35.13
N GLU B 537 -25.56 -19.41 34.78
CA GLU B 537 -26.78 -19.07 35.54
C GLU B 537 -27.76 -18.41 34.56
N ARG B 538 -29.01 -18.65 34.73
CA ARG B 538 -30.09 -18.05 33.94
C ARG B 538 -30.80 -17.00 34.78
N VAL B 539 -31.18 -15.88 34.18
CA VAL B 539 -31.88 -14.79 34.91
C VAL B 539 -33.14 -14.42 34.15
N THR B 540 -34.30 -14.44 34.84
CA THR B 540 -35.60 -13.99 34.25
C THR B 540 -36.12 -12.69 34.90
N ASP B 541 -35.71 -12.44 36.14
CA ASP B 541 -36.11 -11.31 36.99
C ASP B 541 -34.97 -10.28 37.03
N PRO B 542 -35.17 -9.03 36.58
CA PRO B 542 -34.06 -8.10 36.46
C PRO B 542 -33.40 -7.81 37.82
N ALA B 543 -34.14 -7.99 38.93
CA ALA B 543 -33.63 -7.76 40.31
C ALA B 543 -32.58 -8.81 40.67
N GLU B 544 -32.46 -9.94 39.92
CA GLU B 544 -31.44 -10.97 40.19
C GLU B 544 -30.14 -10.70 39.42
N LEU B 545 -30.10 -9.75 38.49
CA LEU B 545 -28.97 -9.56 37.57
C LEU B 545 -27.69 -9.22 38.31
N GLU B 546 -27.71 -8.31 39.26
CA GLU B 546 -26.45 -7.89 39.93
C GLU B 546 -25.85 -9.12 40.59
N GLY B 547 -26.66 -9.91 41.27
CA GLY B 547 -26.12 -11.07 42.01
C GLY B 547 -25.56 -12.12 41.03
N ALA B 548 -26.28 -12.36 39.93
CA ALA B 548 -25.86 -13.35 38.93
C ALA B 548 -24.54 -12.86 38.32
N ILE B 549 -24.40 -11.58 38.02
CA ILE B 549 -23.14 -11.13 37.38
C ILE B 549 -22.01 -11.15 38.42
N ARG B 550 -22.30 -10.80 39.67
CA ARG B 550 -21.30 -10.95 40.76
C ARG B 550 -20.80 -12.39 40.82
N ARG B 551 -21.70 -13.38 40.86
CA ARG B 551 -21.33 -14.82 40.93
C ARG B 551 -20.50 -15.21 39.70
N ALA B 552 -20.87 -14.73 38.53
CA ALA B 552 -20.16 -15.03 37.26
C ALA B 552 -18.71 -14.50 37.38
N LEU B 553 -18.53 -13.27 37.84
CA LEU B 553 -17.17 -12.65 37.95
C LEU B 553 -16.32 -13.46 38.93
N ALA B 554 -16.93 -14.01 39.97
CA ALA B 554 -16.23 -14.76 41.03
C ALA B 554 -15.89 -16.16 40.52
N ASN B 555 -16.58 -16.67 39.51
CA ASN B 555 -16.44 -18.09 39.05
C ASN B 555 -16.03 -18.13 37.57
N ALA B 556 -15.34 -17.14 37.05
CA ALA B 556 -15.06 -17.05 35.61
C ALA B 556 -14.12 -18.20 35.28
N PRO B 557 -14.19 -18.84 34.09
CA PRO B 557 -15.13 -18.54 33.03
C PRO B 557 -16.59 -18.89 33.35
N ALA B 558 -17.49 -17.95 33.03
CA ALA B 558 -18.91 -18.01 33.41
C ALA B 558 -19.79 -17.36 32.35
N LEU B 559 -21.02 -17.81 32.30
CA LEU B 559 -22.04 -17.26 31.41
C LEU B 559 -23.30 -16.98 32.23
N VAL B 560 -23.89 -15.82 31.94
CA VAL B 560 -25.20 -15.42 32.48
C VAL B 560 -26.16 -15.35 31.27
N ASP B 561 -27.20 -16.14 31.33
CA ASP B 561 -28.21 -16.23 30.26
C ASP B 561 -29.42 -15.40 30.68
N VAL B 562 -29.55 -14.21 30.08
CA VAL B 562 -30.59 -13.23 30.47
C VAL B 562 -31.75 -13.33 29.49
N VAL B 563 -32.92 -13.66 30.01
CA VAL B 563 -34.19 -13.74 29.24
C VAL B 563 -34.70 -12.32 29.01
N THR B 564 -34.48 -11.83 27.80
CA THR B 564 -34.75 -10.41 27.44
C THR B 564 -35.93 -10.32 26.48
N THR B 565 -36.42 -9.10 26.36
CA THR B 565 -37.65 -8.75 25.65
C THR B 565 -37.34 -8.66 24.16
N GLN B 566 -38.35 -8.95 23.35
CA GLN B 566 -38.36 -8.56 21.91
C GLN B 566 -38.96 -7.16 21.74
N ASP B 567 -39.54 -6.57 22.77
CA ASP B 567 -40.13 -5.20 22.70
C ASP B 567 -39.09 -4.19 23.20
N ALA B 568 -38.10 -3.85 22.39
CA ALA B 568 -37.01 -2.97 22.78
C ALA B 568 -36.35 -2.46 21.52
N ALA B 569 -36.80 -1.34 20.99
CA ALA B 569 -36.19 -0.77 19.77
C ALA B 569 -34.90 -0.08 20.18
N SER B 570 -33.81 -0.40 19.51
CA SER B 570 -32.48 0.19 19.79
C SER B 570 -32.36 1.41 18.90
N PRO B 571 -31.39 2.31 19.18
CA PRO B 571 -31.10 3.42 18.27
C PRO B 571 -30.90 2.95 16.81
N ASP B 572 -30.25 1.81 16.61
CA ASP B 572 -29.99 1.27 15.25
C ASP B 572 -31.29 0.74 14.61
N SER B 573 -32.19 0.11 15.36
CA SER B 573 -33.42 -0.43 14.76
C SER B 573 -34.30 0.74 14.28
N GLY B 574 -34.33 1.82 15.02
CA GLY B 574 -35.16 2.98 14.67
C GLY B 574 -34.63 3.78 13.50
N LYS B 575 -33.35 3.64 13.14
CA LYS B 575 -32.70 4.43 12.06
C LYS B 575 -32.53 3.61 10.77
N GLY B 576 -33.13 2.44 10.69
CA GLY B 576 -33.24 1.73 9.38
C GLY B 576 -31.98 0.93 8.97
N LEU B 577 -31.12 0.61 9.94
CA LEU B 577 -29.84 -0.11 9.63
C LEU B 577 -30.12 -1.44 8.89
N GLY B 578 -31.24 -2.08 9.18
CA GLY B 578 -31.68 -3.34 8.55
C GLY B 578 -32.21 -3.16 7.15
N PHE B 579 -32.58 -1.96 6.73
CA PHE B 579 -33.25 -1.76 5.41
C PHE B 579 -32.23 -1.53 4.26
N VAL B 580 -31.02 -1.02 4.56
CA VAL B 580 -29.98 -0.74 3.51
C VAL B 580 -30.49 0.28 2.50
N PRO B 581 -30.55 1.58 2.90
CA PRO B 581 -30.85 2.63 1.92
C PRO B 581 -29.77 2.71 0.83
N ASP B 582 -30.09 3.44 -0.23
CA ASP B 582 -29.22 3.53 -1.40
C ASP B 582 -27.88 4.20 -1.09
N TYR B 583 -27.84 5.26 -0.25
CA TYR B 583 -26.62 6.14 -0.18
C TYR B 583 -25.92 6.11 1.16
N GLN B 584 -26.64 5.83 2.22
CA GLN B 584 -26.12 5.82 3.61
C GLN B 584 -26.70 4.63 4.36
N ALA B 585 -26.04 4.22 5.44
CA ALA B 585 -26.43 3.07 6.26
C ALA B 585 -27.71 3.35 7.00
N LEU B 586 -28.00 4.63 7.29
CA LEU B 586 -29.11 5.04 8.20
C LEU B 586 -30.09 5.92 7.43
N THR B 587 -31.39 5.76 7.69
CA THR B 587 -32.46 6.48 6.97
C THR B 587 -32.29 8.00 7.08
N PRO B 588 -32.08 8.59 8.27
CA PRO B 588 -31.97 10.05 8.39
C PRO B 588 -30.82 10.63 7.55
N TRP B 589 -29.66 9.96 7.58
CA TRP B 589 -28.52 10.35 6.73
C TRP B 589 -28.90 10.18 5.27
N ASN B 590 -29.61 9.11 4.92
CA ASN B 590 -29.95 8.87 3.50
C ASN B 590 -30.88 9.98 3.01
N ASP B 591 -31.86 10.34 3.84
CA ASP B 591 -32.82 11.45 3.56
C ASP B 591 -32.05 12.72 3.22
N ALA B 592 -31.07 13.06 4.05
CA ALA B 592 -30.21 14.26 3.82
C ALA B 592 -29.46 14.10 2.54
N GLU B 593 -28.96 12.89 2.25
CA GLU B 593 -28.20 12.65 0.98
C GLU B 593 -29.12 12.85 -0.22
N VAL B 594 -30.34 12.36 -0.16
CA VAL B 594 -31.28 12.50 -1.30
C VAL B 594 -31.52 14.00 -1.55
N ALA B 595 -31.71 14.76 -0.47
CA ALA B 595 -31.92 16.23 -0.54
C ALA B 595 -30.70 16.91 -1.18
N ARG B 596 -29.51 16.51 -0.74
CA ARG B 596 -28.22 17.07 -1.26
C ARG B 596 -28.16 16.86 -2.79
N ARG B 597 -28.57 15.68 -3.28
CA ARG B 597 -28.43 15.34 -4.72
CA ARG B 597 -28.51 15.25 -4.72
C ARG B 597 -29.40 16.17 -5.58
N GLN B 598 -30.46 16.71 -5.00
CA GLN B 598 -31.42 17.56 -5.74
C GLN B 598 -30.99 19.03 -5.72
N GLU B 599 -30.05 19.45 -4.90
CA GLU B 599 -29.69 20.87 -4.81
C GLU B 599 -29.21 21.41 -6.17
N GLY B 600 -29.85 22.50 -6.64
CA GLY B 600 -29.28 23.44 -7.61
C GLY B 600 -29.16 22.87 -9.01
N ILE B 601 -29.90 21.79 -9.32
CA ILE B 601 -29.89 21.17 -10.67
C ILE B 601 -30.47 22.17 -11.68
N GLY B 602 -31.38 23.06 -11.22
CA GLY B 602 -31.93 24.17 -12.04
C GLY B 602 -32.80 23.64 -13.15
N SER B 603 -33.07 24.45 -14.17
CA SER B 603 -33.96 24.11 -15.33
C SER B 603 -33.54 22.78 -16.00
N ALA B 604 -32.27 22.36 -15.86
CA ALA B 604 -31.71 21.10 -16.40
C ALA B 604 -32.58 19.88 -15.96
N TRP B 605 -33.29 19.98 -14.84
CA TRP B 605 -34.01 18.81 -14.24
C TRP B 605 -35.19 18.41 -15.13
N SER B 606 -35.48 17.11 -15.21
CA SER B 606 -36.76 16.57 -15.74
C SER B 606 -37.16 15.28 -14.99
N HIS B 607 -38.47 15.03 -14.85
CA HIS B 607 -39.04 13.85 -14.12
C HIS B 607 -38.47 12.56 -14.73
N PRO B 608 -38.08 11.53 -13.91
CA PRO B 608 -37.64 10.24 -14.44
C PRO B 608 -38.48 9.56 -15.55
N GLN B 609 -39.81 9.78 -15.65
CA GLN B 609 -40.64 9.63 -16.88
C GLN B 609 -40.36 10.84 -17.79
N1' TPP C . 11.25 -10.18 -25.81
C2' TPP C . 10.99 -9.01 -25.18
CM2 TPP C . 9.70 -8.31 -25.45
N3' TPP C . 11.76 -8.49 -24.23
C4' TPP C . 12.91 -9.14 -23.93
N4' TPP C . 13.61 -8.61 -22.94
C5' TPP C . 13.31 -10.32 -24.59
C6' TPP C . 12.41 -10.81 -25.51
C7' TPP C . 14.64 -11.00 -24.33
N3 TPP C . 15.78 -10.24 -24.86
C2 TPP C . 16.60 -9.54 -24.06
S1 TPP C . 17.80 -8.67 -24.96
C5 TPP C . 17.23 -9.40 -26.42
C4 TPP C . 16.15 -10.18 -26.20
CM4 TPP C . 15.32 -10.85 -27.23
C6 TPP C . 17.88 -9.11 -27.76
C7 TPP C . 17.80 -7.65 -28.15
O7 TPP C . 18.19 -7.55 -29.53
PA TPP C . 18.55 -6.09 -30.07
O1A TPP C . 17.55 -5.08 -29.61
O2A TPP C . 18.78 -6.26 -31.53
O3A TPP C . 19.97 -5.82 -29.38
PB TPP C . 21.42 -6.48 -29.72
O1B TPP C . 22.36 -5.26 -29.64
O2B TPP C . 21.34 -7.12 -31.08
O3B TPP C . 21.64 -7.42 -28.58
HM21 TPP C . 9.64 -7.51 -24.89
HM22 TPP C . 8.96 -8.90 -25.24
HM23 TPP C . 9.65 -8.05 -26.38
HN41 TPP C . 14.17 -9.12 -22.47
HN42 TPP C . 13.54 -7.76 -22.75
H6' TPP C . 12.65 -11.56 -26.02
H7'1 TPP C . 14.63 -11.89 -24.74
H7'2 TPP C . 14.75 -11.12 -23.36
H2 TPP C . 16.54 -9.53 -23.14
HM41 TPP C . 15.71 -10.72 -28.11
HM42 TPP C . 14.42 -10.47 -27.24
HM43 TPP C . 15.26 -11.79 -27.04
H61 TPP C . 17.45 -9.64 -28.44
H62 TPP C . 18.82 -9.38 -27.71
H71 TPP C . 18.41 -7.13 -27.60
H72 TPP C . 16.91 -7.32 -28.03
S SO4 D . -16.91 -6.55 -11.47
O1 SO4 D . -16.62 -5.60 -12.54
O2 SO4 D . -16.68 -5.87 -10.13
O3 SO4 D . -16.02 -7.67 -11.66
O4 SO4 D . -18.27 -7.12 -11.68
S SO4 E . 26.16 18.18 -44.32
O1 SO4 E . 27.42 18.55 -44.94
O2 SO4 E . 25.43 19.41 -43.97
O3 SO4 E . 26.40 17.44 -43.10
O4 SO4 E . 25.40 17.39 -45.27
S SO4 F . 20.47 6.57 -46.98
O1 SO4 F . 19.85 7.87 -47.24
O2 SO4 F . 19.57 5.74 -46.21
O3 SO4 F . 21.73 6.75 -46.28
O4 SO4 F . 20.73 5.90 -48.23
S SO4 G . 25.12 -29.19 9.05
O1 SO4 G . 25.14 -28.45 7.79
O2 SO4 G . 25.08 -28.23 10.15
O3 SO4 G . 26.30 -30.02 9.13
O4 SO4 G . 23.96 -30.06 9.09
S SO4 H . 38.47 -3.73 -9.33
O1 SO4 H . 38.19 -2.38 -9.77
O2 SO4 H . 37.24 -4.49 -9.11
O3 SO4 H . 39.24 -4.40 -10.36
O4 SO4 H . 39.23 -3.67 -8.10
S SO4 I . 12.43 3.40 -16.20
O1 SO4 I . 13.19 4.11 -17.38
O2 SO4 I . 11.48 4.33 -15.45
O3 SO4 I . 13.40 3.06 -15.17
O4 SO4 I . 11.67 2.15 -16.59
S SO4 J . -25.57 7.41 -10.76
O1 SO4 J . -24.81 8.56 -10.25
O2 SO4 J . -26.81 7.90 -11.35
O3 SO4 J . -25.82 6.55 -9.62
O4 SO4 J . -24.83 6.63 -11.84
S SO4 K . 8.85 9.72 19.62
O1 SO4 K . 8.28 10.51 18.55
O2 SO4 K . 7.82 9.40 20.57
O3 SO4 K . 9.94 10.46 20.27
O4 SO4 K . 9.36 8.47 19.07
S SO4 L . 33.56 12.24 14.58
O1 SO4 L . 33.11 12.71 15.86
O2 SO4 L . 32.48 12.50 13.64
O3 SO4 L . 34.74 12.97 14.16
O4 SO4 L . 33.84 10.82 14.65
S SO4 M . 29.09 -8.01 7.79
O1 SO4 M . 28.94 -6.71 8.40
O2 SO4 M . 29.09 -7.88 6.34
O3 SO4 M . 27.99 -8.85 8.17
O4 SO4 M . 30.34 -8.62 8.22
S SO4 N . 31.51 15.38 -40.99
O1 SO4 N . 31.65 16.14 -42.20
O2 SO4 N . 30.56 16.04 -40.10
O3 SO4 N . 32.77 15.29 -40.29
O4 SO4 N . 31.03 14.05 -41.33
S SO4 O . 38.02 15.36 -24.93
O1 SO4 O . 37.93 16.48 -25.81
O2 SO4 O . 37.25 15.64 -23.74
O3 SO4 O . 39.41 15.16 -24.57
O4 SO4 O . 37.53 14.18 -25.59
C ACN P . 17.91 -12.69 -21.56
O ACN P . 17.07 -13.07 -22.45
C1 ACN P . 17.84 -13.24 -20.16
C2 ACN P . 19.09 -11.70 -21.88
H11 ACN P . 17.05 -13.80 -20.07
H12 ACN P . 17.78 -12.50 -19.53
H13 ACN P . 18.64 -13.76 -19.97
H21 ACN P . 19.14 -11.54 -22.82
H22 ACN P . 19.92 -12.09 -21.56
H23 ACN P . 18.94 -10.86 -21.40
C8 FYN Q . 30.81 1.41 -15.79
N9 FYN Q . 31.94 0.58 -15.86
C4 FYN Q . 32.89 1.27 -16.59
C5 FYN Q . 32.30 2.48 -16.90
N7 FYN Q . 30.99 2.55 -16.39
N3 FYN Q . 34.14 0.87 -16.92
C2 FYN Q . 34.76 1.79 -17.64
N1 FYN Q . 34.32 3.01 -18.02
C6 FYN Q . 33.06 3.39 -17.66
N6 FYN Q . 32.59 4.58 -18.06
C1' FYN Q . 32.08 -0.79 -15.32
C2' FYN Q . 31.48 -1.02 -13.93
O2' FYN Q . 32.33 -0.52 -12.91
C3' FYN Q . 31.33 -2.56 -14.01
O3' FYN Q . 32.60 -3.21 -13.94
C4' FYN Q . 30.89 -2.83 -15.45
O4' FYN Q . 31.41 -1.70 -16.19
C5' FYN Q . 29.41 -3.03 -15.70
O5' FYN Q . 28.67 -1.77 -15.55
P1 FYN Q . 27.05 -1.81 -15.44
O11 FYN Q . 26.43 -1.98 -16.80
O12 FYN Q . 26.54 -0.68 -14.60
O6 FYN Q . 27.09 -3.17 -14.54
P2 FYN Q . 26.54 -3.92 -13.22
O21 FYN Q . 25.98 -2.95 -12.24
O22 FYN Q . 27.59 -4.89 -12.79
O7 FYN Q . 25.30 -4.65 -13.97
CPB FYN Q . 24.37 -5.51 -13.27
CPA FYN Q . 22.99 -5.37 -13.92
CP7 FYN Q . 23.03 -5.25 -15.45
CP9 FYN Q . 22.18 -6.63 -13.53
CP8 FYN Q . 22.30 -4.11 -13.37
OP3 FYN Q . 23.79 -6.34 -15.92
CP6 FYN Q . 21.68 -5.25 -16.17
OP2 FYN Q . 20.78 -4.42 -15.88
NP2 FYN Q . 21.54 -6.18 -17.11
CP5 FYN Q . 20.38 -7.07 -17.18
CP4 FYN Q . 19.67 -7.01 -18.51
CP3 FYN Q . 18.63 -5.91 -18.56
OP1 FYN Q . 18.17 -5.41 -17.53
NP1 FYN Q . 18.36 -5.44 -19.78
CP2 FYN Q . 17.11 -5.62 -20.51
CP1 FYN Q . 17.36 -6.26 -21.86
S FYN Q . 18.00 -7.95 -21.67
P3 FYN Q . 33.11 -3.69 -12.49
O31 FYN Q . 34.25 -4.65 -12.84
O32 FYN Q . 33.53 -2.46 -11.66
O33 FYN Q . 31.90 -4.40 -11.90
CM1 FYN Q . 16.58 -8.76 -20.91
OM2 FYN Q . 15.84 -9.64 -21.40
H8 FYN Q . 30.00 1.18 -15.34
H1' FYN Q . 33.04 -1.02 -15.28
H2 FYN Q . 35.65 1.58 -17.91
H6N1 FYN Q . 33.08 5.09 -18.57
H6N2 FYN Q . 31.77 4.82 -17.82
H2' FYN Q . 30.58 -0.60 -13.87
HA FYN Q . 32.67 -1.19 -12.49
H3' FYN Q . 30.69 -2.92 -13.35
H4' FYN Q . 31.35 -3.64 -15.77
H5'1 FYN Q . 29.06 -3.70 -15.06
H5'2 FYN Q . 29.28 -3.39 -16.61
HPB1 FYN Q . 24.32 -5.25 -12.32
HPB2 FYN Q . 24.67 -6.44 -13.32
HP7 FYN Q . 23.51 -4.42 -15.68
HP91 FYN Q . 22.03 -7.18 -14.32
HP92 FYN Q . 21.31 -6.36 -13.17
HP93 FYN Q . 22.67 -7.14 -12.87
HP81 FYN Q . 22.27 -3.43 -14.06
HP82 FYN Q . 22.81 -3.77 -12.61
HP83 FYN Q . 21.41 -4.32 -13.07
HP3 FYN Q . 23.39 -6.78 -16.51
HP2 FYN Q . 22.16 -6.25 -17.71
HP51 FYN Q . 19.75 -6.83 -16.47
HP52 FYN Q . 20.68 -7.98 -17.03
HP41 FYN Q . 19.23 -7.86 -18.69
HP42 FYN Q . 20.32 -6.86 -19.22
HP1 FYN Q . 18.99 -4.98 -20.17
HP21 FYN Q . 16.68 -4.76 -20.64
HP22 FYN Q . 16.51 -6.20 -19.99
HP11 FYN Q . 18.01 -5.72 -22.36
HP12 FYN Q . 16.53 -6.29 -22.38
HM1 FYN Q . 16.36 -8.50 -20.03
MG MG R . 1.67 -5.16 -28.16
MG MG S . 20.34 -6.49 -32.72
O71 OXT T . -26.66 12.20 18.84
P3' OXT T . -27.82 11.29 18.55
O81 OXT T . -29.10 11.87 19.10
O91 OXT T . -27.96 10.86 17.19
O3' OXT T . -27.72 9.94 19.43
C3' OXT T . -26.60 9.03 19.37
C2' OXT T . -25.66 9.34 20.54
O2' OXT T . -25.46 10.72 20.81
C1' OXT T . -26.46 8.71 21.69
N92 OXT T . -25.69 8.38 22.88
C77 OXT T . -26.10 8.57 24.19
N32 OXT T . -27.26 9.12 24.63
C22 OXT T . -27.29 9.16 25.97
N12 OXT T . -26.39 8.68 26.84
C62 OXT T . -25.21 8.17 26.37
N62 OXT T . -24.27 7.77 27.23
C52 OXT T . -25.06 8.08 24.98
N72 OXT T . -24.03 7.57 24.20
C82 OXT T . -24.45 7.77 22.97
O4' OXT T . -27.08 7.56 21.17
C4' OXT T . -27.17 7.64 19.72
C5' OXT T . -26.51 6.45 19.06
O5' OXT T . -25.05 6.55 19.23
P13 OXT T . -24.10 5.43 18.60
O13 OXT T . -24.97 4.27 18.21
O23 OXT T . -22.93 5.22 19.52
O33 OXT T . -23.53 6.24 17.38
P23 OXT T . -24.07 6.65 15.93
O43 OXT T . -23.17 7.72 15.36
O53 OXT T . -25.53 6.88 15.96
O63 OXT T . -23.81 5.23 15.19
C32 OXT T . -24.18 5.10 13.79
C31 OXT T . -23.44 3.89 13.23
C33 OXT T . -21.95 4.01 13.57
C34 OXT T . -23.68 3.89 11.73
C30 OXT T . -24.03 2.62 13.87
O30 OXT T . -25.39 2.55 13.52
C94 OXT T . -23.35 1.30 13.49
O94 OXT T . -22.18 1.09 13.83
N84 OXT T . -24.05 0.44 12.77
C74 OXT T . -23.56 -0.92 12.55
C64 OXT T . -23.74 -1.78 13.81
C54 OXT T . -23.44 -3.25 13.51
O54 OXT T . -22.32 -3.58 13.09
N44 OXT T . -24.41 -4.11 13.80
C35 OXT T . -24.29 -5.55 13.73
C25 OXT T . -24.53 -6.03 12.31
S15 OXT T . -26.17 -5.51 11.79
C40 OXT T . -26.70 -6.87 10.70
O41 OXT T . -25.74 -7.10 9.73
C42 OXT T . -27.14 -8.02 11.53
N43 OXT T . -27.35 -9.30 11.03
C71 OXT T . -26.91 -9.77 9.70
C51 OXT T . -25.77 -10.73 9.81
C41 OXT T . -24.45 -10.37 10.25
N41 OXT T . -24.10 -9.10 10.51
N31 OXT T . -23.49 -11.30 10.41
C21 OXT T . -23.79 -12.56 10.06
CM2 OXT T . -22.74 -13.60 10.23
N11 OXT T . -24.98 -12.96 9.58
C61 OXT T . -25.95 -12.07 9.49
C47 OXT T . -28.11 -10.06 11.93
CM4 OXT T . -28.61 -11.41 11.51
S16 OXT T . -27.70 -7.83 13.16
C56 OXT T . -28.33 -9.44 13.13
C66 OXT T . -29.16 -9.92 14.29
C76 OXT T . -28.36 -10.17 15.53
O76 OXT T . -29.23 -10.88 16.45
PA OXT T . -28.74 -11.05 17.94
O1A OXT T . -29.65 -12.06 18.61
O2A OXT T . -27.24 -11.16 18.00
O3A OXT T . -29.10 -9.57 18.53
PB OXT T . -30.53 -8.88 18.88
O1B OXT T . -31.56 -10.03 19.03
O2B OXT T . -30.29 -8.17 20.23
O3B OXT T . -30.76 -7.95 17.70
H3' OXT T . -26.15 9.05 18.49
H2' OXT T . -24.79 8.88 20.42
H4' OXT T . -28.12 7.62 19.48
HA OXT T . -25.83 10.93 21.53
H1' OXT T . -27.16 9.36 21.95
H82 OXT T . -23.95 7.52 22.20
H22 OXT T . -28.08 9.51 26.34
H621 OXT T . -23.51 7.43 26.92
H622 OXT T . -24.40 7.84 28.10
H5'1 OXT T . -26.83 5.61 19.46
H5'2 OXT T . -26.73 6.44 18.09
H321 OXT T . -23.92 5.91 13.30
H322 OXT T . -25.14 4.98 13.71
H331 OXT T . -21.74 3.46 14.34
H332 OXT T . -21.74 4.95 13.76
H333 OXT T . -21.42 3.72 12.81
H341 OXT T . -24.18 3.10 11.47
H342 OXT T . -22.84 3.90 11.25
H343 OXT T . -24.20 4.68 11.48
H30 OXT T . -23.97 2.73 14.85
HB OXT T . -25.57 1.78 13.17
H84 OXT T . -24.80 0.69 12.41
H741 OXT T . -22.61 -0.90 12.31
H742 OXT T . -24.05 -1.33 11.81
H641 OXT T . -24.67 -1.70 14.12
H642 OXT T . -23.15 -1.47 14.51
H44 OXT T . -25.19 -3.77 14.03
H351 OXT T . -24.95 -5.97 14.33
H352 OXT T . -23.39 -5.81 14.02
H251 OXT T . -24.46 -7.00 12.27
H252 OXT T . -23.85 -5.64 11.71
H40 OXT T . -27.48 -6.55 10.18
H41 OXT T . -25.56 -7.92 9.78
H711 OXT T . -26.64 -9.00 9.15
H712 OXT T . -27.67 -10.20 9.25
H61 OXT T . -26.80 -12.35 9.22
H411 OXT T . -23.39 -8.93 11.00
H412 OXT T . -24.58 -8.44 10.20
HM21 OXT T . -23.12 -14.47 10.07
HM22 OXT T . -22.39 -13.55 11.13
HM23 OXT T . -22.02 -13.44 9.60
HM41 OXT T . -29.19 -11.78 12.20
HM42 OXT T . -27.85 -12.01 11.37
HM43 OXT T . -29.12 -11.33 10.69
H661 OXT T . -29.60 -10.74 14.03
H662 OXT T . -29.84 -9.26 14.48
H761 OXT T . -28.07 -9.33 15.91
H762 OXT T . -27.58 -10.71 15.32
S SO4 U . -24.10 -15.22 46.50
O1 SO4 U . -24.32 -14.26 45.46
O2 SO4 U . -25.37 -15.53 47.16
O3 SO4 U . -23.16 -14.65 47.44
O4 SO4 U . -23.53 -16.44 45.96
S SO4 V . -29.63 -21.85 36.41
O1 SO4 V . -29.82 -20.45 36.73
O2 SO4 V . -30.91 -22.51 36.22
O3 SO4 V . -28.89 -22.50 37.51
O4 SO4 V . -28.88 -21.97 35.17
S SO4 W . 24.02 -12.32 9.62
O1 SO4 W . 24.97 -11.39 10.21
O2 SO4 W . 23.25 -11.62 8.58
O3 SO4 W . 23.18 -12.83 10.69
O4 SO4 W . 24.70 -13.44 9.01
S SO4 X . 15.48 -24.23 -1.48
O1 SO4 X . 16.06 -23.43 -0.41
O2 SO4 X . 15.34 -23.36 -2.66
O3 SO4 X . 14.18 -24.82 -1.06
O4 SO4 X . 16.40 -25.31 -1.77
S SO4 Y . -5.61 33.74 18.45
O1 SO4 Y . -4.87 34.94 18.16
O2 SO4 Y . -6.30 33.91 19.73
O3 SO4 Y . -4.68 32.63 18.53
O4 SO4 Y . -6.55 33.53 17.35
S SO4 Z . -4.92 0.46 27.89
O1 SO4 Z . -5.63 1.70 28.19
O2 SO4 Z . -4.73 0.30 26.47
O3 SO4 Z . -5.68 -0.67 28.39
O4 SO4 Z . -3.63 0.48 28.54
S SO4 AA . -27.59 -9.26 45.44
O1 SO4 AA . -27.46 -9.32 46.87
O2 SO4 AA . -28.25 -8.03 45.06
O3 SO4 AA . -26.27 -9.29 44.86
O4 SO4 AA . -28.35 -10.41 44.98
MG MG BA . -31.28 -11.86 19.73
MG MG CA . -17.21 -20.63 9.99
#